data_8X7F
#
_entry.id   8X7F
#
_cell.length_a   1.00
_cell.length_b   1.00
_cell.length_c   1.00
_cell.angle_alpha   90.00
_cell.angle_beta   90.00
_cell.angle_gamma   90.00
#
_symmetry.space_group_name_H-M   'P 1'
#
loop_
_entity.id
_entity.type
_entity.pdbx_description
1 polymer 'Trifunctional NAD biosynthesis/regulator protein NadR'
2 non-polymer NICOTINAMIDE-ADENINE-DINUCLEOTIDE
3 non-polymer 'PHOSPHATE ION'
#
_entity_poly.entity_id   1
_entity_poly.type   'polypeptide(L)'
_entity_poly.pdbx_seq_one_letter_code
;KTIGVVFGKFYPLHTGHIYLIQRACSQVDELHIIMGFDDTRDRALFEDSAMSQQPTVPDRLRWLLQTFKYQKNIRIHAFN
EEGMEPYPHGWDVWSNGIKKFMAEKGIQPDLIYTSEEADAPQYMEHLGIETVLVDPKRTFMSISGAQIRENPFRYWEYIP
TEVKPFFVRTVAILGGESSGKSTLVNKLANIFNTTSAWEYGRDYVFSHLGGDEIALQYSDYDKIALGHAQYIDFAVKYAN
KVAFIDTDFVTTQAFCKKYEGREHPFVQALIDEYRFDLVILLENNTPWVADGLRSLGSSVDRKEFQNLLVEMLEENNIEF
VRVEEEDYDSRFLRCVELVREMMGEQR
;
_entity_poly.pdbx_strand_id   A,D,G,J
#
loop_
_chem_comp.id
_chem_comp.type
_chem_comp.name
_chem_comp.formula
NAD non-polymer NICOTINAMIDE-ADENINE-DINUCLEOTIDE 'C21 H27 N7 O14 P2'
PO4 non-polymer 'PHOSPHATE ION' 'O4 P -3'
#
# COMPACT_ATOMS: atom_id res chain seq x y z
N LYS A 1 8.98 -39.63 5.15
CA LYS A 1 8.94 -39.03 6.48
C LYS A 1 7.50 -38.71 6.90
N THR A 2 6.74 -39.75 7.20
CA THR A 2 5.34 -39.62 7.63
C THR A 2 4.54 -38.80 6.59
N ILE A 3 4.43 -39.40 5.42
CA ILE A 3 3.75 -38.75 4.30
C ILE A 3 2.26 -39.05 4.37
N GLY A 4 1.44 -38.02 4.19
CA GLY A 4 0.00 -38.17 4.19
C GLY A 4 -0.58 -37.72 2.85
N VAL A 5 -1.53 -38.49 2.34
CA VAL A 5 -2.12 -38.25 1.02
C VAL A 5 -3.62 -38.12 1.17
N VAL A 6 -4.18 -37.09 0.53
CA VAL A 6 -5.62 -36.86 0.49
C VAL A 6 -6.04 -36.89 -0.98
N PHE A 7 -7.07 -37.68 -1.28
CA PHE A 7 -7.66 -37.72 -2.60
C PHE A 7 -9.00 -37.00 -2.58
N GLY A 8 -9.29 -36.31 -3.69
CA GLY A 8 -10.56 -35.61 -3.75
C GLY A 8 -10.86 -34.93 -5.08
N LYS A 9 -12.13 -34.93 -5.46
CA LYS A 9 -12.56 -34.17 -6.62
C LYS A 9 -12.51 -32.67 -6.33
N PHE A 10 -12.81 -32.27 -5.10
CA PHE A 10 -12.69 -30.87 -4.65
C PHE A 10 -13.41 -29.92 -5.60
N TYR A 11 -14.61 -30.30 -6.02
CA TYR A 11 -15.29 -29.56 -7.06
C TYR A 11 -16.70 -29.20 -6.62
N PRO A 12 -16.91 -28.07 -5.91
CA PRO A 12 -15.89 -27.13 -5.43
C PRO A 12 -15.29 -27.48 -4.07
N LEU A 13 -14.19 -26.82 -3.73
CA LEU A 13 -13.59 -26.97 -2.41
C LEU A 13 -14.40 -26.19 -1.38
N HIS A 14 -14.70 -26.82 -0.25
CA HIS A 14 -15.46 -26.17 0.81
C HIS A 14 -14.76 -26.41 2.15
N THR A 15 -15.34 -25.84 3.21
CA THR A 15 -14.69 -25.83 4.52
C THR A 15 -14.61 -27.21 5.15
N GLY A 16 -15.44 -28.16 4.74
CA GLY A 16 -15.26 -29.52 5.20
C GLY A 16 -13.96 -30.13 4.71
N HIS A 17 -13.63 -29.90 3.44
CA HIS A 17 -12.34 -30.33 2.91
C HIS A 17 -11.20 -29.62 3.63
N ILE A 18 -11.36 -28.33 3.92
CA ILE A 18 -10.31 -27.58 4.63
C ILE A 18 -10.10 -28.15 6.03
N TYR A 19 -11.19 -28.44 6.73
CA TYR A 19 -11.09 -29.04 8.06
C TYR A 19 -10.41 -30.40 7.99
N LEU A 20 -10.77 -31.22 6.99
CA LEU A 20 -10.10 -32.50 6.79
C LEU A 20 -8.59 -32.31 6.59
N ILE A 21 -8.22 -31.41 5.68
CA ILE A 21 -6.82 -31.28 5.31
C ILE A 21 -6.01 -30.72 6.47
N GLN A 22 -6.57 -29.79 7.24
CA GLN A 22 -5.83 -29.23 8.37
C GLN A 22 -5.90 -30.09 9.63
N ARG A 23 -6.83 -31.04 9.70
CA ARG A 23 -6.71 -32.06 10.72
C ARG A 23 -5.68 -33.12 10.35
N ALA A 24 -5.47 -33.33 9.04
CA ALA A 24 -4.48 -34.30 8.60
C ALA A 24 -3.07 -33.74 8.60
N CYS A 25 -2.92 -32.45 8.29
CA CYS A 25 -1.58 -31.88 8.11
C CYS A 25 -0.88 -31.66 9.44
N SER A 26 -1.62 -31.43 10.51
CA SER A 26 -1.00 -31.32 11.83
C SER A 26 -0.49 -32.66 12.33
N GLN A 27 -0.89 -33.77 11.71
CA GLN A 27 -0.50 -35.10 12.13
C GLN A 27 0.62 -35.70 11.28
N VAL A 28 1.03 -35.04 10.19
CA VAL A 28 2.07 -35.55 9.32
C VAL A 28 3.06 -34.44 9.01
N ASP A 29 4.29 -34.84 8.68
CA ASP A 29 5.33 -33.87 8.33
C ASP A 29 5.16 -33.30 6.93
N GLU A 30 4.43 -33.98 6.06
CA GLU A 30 4.22 -33.52 4.69
C GLU A 30 2.92 -34.12 4.17
N LEU A 31 2.05 -33.27 3.65
CA LEU A 31 0.76 -33.70 3.11
C LEU A 31 0.71 -33.45 1.61
N HIS A 32 0.40 -34.49 0.86
CA HIS A 32 0.28 -34.40 -0.59
C HIS A 32 -1.19 -34.52 -0.97
N ILE A 33 -1.66 -33.60 -1.81
CA ILE A 33 -3.00 -33.62 -2.36
C ILE A 33 -2.89 -34.01 -3.83
N ILE A 34 -3.67 -35.01 -4.23
CA ILE A 34 -3.72 -35.44 -5.63
C ILE A 34 -5.15 -35.25 -6.09
N MET A 35 -5.33 -34.43 -7.12
CA MET A 35 -6.66 -34.07 -7.62
C MET A 35 -6.84 -34.64 -9.02
N GLY A 36 -7.74 -35.59 -9.16
CA GLY A 36 -8.02 -36.19 -10.46
C GLY A 36 -9.10 -35.43 -11.21
N PHE A 37 -8.95 -35.38 -12.54
CA PHE A 37 -9.89 -34.67 -13.38
C PHE A 37 -10.24 -35.50 -14.61
N ASP A 38 -11.45 -35.28 -15.12
CA ASP A 38 -11.91 -35.85 -16.38
C ASP A 38 -12.70 -34.77 -17.11
N ASP A 39 -12.33 -34.50 -18.36
CA ASP A 39 -12.85 -33.33 -19.05
C ASP A 39 -14.37 -33.41 -19.25
N THR A 40 -14.86 -34.54 -19.74
CA THR A 40 -16.29 -34.66 -20.03
C THR A 40 -17.13 -34.70 -18.76
N ARG A 41 -16.69 -35.47 -17.76
CA ARG A 41 -17.42 -35.55 -16.50
C ARG A 41 -17.47 -34.20 -15.81
N ASP A 42 -16.34 -33.49 -15.77
CA ASP A 42 -16.31 -32.17 -15.15
C ASP A 42 -17.15 -31.18 -15.94
N ARG A 43 -17.15 -31.29 -17.28
CA ARG A 43 -17.99 -30.42 -18.09
C ARG A 43 -19.46 -30.63 -17.79
N ALA A 44 -19.88 -31.90 -17.66
CA ALA A 44 -21.26 -32.19 -17.31
C ALA A 44 -21.60 -31.68 -15.91
N LEU A 45 -20.67 -31.85 -14.97
CA LEU A 45 -20.89 -31.34 -13.61
C LEU A 45 -21.06 -29.83 -13.61
N PHE A 46 -20.23 -29.11 -14.37
CA PHE A 46 -20.40 -27.68 -14.49
C PHE A 46 -21.74 -27.32 -15.12
N GLU A 47 -22.15 -28.09 -16.13
CA GLU A 47 -23.43 -27.81 -16.79
C GLU A 47 -24.60 -27.97 -15.83
N ASP A 48 -24.57 -29.01 -15.00
CA ASP A 48 -25.68 -29.25 -14.08
C ASP A 48 -25.62 -28.38 -12.82
N SER A 49 -24.53 -27.66 -12.59
CA SER A 49 -24.37 -26.86 -11.38
C SER A 49 -24.86 -25.43 -11.63
N ALA A 50 -24.58 -24.53 -10.69
CA ALA A 50 -24.97 -23.13 -10.78
C ALA A 50 -23.77 -22.19 -10.74
N MET A 51 -22.59 -22.68 -11.10
CA MET A 51 -21.39 -21.85 -11.10
C MET A 51 -21.46 -20.82 -12.23
N SER A 52 -20.87 -19.65 -11.97
CA SER A 52 -20.87 -18.58 -12.98
C SER A 52 -19.90 -18.90 -14.12
N GLN A 53 -18.70 -19.37 -13.79
CA GLN A 53 -17.70 -19.69 -14.80
C GLN A 53 -17.23 -21.13 -14.60
N GLN A 54 -16.76 -21.74 -15.70
CA GLN A 54 -16.26 -23.10 -15.65
C GLN A 54 -14.80 -23.10 -15.22
N PRO A 55 -14.44 -23.77 -14.12
CA PRO A 55 -13.03 -23.84 -13.75
C PRO A 55 -12.24 -24.74 -14.68
N THR A 56 -10.95 -24.43 -14.81
CA THR A 56 -10.00 -25.29 -15.50
C THR A 56 -9.11 -25.97 -14.46
N VAL A 57 -8.32 -26.94 -14.94
CA VAL A 57 -7.38 -27.61 -14.05
C VAL A 57 -6.43 -26.62 -13.38
N PRO A 58 -5.81 -25.66 -14.09
CA PRO A 58 -5.02 -24.65 -13.38
C PRO A 58 -5.82 -23.81 -12.40
N ASP A 59 -7.09 -23.54 -12.67
CA ASP A 59 -7.89 -22.72 -11.76
C ASP A 59 -8.13 -23.43 -10.43
N ARG A 60 -8.46 -24.71 -10.47
CA ARG A 60 -8.68 -25.45 -9.24
C ARG A 60 -7.35 -25.73 -8.53
N LEU A 61 -6.28 -25.93 -9.29
CA LEU A 61 -4.94 -25.93 -8.70
C LEU A 61 -4.68 -24.63 -7.95
N ARG A 62 -5.12 -23.51 -8.52
CA ARG A 62 -4.95 -22.21 -7.86
C ARG A 62 -5.78 -22.13 -6.59
N TRP A 63 -7.00 -22.65 -6.62
CA TRP A 63 -7.80 -22.76 -5.40
C TRP A 63 -6.98 -23.42 -4.28
N LEU A 64 -6.55 -24.64 -4.54
CA LEU A 64 -5.85 -25.42 -3.51
C LEU A 64 -4.53 -24.78 -3.12
N LEU A 65 -3.86 -24.07 -4.05
CA LEU A 65 -2.58 -23.46 -3.74
C LEU A 65 -2.75 -22.21 -2.90
N GLN A 66 -3.78 -21.42 -3.17
CA GLN A 66 -4.01 -20.21 -2.40
C GLN A 66 -4.59 -20.50 -1.03
N THR A 67 -5.31 -21.62 -0.89
CA THR A 67 -5.86 -21.96 0.42
C THR A 67 -4.76 -22.20 1.45
N PHE A 68 -3.76 -23.02 1.11
CA PHE A 68 -2.72 -23.43 2.04
C PHE A 68 -1.42 -22.67 1.84
N LYS A 69 -1.50 -21.37 1.53
CA LYS A 69 -0.32 -20.58 1.25
C LYS A 69 0.63 -20.53 2.44
N TYR A 70 0.09 -20.37 3.64
CA TYR A 70 0.90 -20.21 4.84
C TYR A 70 1.12 -21.52 5.59
N GLN A 71 0.72 -22.65 5.01
CA GLN A 71 1.04 -23.97 5.51
C GLN A 71 2.09 -24.56 4.58
N LYS A 72 3.32 -24.73 5.09
CA LYS A 72 4.47 -25.01 4.25
C LYS A 72 4.71 -26.48 4.00
N ASN A 73 3.87 -27.38 4.52
CA ASN A 73 4.06 -28.81 4.36
C ASN A 73 2.94 -29.44 3.53
N ILE A 74 2.42 -28.72 2.55
CA ILE A 74 1.34 -29.20 1.69
C ILE A 74 1.75 -29.02 0.24
N ARG A 75 1.73 -30.11 -0.52
CA ARG A 75 2.01 -30.11 -1.95
C ARG A 75 0.76 -30.52 -2.71
N ILE A 76 0.67 -30.09 -3.98
CA ILE A 76 -0.53 -30.27 -4.78
C ILE A 76 -0.15 -30.80 -6.16
N HIS A 77 -0.88 -31.83 -6.62
CA HIS A 77 -0.66 -32.44 -7.93
C HIS A 77 -2.00 -32.67 -8.62
N ALA A 78 -1.96 -32.72 -9.95
CA ALA A 78 -3.14 -32.95 -10.77
C ALA A 78 -2.94 -34.21 -11.61
N PHE A 79 -4.00 -35.01 -11.72
CA PHE A 79 -3.93 -36.33 -12.33
C PHE A 79 -5.06 -36.50 -13.32
N ASN A 80 -4.78 -37.23 -14.41
CA ASN A 80 -5.74 -37.44 -15.49
C ASN A 80 -6.25 -38.87 -15.46
N GLU A 81 -7.57 -39.03 -15.52
CA GLU A 81 -8.22 -40.33 -15.42
C GLU A 81 -9.14 -40.57 -16.61
N GLU A 82 -8.70 -40.17 -17.81
CA GLU A 82 -9.50 -40.38 -18.99
C GLU A 82 -9.59 -41.86 -19.34
N GLY A 83 -10.72 -42.24 -19.93
CA GLY A 83 -10.93 -43.63 -20.34
C GLY A 83 -10.99 -44.61 -19.19
N MET A 84 -11.63 -44.25 -18.09
CA MET A 84 -11.78 -45.12 -16.94
C MET A 84 -13.25 -45.25 -16.57
N GLU A 85 -13.64 -46.45 -16.14
CA GLU A 85 -15.02 -46.67 -15.73
C GLU A 85 -15.35 -45.82 -14.51
N PRO A 86 -16.54 -45.22 -14.47
CA PRO A 86 -16.92 -44.40 -13.32
C PRO A 86 -16.83 -45.14 -12.00
N TYR A 87 -16.79 -44.36 -10.92
CA TYR A 87 -16.88 -44.88 -9.58
C TYR A 87 -18.26 -45.52 -9.38
N PRO A 88 -18.35 -46.66 -8.66
CA PRO A 88 -17.25 -47.43 -8.09
C PRO A 88 -16.83 -48.64 -8.92
N HIS A 89 -17.20 -48.66 -10.20
CA HIS A 89 -16.80 -49.78 -11.05
C HIS A 89 -15.33 -49.65 -11.47
N GLY A 90 -14.84 -48.43 -11.61
CA GLY A 90 -13.46 -48.21 -11.99
C GLY A 90 -12.50 -48.15 -10.83
N TRP A 91 -12.57 -49.13 -9.93
CA TRP A 91 -11.66 -49.22 -8.79
C TRP A 91 -10.34 -49.93 -9.11
N ASP A 92 -10.15 -50.39 -10.34
CA ASP A 92 -8.94 -51.13 -10.70
C ASP A 92 -8.03 -50.34 -11.64
N VAL A 93 -8.59 -49.75 -12.70
CA VAL A 93 -7.77 -48.95 -13.61
C VAL A 93 -7.33 -47.65 -12.94
N TRP A 94 -8.23 -47.04 -12.16
CA TRP A 94 -7.89 -45.82 -11.44
C TRP A 94 -6.74 -46.05 -10.47
N SER A 95 -6.78 -47.18 -9.75
CA SER A 95 -5.70 -47.48 -8.81
C SER A 95 -4.36 -47.61 -9.52
N ASN A 96 -4.34 -48.30 -10.66
CA ASN A 96 -3.10 -48.43 -11.42
C ASN A 96 -2.60 -47.08 -11.92
N GLY A 97 -3.51 -46.26 -12.44
CA GLY A 97 -3.12 -44.94 -12.91
C GLY A 97 -2.56 -44.07 -11.80
N ILE A 98 -3.20 -44.10 -10.63
CA ILE A 98 -2.74 -43.28 -9.51
C ILE A 98 -1.40 -43.80 -8.98
N LYS A 99 -1.22 -45.13 -8.94
CA LYS A 99 0.07 -45.68 -8.52
C LYS A 99 1.17 -45.26 -9.48
N LYS A 100 0.90 -45.31 -10.78
CA LYS A 100 1.87 -44.81 -11.76
C LYS A 100 2.11 -43.31 -11.57
N PHE A 101 1.09 -42.57 -11.16
CA PHE A 101 1.25 -41.14 -10.92
C PHE A 101 2.20 -40.87 -9.76
N MET A 102 2.05 -41.60 -8.65
CA MET A 102 3.04 -41.46 -7.58
C MET A 102 4.42 -41.89 -8.03
N ALA A 103 4.50 -42.96 -8.83
CA ALA A 103 5.80 -43.40 -9.31
C ALA A 103 6.49 -42.32 -10.13
N GLU A 104 5.75 -41.65 -11.01
CA GLU A 104 6.31 -40.58 -11.82
C GLU A 104 6.61 -39.33 -11.01
N LYS A 105 5.82 -39.05 -9.97
CA LYS A 105 6.02 -37.87 -9.14
C LYS A 105 6.91 -38.12 -7.93
N GLY A 106 7.37 -39.36 -7.73
CA GLY A 106 8.32 -39.66 -6.68
C GLY A 106 7.74 -39.72 -5.28
N ILE A 107 6.43 -39.77 -5.13
CA ILE A 107 5.80 -39.83 -3.81
C ILE A 107 5.84 -41.28 -3.31
N GLN A 108 6.13 -41.44 -2.02
CA GLN A 108 6.09 -42.73 -1.34
C GLN A 108 5.19 -42.56 -0.13
N PRO A 109 3.87 -42.59 -0.32
CA PRO A 109 2.95 -42.27 0.79
C PRO A 109 2.98 -43.33 1.88
N ASP A 110 2.70 -42.88 3.10
CA ASP A 110 2.60 -43.76 4.27
C ASP A 110 1.20 -43.82 4.85
N LEU A 111 0.44 -42.74 4.79
CA LEU A 111 -0.93 -42.72 5.29
C LEU A 111 -1.84 -42.03 4.29
N ILE A 112 -3.07 -42.52 4.21
CA ILE A 112 -4.12 -41.91 3.39
C ILE A 112 -5.20 -41.40 4.32
N TYR A 113 -5.56 -40.13 4.17
CA TYR A 113 -6.55 -39.50 5.03
C TYR A 113 -7.84 -39.30 4.26
N THR A 114 -8.95 -39.76 4.84
CA THR A 114 -10.24 -39.75 4.17
C THR A 114 -11.33 -39.61 5.22
N SER A 115 -12.54 -39.25 4.75
CA SER A 115 -13.70 -39.12 5.62
C SER A 115 -14.87 -39.95 5.11
N GLU A 116 -14.58 -41.08 4.46
CA GLU A 116 -15.61 -42.03 4.04
C GLU A 116 -15.33 -43.37 4.70
N GLU A 117 -16.31 -43.88 5.45
CA GLU A 117 -16.13 -45.15 6.14
C GLU A 117 -16.19 -46.32 5.17
N ALA A 118 -17.06 -46.23 4.17
CA ALA A 118 -17.18 -47.31 3.20
C ALA A 118 -15.99 -47.39 2.25
N ASP A 119 -15.36 -46.25 1.96
CA ASP A 119 -14.28 -46.22 0.98
C ASP A 119 -12.96 -46.76 1.55
N ALA A 120 -12.83 -46.84 2.87
CA ALA A 120 -11.56 -47.26 3.45
C ALA A 120 -11.13 -48.66 3.05
N PRO A 121 -11.98 -49.69 3.08
CA PRO A 121 -11.50 -51.03 2.67
C PRO A 121 -10.99 -51.08 1.23
N GLN A 122 -11.63 -50.37 0.29
CA GLN A 122 -11.13 -50.37 -1.07
C GLN A 122 -9.77 -49.70 -1.16
N TYR A 123 -9.59 -48.59 -0.44
CA TYR A 123 -8.27 -47.95 -0.40
C TYR A 123 -7.22 -48.91 0.12
N MET A 124 -7.53 -49.60 1.23
CA MET A 124 -6.57 -50.50 1.85
C MET A 124 -6.22 -51.64 0.89
N GLU A 125 -7.24 -52.24 0.26
CA GLU A 125 -7.02 -53.45 -0.52
C GLU A 125 -6.47 -53.13 -1.91
N HIS A 126 -6.59 -51.89 -2.38
CA HIS A 126 -6.10 -51.53 -3.70
C HIS A 126 -4.76 -50.82 -3.64
N LEU A 127 -4.67 -49.72 -2.91
CA LEU A 127 -3.42 -48.96 -2.82
C LEU A 127 -2.47 -49.53 -1.79
N GLY A 128 -2.92 -50.45 -0.94
CA GLY A 128 -2.05 -51.04 0.07
C GLY A 128 -1.55 -50.07 1.11
N ILE A 129 -2.33 -49.03 1.41
CA ILE A 129 -1.94 -48.00 2.36
C ILE A 129 -3.03 -47.87 3.41
N GLU A 130 -2.63 -47.86 4.68
CA GLU A 130 -3.58 -47.71 5.77
C GLU A 130 -4.28 -46.36 5.70
N THR A 131 -5.58 -46.36 6.01
CA THR A 131 -6.39 -45.16 5.95
C THR A 131 -6.79 -44.71 7.35
N VAL A 132 -6.90 -43.40 7.53
CA VAL A 132 -7.29 -42.79 8.78
C VAL A 132 -8.57 -42.00 8.56
N LEU A 133 -9.62 -42.35 9.32
CA LEU A 133 -10.90 -41.66 9.22
C LEU A 133 -10.90 -40.43 10.10
N VAL A 134 -11.27 -39.29 9.50
CA VAL A 134 -11.33 -38.02 10.21
C VAL A 134 -12.77 -37.51 10.15
N ASP A 135 -13.35 -37.24 11.32
CA ASP A 135 -14.72 -36.76 11.43
C ASP A 135 -15.70 -37.64 10.64
N PRO A 136 -15.78 -38.93 10.95
CA PRO A 136 -16.64 -39.82 10.15
C PRO A 136 -18.12 -39.51 10.26
N LYS A 137 -18.55 -38.84 11.33
CA LYS A 137 -19.94 -38.44 11.48
C LYS A 137 -20.23 -37.05 10.96
N ARG A 138 -19.22 -36.36 10.40
CA ARG A 138 -19.38 -35.02 9.84
C ARG A 138 -19.97 -34.06 10.87
N THR A 139 -19.36 -34.05 12.06
CA THR A 139 -19.85 -33.18 13.14
C THR A 139 -19.54 -31.72 12.86
N PHE A 140 -18.34 -31.42 12.37
CA PHE A 140 -17.97 -30.03 12.13
C PHE A 140 -18.76 -29.42 10.99
N MET A 141 -18.87 -30.14 9.87
CA MET A 141 -19.63 -29.69 8.71
C MET A 141 -20.45 -30.85 8.17
N SER A 142 -21.72 -30.60 7.87
CA SER A 142 -22.61 -31.61 7.35
C SER A 142 -23.05 -31.36 5.91
N ILE A 143 -22.78 -30.18 5.37
CA ILE A 143 -23.20 -29.85 4.01
C ILE A 143 -22.32 -30.58 3.00
N SER A 144 -22.94 -31.06 1.93
CA SER A 144 -22.25 -31.80 0.88
C SER A 144 -21.96 -30.91 -0.30
N GLY A 145 -21.09 -31.39 -1.19
CA GLY A 145 -20.72 -30.62 -2.36
C GLY A 145 -21.88 -30.39 -3.32
N ALA A 146 -22.77 -31.37 -3.45
CA ALA A 146 -23.91 -31.23 -4.34
C ALA A 146 -24.84 -30.12 -3.88
N GLN A 147 -25.10 -30.04 -2.58
CA GLN A 147 -25.96 -28.97 -2.06
C GLN A 147 -25.33 -27.60 -2.31
N ILE A 148 -24.00 -27.52 -2.23
CA ILE A 148 -23.32 -26.26 -2.51
C ILE A 148 -23.43 -25.91 -3.99
N ARG A 149 -23.26 -26.91 -4.87
CA ARG A 149 -23.34 -26.65 -6.30
C ARG A 149 -24.74 -26.21 -6.72
N GLU A 150 -25.77 -26.86 -6.17
CA GLU A 150 -27.13 -26.50 -6.54
C GLU A 150 -27.54 -25.16 -5.95
N ASN A 151 -27.28 -24.94 -4.66
CA ASN A 151 -27.65 -23.71 -3.97
C ASN A 151 -26.43 -23.18 -3.22
N PRO A 152 -25.58 -22.40 -3.89
CA PRO A 152 -24.40 -21.86 -3.21
C PRO A 152 -24.69 -20.65 -2.32
N PHE A 153 -25.78 -19.93 -2.57
CA PHE A 153 -26.04 -18.70 -1.81
C PHE A 153 -26.67 -18.96 -0.45
N ARG A 154 -27.05 -20.20 -0.15
CA ARG A 154 -27.54 -20.54 1.18
C ARG A 154 -26.45 -21.14 2.06
N TYR A 155 -25.38 -21.65 1.47
CA TYR A 155 -24.22 -22.14 2.19
C TYR A 155 -23.00 -21.27 1.90
N TRP A 156 -23.21 -19.95 1.84
CA TRP A 156 -22.16 -19.03 1.43
C TRP A 156 -21.01 -18.98 2.43
N GLU A 157 -21.27 -19.29 3.69
CA GLU A 157 -20.24 -19.22 4.72
C GLU A 157 -19.29 -20.41 4.67
N TYR A 158 -19.55 -21.39 3.80
CA TYR A 158 -18.70 -22.57 3.68
C TYR A 158 -17.81 -22.54 2.44
N ILE A 159 -17.89 -21.50 1.63
CA ILE A 159 -17.14 -21.39 0.39
C ILE A 159 -15.93 -20.49 0.64
N PRO A 160 -14.71 -20.97 0.44
CA PRO A 160 -13.54 -20.13 0.67
C PRO A 160 -13.47 -18.97 -0.31
N THR A 161 -12.62 -18.00 0.03
CA THR A 161 -12.50 -16.80 -0.80
C THR A 161 -11.76 -17.06 -2.11
N GLU A 162 -10.95 -18.12 -2.18
CA GLU A 162 -10.32 -18.51 -3.43
C GLU A 162 -11.30 -19.20 -4.37
N VAL A 163 -12.25 -19.96 -3.84
CA VAL A 163 -13.26 -20.62 -4.67
C VAL A 163 -14.42 -19.68 -4.99
N LYS A 164 -14.56 -18.58 -4.25
CA LYS A 164 -15.67 -17.66 -4.46
C LYS A 164 -15.77 -17.08 -5.87
N PRO A 165 -14.68 -16.73 -6.57
CA PRO A 165 -14.85 -16.09 -7.88
C PRO A 165 -15.67 -16.88 -8.89
N PHE A 166 -15.71 -18.21 -8.77
CA PHE A 166 -16.49 -19.03 -9.69
C PHE A 166 -17.94 -19.19 -9.25
N PHE A 167 -18.34 -18.55 -8.15
CA PHE A 167 -19.72 -18.53 -7.71
C PHE A 167 -20.33 -17.13 -7.66
N VAL A 168 -19.51 -16.09 -7.64
CA VAL A 168 -20.02 -14.72 -7.52
C VAL A 168 -20.64 -14.29 -8.84
N ARG A 169 -21.85 -13.74 -8.77
CA ARG A 169 -22.52 -13.19 -9.94
C ARG A 169 -22.07 -11.74 -10.11
N THR A 170 -21.17 -11.50 -11.05
CA THR A 170 -20.62 -10.17 -11.25
C THR A 170 -21.53 -9.35 -12.14
N VAL A 171 -21.81 -8.12 -11.70
CA VAL A 171 -22.64 -7.18 -12.44
C VAL A 171 -21.74 -6.04 -12.93
N ALA A 172 -21.78 -5.78 -14.23
CA ALA A 172 -21.03 -4.70 -14.84
C ALA A 172 -21.99 -3.61 -15.29
N ILE A 173 -21.77 -2.39 -14.83
CA ILE A 173 -22.60 -1.24 -15.19
C ILE A 173 -21.82 -0.39 -16.18
N LEU A 174 -22.46 -0.04 -17.29
CA LEU A 174 -21.85 0.77 -18.33
C LEU A 174 -22.66 2.03 -18.53
N GLY A 175 -21.97 3.12 -18.82
CA GLY A 175 -22.65 4.39 -19.05
C GLY A 175 -21.64 5.47 -19.37
N GLY A 176 -22.18 6.60 -19.82
CA GLY A 176 -21.34 7.74 -20.14
C GLY A 176 -20.78 8.41 -18.90
N GLU A 177 -19.76 9.22 -19.12
CA GLU A 177 -19.16 9.97 -18.02
C GLU A 177 -20.16 10.98 -17.48
N SER A 178 -20.13 11.17 -16.16
CA SER A 178 -21.04 12.07 -15.45
C SER A 178 -22.49 11.66 -15.66
N SER A 179 -22.75 10.35 -15.69
CA SER A 179 -24.11 9.82 -15.75
C SER A 179 -24.55 9.20 -14.43
N GLY A 180 -23.67 9.12 -13.44
CA GLY A 180 -24.03 8.58 -12.15
C GLY A 180 -23.69 7.12 -11.95
N LYS A 181 -22.72 6.58 -12.68
CA LYS A 181 -22.35 5.18 -12.54
C LYS A 181 -21.80 4.89 -11.14
N SER A 182 -20.92 5.76 -10.63
CA SER A 182 -20.21 5.48 -9.40
C SER A 182 -21.15 5.47 -8.20
N THR A 183 -22.04 6.46 -8.12
CA THR A 183 -22.99 6.51 -7.02
C THR A 183 -23.95 5.33 -7.05
N LEU A 184 -24.39 4.93 -8.25
CA LEU A 184 -25.27 3.76 -8.37
C LEU A 184 -24.57 2.49 -7.93
N VAL A 185 -23.32 2.30 -8.36
CA VAL A 185 -22.55 1.14 -7.94
C VAL A 185 -22.37 1.13 -6.42
N ASN A 186 -22.09 2.29 -5.85
CA ASN A 186 -21.92 2.38 -4.40
C ASN A 186 -23.20 2.04 -3.66
N LYS A 187 -24.34 2.56 -4.13
CA LYS A 187 -25.61 2.26 -3.47
C LYS A 187 -25.94 0.77 -3.57
N LEU A 188 -25.70 0.17 -4.73
CA LEU A 188 -25.97 -1.25 -4.89
C LEU A 188 -25.06 -2.09 -3.99
N ALA A 189 -23.80 -1.70 -3.86
CA ALA A 189 -22.91 -2.41 -2.94
C ALA A 189 -23.30 -2.19 -1.49
N ASN A 190 -23.93 -1.04 -1.19
CA ASN A 190 -24.35 -0.76 0.19
C ASN A 190 -25.55 -1.60 0.59
N ILE A 191 -26.63 -1.53 -0.21
CA ILE A 191 -27.85 -2.25 0.18
C ILE A 191 -27.64 -3.76 0.14
N PHE A 192 -26.73 -4.24 -0.69
CA PHE A 192 -26.45 -5.66 -0.78
C PHE A 192 -25.31 -6.11 0.13
N ASN A 193 -24.69 -5.17 0.85
CA ASN A 193 -23.67 -5.48 1.85
C ASN A 193 -22.49 -6.24 1.23
N THR A 194 -22.01 -5.75 0.09
CA THR A 194 -20.98 -6.44 -0.68
C THR A 194 -19.94 -5.43 -1.15
N THR A 195 -19.04 -5.89 -2.01
CA THR A 195 -17.92 -5.09 -2.51
C THR A 195 -18.23 -4.51 -3.88
N SER A 196 -17.31 -3.68 -4.37
CA SER A 196 -17.44 -3.05 -5.67
C SER A 196 -16.04 -2.75 -6.19
N ALA A 197 -15.97 -2.44 -7.48
CA ALA A 197 -14.71 -2.10 -8.15
C ALA A 197 -14.88 -0.78 -8.89
N TRP A 198 -13.97 0.15 -8.63
CA TRP A 198 -14.01 1.46 -9.27
C TRP A 198 -13.31 1.42 -10.63
N GLU A 199 -13.53 2.47 -11.42
CA GLU A 199 -12.90 2.60 -12.71
C GLU A 199 -11.44 3.00 -12.52
N TYR A 200 -10.53 2.09 -12.87
CA TYR A 200 -9.10 2.34 -12.68
C TYR A 200 -8.57 3.41 -13.64
N GLY A 201 -9.32 3.76 -14.68
CA GLY A 201 -8.84 4.75 -15.63
C GLY A 201 -8.63 6.12 -15.02
N ARG A 202 -9.57 6.58 -14.20
CA ARG A 202 -9.43 7.86 -13.53
C ARG A 202 -8.24 7.87 -12.59
N ASP A 203 -8.06 6.78 -11.83
CA ASP A 203 -6.92 6.67 -10.93
C ASP A 203 -5.61 6.74 -11.69
N TYR A 204 -5.51 5.99 -12.80
CA TYR A 204 -4.29 6.00 -13.60
C TYR A 204 -4.03 7.39 -14.18
N VAL A 205 -5.08 8.04 -14.67
CA VAL A 205 -4.90 9.37 -15.26
C VAL A 205 -4.35 10.34 -14.23
N PHE A 206 -4.93 10.35 -13.02
CA PHE A 206 -4.44 11.28 -12.02
C PHE A 206 -3.04 10.92 -11.53
N SER A 207 -2.75 9.64 -11.36
CA SER A 207 -1.50 9.22 -10.74
C SER A 207 -0.36 9.08 -11.75
N HIS A 208 -0.61 9.26 -13.04
CA HIS A 208 0.46 9.18 -14.02
C HIS A 208 0.50 10.33 -15.02
N LEU A 209 -0.58 11.09 -15.20
CA LEU A 209 -0.61 12.18 -16.17
C LEU A 209 -0.99 13.50 -15.53
N GLY A 210 -0.87 13.63 -14.21
CA GLY A 210 -1.22 14.87 -13.54
C GLY A 210 -2.68 15.21 -13.56
N GLY A 211 -3.55 14.28 -13.96
CA GLY A 211 -4.97 14.51 -13.98
C GLY A 211 -5.54 14.97 -15.30
N ASP A 212 -4.74 15.00 -16.37
CA ASP A 212 -5.21 15.41 -17.69
C ASP A 212 -4.94 14.30 -18.68
N GLU A 213 -5.86 14.11 -19.63
CA GLU A 213 -5.79 13.03 -20.60
C GLU A 213 -5.10 13.43 -21.90
N ILE A 214 -4.56 14.65 -21.99
CA ILE A 214 -3.86 15.06 -23.20
C ILE A 214 -2.62 14.19 -23.42
N ALA A 215 -1.95 13.81 -22.34
CA ALA A 215 -0.73 13.01 -22.42
C ALA A 215 -1.00 11.51 -22.52
N LEU A 216 -2.20 11.11 -22.90
CA LEU A 216 -2.53 9.70 -23.06
C LEU A 216 -2.13 9.24 -24.46
N GLN A 217 -1.49 8.08 -24.53
CA GLN A 217 -0.99 7.54 -25.78
C GLN A 217 -1.42 6.08 -25.90
N TYR A 218 -1.15 5.50 -27.07
CA TYR A 218 -1.55 4.12 -27.35
C TYR A 218 -0.99 3.15 -26.31
N SER A 219 0.32 3.21 -26.08
CA SER A 219 0.96 2.24 -25.18
C SER A 219 0.42 2.33 -23.76
N ASP A 220 -0.15 3.47 -23.37
CA ASP A 220 -0.76 3.58 -22.05
C ASP A 220 -2.03 2.76 -21.94
N TYR A 221 -2.79 2.63 -23.03
CA TYR A 221 -4.12 2.04 -22.98
C TYR A 221 -4.12 0.58 -22.58
N ASP A 222 -2.97 -0.09 -22.61
CA ASP A 222 -2.89 -1.48 -22.16
C ASP A 222 -2.57 -1.61 -20.69
N LYS A 223 -2.04 -0.56 -20.06
CA LYS A 223 -1.87 -0.58 -18.61
C LYS A 223 -3.22 -0.46 -17.92
N ILE A 224 -3.97 0.58 -18.27
CA ILE A 224 -5.27 0.87 -17.64
C ILE A 224 -6.12 -0.38 -17.58
N ALA A 225 -6.37 -1.00 -18.74
CA ALA A 225 -7.21 -2.18 -18.80
C ALA A 225 -6.71 -3.25 -17.83
N LEU A 226 -5.41 -3.56 -17.88
CA LEU A 226 -4.89 -4.57 -16.98
C LEU A 226 -5.07 -4.13 -15.54
N GLY A 227 -4.79 -2.86 -15.24
CA GLY A 227 -5.02 -2.36 -13.90
C GLY A 227 -6.48 -2.51 -13.49
N HIS A 228 -7.39 -2.25 -14.43
CA HIS A 228 -8.81 -2.44 -14.14
C HIS A 228 -9.09 -3.85 -13.67
N ALA A 229 -8.44 -4.84 -14.30
CA ALA A 229 -8.64 -6.22 -13.90
C ALA A 229 -8.24 -6.44 -12.45
N GLN A 230 -7.16 -5.79 -12.01
CA GLN A 230 -6.72 -5.97 -10.63
C GLN A 230 -7.77 -5.47 -9.64
N TYR A 231 -8.63 -4.54 -10.05
CA TYR A 231 -9.74 -4.15 -9.18
C TYR A 231 -10.81 -5.23 -9.18
N ILE A 232 -11.13 -5.77 -10.36
CA ILE A 232 -12.19 -6.77 -10.45
C ILE A 232 -11.84 -7.99 -9.61
N ASP A 233 -10.60 -8.47 -9.73
CA ASP A 233 -10.14 -9.60 -8.94
C ASP A 233 -10.35 -9.35 -7.46
N PHE A 234 -10.21 -8.10 -7.01
CA PHE A 234 -10.45 -7.79 -5.61
C PHE A 234 -11.93 -7.90 -5.28
N ALA A 235 -12.78 -7.27 -6.10
CA ALA A 235 -14.19 -7.17 -5.77
C ALA A 235 -14.84 -8.55 -5.70
N VAL A 236 -14.43 -9.45 -6.59
CA VAL A 236 -14.99 -10.80 -6.59
C VAL A 236 -14.39 -11.67 -5.49
N LYS A 237 -13.23 -11.30 -4.95
CA LYS A 237 -12.61 -12.11 -3.91
C LYS A 237 -13.26 -11.93 -2.55
N TYR A 238 -14.04 -10.86 -2.36
CA TYR A 238 -14.62 -10.55 -1.06
C TYR A 238 -16.10 -10.22 -1.17
N ALA A 239 -16.76 -10.60 -2.26
CA ALA A 239 -18.13 -10.22 -2.49
C ALA A 239 -19.09 -10.99 -1.60
N ASN A 240 -20.26 -10.40 -1.36
CA ASN A 240 -21.36 -11.05 -0.65
C ASN A 240 -22.36 -11.54 -1.69
N LYS A 241 -21.99 -12.64 -2.37
CA LYS A 241 -22.81 -13.35 -3.35
C LYS A 241 -22.96 -12.59 -4.66
N VAL A 242 -22.48 -11.35 -4.70
CA VAL A 242 -22.60 -10.52 -5.89
C VAL A 242 -21.56 -9.40 -5.79
N ALA A 243 -20.93 -9.11 -6.93
CA ALA A 243 -19.96 -8.04 -7.02
C ALA A 243 -20.36 -7.09 -8.15
N PHE A 244 -20.07 -5.81 -7.96
CA PHE A 244 -20.47 -4.77 -8.90
C PHE A 244 -19.24 -4.12 -9.52
N ILE A 245 -19.27 -3.93 -10.83
CA ILE A 245 -18.13 -3.46 -11.60
C ILE A 245 -18.52 -2.17 -12.29
N ASP A 246 -17.70 -1.14 -12.15
CA ASP A 246 -18.05 0.20 -12.62
C ASP A 246 -17.92 0.37 -14.13
N THR A 247 -17.08 -0.42 -14.80
CA THR A 247 -16.84 -0.23 -16.22
C THR A 247 -16.24 -1.51 -16.80
N ASP A 248 -16.55 -1.79 -18.07
CA ASP A 248 -16.11 -2.99 -18.75
C ASP A 248 -14.84 -2.68 -19.56
N PHE A 249 -14.29 -3.72 -20.21
CA PHE A 249 -13.19 -3.52 -21.15
C PHE A 249 -13.68 -3.03 -22.51
N VAL A 250 -14.98 -3.13 -22.78
CA VAL A 250 -15.53 -2.57 -24.00
C VAL A 250 -15.32 -1.06 -24.03
N THR A 251 -15.45 -0.41 -22.87
CA THR A 251 -15.28 1.04 -22.81
C THR A 251 -13.82 1.44 -23.07
N THR A 252 -12.86 0.70 -22.52
CA THR A 252 -11.47 1.06 -22.76
C THR A 252 -11.05 0.78 -24.20
N GLN A 253 -11.56 -0.31 -24.79
CA GLN A 253 -11.40 -0.50 -26.23
C GLN A 253 -12.03 0.63 -27.03
N ALA A 254 -13.20 1.10 -26.60
CA ALA A 254 -13.84 2.20 -27.30
C ALA A 254 -12.97 3.45 -27.28
N PHE A 255 -12.47 3.81 -26.10
CA PHE A 255 -11.62 4.99 -25.97
C PHE A 255 -10.34 4.84 -26.78
N CYS A 256 -9.70 3.67 -26.68
CA CYS A 256 -8.45 3.44 -27.39
C CYS A 256 -8.64 3.54 -28.90
N LYS A 257 -9.70 2.91 -29.42
CA LYS A 257 -9.89 2.92 -30.86
C LYS A 257 -10.33 4.29 -31.35
N LYS A 258 -11.10 5.03 -30.55
CA LYS A 258 -11.58 6.32 -31.01
C LYS A 258 -10.50 7.39 -30.94
N TYR A 259 -9.60 7.32 -29.96
CA TYR A 259 -8.55 8.32 -29.85
C TYR A 259 -7.29 7.96 -30.61
N GLU A 260 -7.03 6.67 -30.85
CA GLU A 260 -5.82 6.24 -31.52
C GLU A 260 -6.04 5.65 -32.91
N GLY A 261 -7.26 5.22 -33.23
CA GLY A 261 -7.56 4.66 -34.52
C GLY A 261 -7.31 3.17 -34.67
N ARG A 262 -6.73 2.52 -33.67
CA ARG A 262 -6.46 1.09 -33.74
C ARG A 262 -6.76 0.45 -32.39
N GLU A 263 -7.10 -0.84 -32.44
CA GLU A 263 -7.41 -1.60 -31.25
C GLU A 263 -6.13 -2.11 -30.60
N HIS A 264 -6.28 -2.88 -29.52
CA HIS A 264 -5.13 -3.41 -28.79
C HIS A 264 -5.34 -4.89 -28.53
N PRO A 265 -4.40 -5.76 -28.92
CA PRO A 265 -4.62 -7.20 -28.79
C PRO A 265 -4.83 -7.67 -27.35
N PHE A 266 -4.12 -7.09 -26.38
CA PHE A 266 -4.23 -7.58 -25.01
C PHE A 266 -5.57 -7.25 -24.38
N VAL A 267 -6.12 -6.06 -24.63
CA VAL A 267 -7.42 -5.76 -24.06
C VAL A 267 -8.51 -6.59 -24.71
N GLN A 268 -8.33 -6.95 -25.98
CA GLN A 268 -9.24 -7.90 -26.62
C GLN A 268 -9.13 -9.28 -25.99
N ALA A 269 -7.91 -9.70 -25.66
CA ALA A 269 -7.74 -10.96 -24.94
C ALA A 269 -8.43 -10.90 -23.58
N LEU A 270 -8.37 -9.74 -22.92
CA LEU A 270 -9.08 -9.56 -21.65
C LEU A 270 -10.59 -9.64 -21.85
N ILE A 271 -11.10 -9.02 -22.92
CA ILE A 271 -12.52 -9.10 -23.24
C ILE A 271 -12.95 -10.55 -23.38
N ASP A 272 -12.16 -11.33 -24.13
CA ASP A 272 -12.48 -12.75 -24.30
C ASP A 272 -12.40 -13.50 -22.97
N GLU A 273 -11.40 -13.19 -22.16
CA GLU A 273 -11.20 -13.90 -20.90
C GLU A 273 -12.26 -13.54 -19.87
N TYR A 274 -12.62 -12.26 -19.77
CA TYR A 274 -13.50 -11.77 -18.71
C TYR A 274 -14.93 -11.73 -19.24
N ARG A 275 -15.77 -12.63 -18.74
CA ARG A 275 -17.18 -12.70 -19.11
C ARG A 275 -18.03 -12.42 -17.89
N PHE A 276 -19.00 -11.53 -18.04
CA PHE A 276 -19.82 -11.06 -16.93
C PHE A 276 -21.21 -11.67 -16.99
N ASP A 277 -21.76 -11.97 -15.82
CA ASP A 277 -23.08 -12.60 -15.76
C ASP A 277 -24.18 -11.65 -16.20
N LEU A 278 -24.14 -10.40 -15.74
CA LEU A 278 -25.10 -9.39 -16.14
C LEU A 278 -24.37 -8.11 -16.51
N VAL A 279 -24.80 -7.51 -17.63
CA VAL A 279 -24.26 -6.23 -18.09
C VAL A 279 -25.41 -5.26 -18.22
N ILE A 280 -25.28 -4.09 -17.60
CA ILE A 280 -26.31 -3.07 -17.60
C ILE A 280 -25.77 -1.84 -18.32
N LEU A 281 -26.54 -1.32 -19.27
CA LEU A 281 -26.15 -0.17 -20.07
C LEU A 281 -27.10 0.97 -19.79
N LEU A 282 -26.56 2.09 -19.31
CA LEU A 282 -27.34 3.29 -19.09
C LEU A 282 -27.32 4.17 -20.34
N GLU A 283 -28.09 5.26 -20.29
CA GLU A 283 -28.25 6.14 -21.43
C GLU A 283 -27.66 7.52 -21.13
N ASN A 284 -27.69 8.39 -22.14
CA ASN A 284 -27.27 9.78 -22.02
C ASN A 284 -28.43 10.70 -21.67
N ASN A 285 -29.46 10.18 -21.02
CA ASN A 285 -30.65 10.98 -20.74
C ASN A 285 -30.36 12.13 -19.79
N THR A 286 -29.46 11.91 -18.84
CA THR A 286 -29.14 12.96 -17.86
C THR A 286 -28.49 14.15 -18.55
N PRO A 287 -28.94 15.37 -18.27
CA PRO A 287 -28.34 16.55 -18.92
C PRO A 287 -26.91 16.76 -18.47
N TRP A 288 -26.10 17.31 -19.37
CA TRP A 288 -24.72 17.61 -19.06
C TRP A 288 -24.65 18.83 -18.14
N VAL A 289 -23.82 18.73 -17.10
CA VAL A 289 -23.59 19.81 -16.15
C VAL A 289 -22.15 20.28 -16.30
N ALA A 290 -21.97 21.60 -16.43
CA ALA A 290 -20.63 22.15 -16.62
C ALA A 290 -19.75 21.81 -15.43
N ASP A 291 -18.57 21.27 -15.71
CA ASP A 291 -17.63 20.83 -14.67
C ASP A 291 -16.25 21.46 -14.79
N GLY A 292 -15.88 21.95 -15.96
CA GLY A 292 -14.57 22.55 -16.15
C GLY A 292 -13.44 21.59 -16.37
N LEU A 293 -13.72 20.29 -16.52
CA LEU A 293 -12.70 19.29 -16.73
C LEU A 293 -12.81 18.55 -18.05
N ARG A 294 -13.98 18.57 -18.69
CA ARG A 294 -14.20 17.86 -19.95
C ARG A 294 -14.70 18.85 -20.99
N SER A 295 -14.00 18.94 -22.12
CA SER A 295 -14.38 19.84 -23.20
C SER A 295 -15.40 19.20 -24.15
N LEU A 296 -15.68 17.91 -24.00
CA LEU A 296 -16.69 17.24 -24.83
C LEU A 296 -18.07 17.31 -24.17
N GLY A 297 -18.50 18.51 -23.81
CA GLY A 297 -19.79 18.68 -23.15
C GLY A 297 -20.98 18.58 -24.08
N SER A 298 -20.76 18.58 -25.40
CA SER A 298 -21.84 18.45 -26.35
C SER A 298 -22.45 17.05 -26.28
N SER A 299 -23.77 16.98 -26.39
CA SER A 299 -24.46 15.69 -26.39
C SER A 299 -24.16 14.88 -27.64
N VAL A 300 -23.66 15.52 -28.70
CA VAL A 300 -23.36 14.79 -29.94
C VAL A 300 -22.22 13.81 -29.70
N ASP A 301 -21.15 14.26 -29.03
CA ASP A 301 -20.03 13.37 -28.74
C ASP A 301 -20.44 12.26 -27.78
N ARG A 302 -21.27 12.58 -26.79
CA ARG A 302 -21.77 11.55 -25.87
C ARG A 302 -22.57 10.50 -26.63
N LYS A 303 -23.45 10.93 -27.54
CA LYS A 303 -24.23 9.98 -28.32
C LYS A 303 -23.33 9.16 -29.25
N GLU A 304 -22.30 9.78 -29.82
CA GLU A 304 -21.39 9.05 -30.68
C GLU A 304 -20.67 7.96 -29.90
N PHE A 305 -20.18 8.27 -28.70
CA PHE A 305 -19.51 7.28 -27.88
C PHE A 305 -20.49 6.19 -27.44
N GLN A 306 -21.74 6.56 -27.14
CA GLN A 306 -22.73 5.57 -26.76
C GLN A 306 -23.02 4.60 -27.91
N ASN A 307 -23.19 5.13 -29.12
CA ASN A 307 -23.44 4.27 -30.28
C ASN A 307 -22.23 3.39 -30.58
N LEU A 308 -21.03 3.92 -30.41
CA LEU A 308 -19.84 3.09 -30.62
C LEU A 308 -19.76 1.99 -29.57
N LEU A 309 -20.15 2.30 -28.33
CA LEU A 309 -20.24 1.28 -27.30
C LEU A 309 -21.23 0.19 -27.68
N VAL A 310 -22.39 0.59 -28.22
CA VAL A 310 -23.40 -0.39 -28.62
C VAL A 310 -22.86 -1.30 -29.73
N GLU A 311 -22.21 -0.69 -30.73
CA GLU A 311 -21.74 -1.49 -31.86
C GLU A 311 -20.60 -2.42 -31.44
N MET A 312 -19.74 -1.97 -30.53
CA MET A 312 -18.66 -2.83 -30.07
C MET A 312 -19.17 -3.91 -29.12
N LEU A 313 -20.23 -3.63 -28.37
CA LEU A 313 -20.88 -4.67 -27.58
C LEU A 313 -21.49 -5.73 -28.50
N GLU A 314 -22.07 -5.31 -29.62
CA GLU A 314 -22.61 -6.26 -30.58
C GLU A 314 -21.51 -7.02 -31.30
N GLU A 315 -20.34 -6.40 -31.49
CA GLU A 315 -19.26 -7.04 -32.24
C GLU A 315 -18.76 -8.30 -31.53
N ASN A 316 -18.62 -8.24 -30.20
CA ASN A 316 -18.17 -9.38 -29.41
C ASN A 316 -19.31 -10.31 -29.02
N ASN A 317 -20.55 -10.00 -29.44
CA ASN A 317 -21.73 -10.79 -29.11
C ASN A 317 -21.91 -10.89 -27.59
N ILE A 318 -22.11 -9.72 -26.97
CA ILE A 318 -22.28 -9.61 -25.53
C ILE A 318 -23.67 -9.04 -25.28
N GLU A 319 -24.47 -9.75 -24.49
CA GLU A 319 -25.83 -9.34 -24.20
C GLU A 319 -25.85 -8.31 -23.07
N PHE A 320 -26.80 -7.38 -23.15
CA PHE A 320 -26.88 -6.30 -22.18
C PHE A 320 -28.32 -5.83 -22.07
N VAL A 321 -28.57 -4.95 -21.10
CA VAL A 321 -29.88 -4.39 -20.83
C VAL A 321 -29.77 -2.87 -20.84
N ARG A 322 -30.87 -2.21 -21.21
CA ARG A 322 -30.91 -0.75 -21.34
C ARG A 322 -31.90 -0.18 -20.34
N VAL A 323 -31.49 0.84 -19.60
CA VAL A 323 -32.32 1.53 -18.63
C VAL A 323 -32.50 2.97 -19.10
N GLU A 324 -33.75 3.40 -19.28
CA GLU A 324 -34.04 4.69 -19.88
C GLU A 324 -34.68 5.70 -18.94
N GLU A 325 -34.86 5.36 -17.66
CA GLU A 325 -35.51 6.29 -16.74
C GLU A 325 -34.62 7.50 -16.49
N GLU A 326 -35.22 8.68 -16.61
CA GLU A 326 -34.48 9.91 -16.34
C GLU A 326 -34.19 10.08 -14.86
N ASP A 327 -35.16 9.74 -14.01
CA ASP A 327 -35.00 9.89 -12.57
C ASP A 327 -34.07 8.83 -12.00
N TYR A 328 -33.34 9.21 -10.95
CA TYR A 328 -32.33 8.34 -10.36
C TYR A 328 -32.98 7.23 -9.55
N ASP A 329 -34.05 7.54 -8.82
CA ASP A 329 -34.70 6.54 -7.96
C ASP A 329 -35.26 5.39 -8.77
N SER A 330 -35.92 5.69 -9.89
CA SER A 330 -36.48 4.63 -10.72
C SER A 330 -35.39 3.76 -11.33
N ARG A 331 -34.27 4.37 -11.74
CA ARG A 331 -33.15 3.58 -12.26
C ARG A 331 -32.56 2.68 -11.18
N PHE A 332 -32.44 3.19 -9.96
CA PHE A 332 -31.97 2.36 -8.85
C PHE A 332 -32.92 1.19 -8.62
N LEU A 333 -34.22 1.44 -8.65
CA LEU A 333 -35.20 0.37 -8.46
C LEU A 333 -35.11 -0.67 -9.57
N ARG A 334 -34.96 -0.22 -10.82
CA ARG A 334 -34.83 -1.14 -11.93
C ARG A 334 -33.58 -2.00 -11.81
N CYS A 335 -32.46 -1.39 -11.40
CA CYS A 335 -31.25 -2.18 -11.20
C CYS A 335 -31.43 -3.18 -10.07
N VAL A 336 -32.11 -2.78 -8.99
CA VAL A 336 -32.35 -3.70 -7.88
C VAL A 336 -33.17 -4.89 -8.35
N GLU A 337 -34.23 -4.64 -9.12
CA GLU A 337 -35.07 -5.75 -9.55
C GLU A 337 -34.38 -6.62 -10.59
N LEU A 338 -33.53 -6.03 -11.43
CA LEU A 338 -32.74 -6.83 -12.37
C LEU A 338 -31.79 -7.76 -11.64
N VAL A 339 -31.08 -7.23 -10.63
CA VAL A 339 -30.18 -8.07 -9.85
C VAL A 339 -30.95 -9.15 -9.10
N ARG A 340 -32.13 -8.80 -8.60
CA ARG A 340 -32.94 -9.78 -7.87
C ARG A 340 -33.43 -10.90 -8.79
N GLU A 341 -33.83 -10.56 -10.03
CA GLU A 341 -34.18 -11.59 -11.00
C GLU A 341 -32.98 -12.46 -11.34
N MET A 342 -31.79 -11.84 -11.47
CA MET A 342 -30.59 -12.62 -11.70
C MET A 342 -30.31 -13.59 -10.55
N MET A 343 -30.63 -13.18 -9.32
CA MET A 343 -30.41 -14.07 -8.18
C MET A 343 -31.16 -15.39 -8.34
N GLY A 344 -32.36 -15.35 -8.93
CA GLY A 344 -33.14 -16.53 -9.15
C GLY A 344 -33.93 -17.02 -7.96
N GLU A 345 -33.93 -16.27 -6.86
CA GLU A 345 -34.66 -16.66 -5.65
C GLU A 345 -36.15 -16.64 -5.97
N GLN A 346 -36.76 -17.82 -6.01
CA GLN A 346 -38.15 -17.97 -6.40
C GLN A 346 -39.08 -17.72 -5.21
N ARG A 347 -40.37 -17.58 -5.50
CA ARG A 347 -41.35 -17.29 -4.46
C ARG A 347 -42.31 -18.45 -4.30
N LYS B 1 -32.53 23.22 -0.66
CA LYS B 1 -33.93 22.91 -0.90
C LYS B 1 -34.16 21.41 -0.90
N THR B 2 -35.39 20.99 -0.62
CA THR B 2 -35.79 19.59 -0.58
C THR B 2 -34.93 18.81 0.43
N ILE B 3 -35.11 19.19 1.68
CA ILE B 3 -34.36 18.58 2.79
C ILE B 3 -35.15 17.40 3.34
N GLY B 4 -34.47 16.29 3.54
CA GLY B 4 -35.09 15.08 4.07
C GLY B 4 -34.47 14.70 5.40
N VAL B 5 -35.32 14.27 6.34
CA VAL B 5 -34.90 13.95 7.69
C VAL B 5 -35.33 12.52 8.01
N VAL B 6 -34.41 11.75 8.58
CA VAL B 6 -34.68 10.38 9.02
C VAL B 6 -34.40 10.30 10.51
N PHE B 7 -35.35 9.75 11.26
CA PHE B 7 -35.17 9.51 12.69
C PHE B 7 -34.94 8.03 12.94
N GLY B 8 -34.12 7.73 13.93
CA GLY B 8 -33.88 6.34 14.23
C GLY B 8 -32.96 6.09 15.42
N LYS B 9 -33.28 5.05 16.19
CA LYS B 9 -32.37 4.59 17.22
C LYS B 9 -31.11 3.98 16.62
N PHE B 10 -31.25 3.27 15.50
CA PHE B 10 -30.13 2.70 14.76
C PHE B 10 -29.21 1.89 15.68
N TYR B 11 -29.82 1.08 16.54
CA TYR B 11 -29.08 0.40 17.61
C TYR B 11 -29.43 -1.08 17.57
N PRO B 12 -28.76 -1.87 16.73
CA PRO B 12 -27.74 -1.49 15.76
C PRO B 12 -28.28 -1.11 14.38
N LEU B 13 -27.43 -0.52 13.55
CA LEU B 13 -27.77 -0.21 12.17
C LEU B 13 -27.67 -1.46 11.31
N HIS B 14 -28.70 -1.72 10.51
CA HIS B 14 -28.72 -2.88 9.61
C HIS B 14 -29.11 -2.44 8.21
N THR B 15 -29.14 -3.41 7.30
CA THR B 15 -29.31 -3.12 5.87
C THR B 15 -30.71 -2.61 5.54
N GLY B 16 -31.71 -2.86 6.40
CA GLY B 16 -33.00 -2.23 6.19
C GLY B 16 -32.94 -0.72 6.36
N HIS B 17 -32.22 -0.26 7.39
CA HIS B 17 -31.98 1.17 7.56
C HIS B 17 -31.19 1.73 6.38
N ILE B 18 -30.19 0.99 5.91
CA ILE B 18 -29.40 1.45 4.77
C ILE B 18 -30.27 1.59 3.53
N TYR B 19 -31.12 0.59 3.27
CA TYR B 19 -32.02 0.66 2.13
C TYR B 19 -32.97 1.85 2.26
N LEU B 20 -33.51 2.08 3.46
CA LEU B 20 -34.37 3.23 3.68
C LEU B 20 -33.64 4.54 3.38
N ILE B 21 -32.43 4.70 3.94
CA ILE B 21 -31.72 5.96 3.82
C ILE B 21 -31.29 6.20 2.38
N GLN B 22 -30.89 5.15 1.66
CA GLN B 22 -30.44 5.33 0.29
C GLN B 22 -31.59 5.37 -0.72
N ARG B 23 -32.79 4.94 -0.32
CA ARG B 23 -33.97 5.26 -1.11
C ARG B 23 -34.42 6.70 -0.88
N ALA B 24 -34.20 7.22 0.33
CA ALA B 24 -34.59 8.59 0.62
C ALA B 24 -33.60 9.60 0.06
N CYS B 25 -32.30 9.26 0.03
CA CYS B 25 -31.29 10.23 -0.35
C CYS B 25 -31.27 10.48 -1.85
N SER B 26 -31.67 9.50 -2.66
CA SER B 26 -31.79 9.73 -4.09
C SER B 26 -32.96 10.63 -4.43
N GLN B 27 -33.86 10.89 -3.48
CA GLN B 27 -35.04 11.71 -3.73
C GLN B 27 -34.92 13.12 -3.16
N VAL B 28 -33.87 13.43 -2.42
CA VAL B 28 -33.69 14.74 -1.82
C VAL B 28 -32.27 15.21 -2.09
N ASP B 29 -32.09 16.54 -2.09
CA ASP B 29 -30.77 17.12 -2.33
C ASP B 29 -29.86 17.02 -1.12
N GLU B 30 -30.42 16.86 0.08
CA GLU B 30 -29.63 16.72 1.29
C GLU B 30 -30.45 15.97 2.33
N LEU B 31 -29.86 14.95 2.93
CA LEU B 31 -30.53 14.13 3.94
C LEU B 31 -29.85 14.29 5.29
N HIS B 32 -30.64 14.59 6.31
CA HIS B 32 -30.15 14.72 7.67
C HIS B 32 -30.64 13.55 8.50
N ILE B 33 -29.71 12.91 9.22
CA ILE B 33 -30.01 11.84 10.15
C ILE B 33 -29.82 12.39 11.56
N ILE B 34 -30.82 12.17 12.41
CA ILE B 34 -30.75 12.57 13.80
C ILE B 34 -31.01 11.33 14.64
N MET B 35 -30.02 10.90 15.40
CA MET B 35 -30.16 9.74 16.27
C MET B 35 -30.20 10.19 17.73
N GLY B 36 -31.20 9.73 18.47
CA GLY B 36 -31.36 10.08 19.86
C GLY B 36 -30.82 8.99 20.77
N PHE B 37 -30.31 9.41 21.93
CA PHE B 37 -29.73 8.47 22.88
C PHE B 37 -30.24 8.75 24.29
N ASP B 38 -30.27 7.71 25.11
CA ASP B 38 -30.56 7.79 26.53
C ASP B 38 -29.67 6.79 27.24
N ASP B 39 -28.95 7.26 28.27
CA ASP B 39 -27.90 6.43 28.87
C ASP B 39 -28.46 5.17 29.50
N THR B 40 -29.52 5.29 30.29
CA THR B 40 -30.06 4.12 30.99
C THR B 40 -30.74 3.16 30.02
N ARG B 41 -31.54 3.68 29.10
CA ARG B 41 -32.22 2.83 28.12
C ARG B 41 -31.22 2.08 27.25
N ASP B 42 -30.20 2.79 26.76
CA ASP B 42 -29.19 2.15 25.94
C ASP B 42 -28.38 1.14 26.73
N ARG B 43 -28.09 1.45 28.00
CA ARG B 43 -27.36 0.51 28.85
C ARG B 43 -28.16 -0.77 29.05
N ALA B 44 -29.46 -0.65 29.31
CA ALA B 44 -30.31 -1.82 29.45
C ALA B 44 -30.38 -2.61 28.14
N LEU B 45 -30.50 -1.91 27.01
CA LEU B 45 -30.55 -2.59 25.72
C LEU B 45 -29.26 -3.36 25.46
N PHE B 46 -28.11 -2.77 25.78
CA PHE B 46 -26.85 -3.49 25.62
C PHE B 46 -26.80 -4.69 26.56
N GLU B 47 -27.30 -4.53 27.79
CA GLU B 47 -27.28 -5.63 28.74
C GLU B 47 -28.10 -6.81 28.27
N ASP B 48 -29.28 -6.55 27.71
CA ASP B 48 -30.17 -7.62 27.27
C ASP B 48 -29.81 -8.18 25.90
N SER B 49 -28.88 -7.55 25.18
CA SER B 49 -28.51 -7.99 23.84
C SER B 49 -27.32 -8.96 23.91
N ALA B 50 -26.74 -9.26 22.75
CA ALA B 50 -25.59 -10.16 22.66
C ALA B 50 -24.37 -9.47 22.07
N MET B 51 -24.30 -8.15 22.16
CA MET B 51 -23.16 -7.40 21.65
C MET B 51 -21.91 -7.70 22.48
N SER B 52 -20.75 -7.70 21.81
CA SER B 52 -19.50 -7.92 22.51
C SER B 52 -19.07 -6.71 23.32
N GLN B 53 -19.21 -5.51 22.76
CA GLN B 53 -18.85 -4.28 23.44
C GLN B 53 -20.01 -3.31 23.40
N GLN B 54 -20.06 -2.41 24.39
CA GLN B 54 -21.10 -1.41 24.45
C GLN B 54 -20.71 -0.20 23.61
N PRO B 55 -21.49 0.18 22.60
CA PRO B 55 -21.16 1.38 21.83
C PRO B 55 -21.42 2.64 22.63
N THR B 56 -20.67 3.68 22.30
CA THR B 56 -20.91 5.02 22.81
C THR B 56 -21.55 5.87 21.72
N VAL B 57 -22.00 7.07 22.09
CA VAL B 57 -22.54 7.99 21.10
C VAL B 57 -21.55 8.27 19.98
N PRO B 58 -20.27 8.55 20.24
CA PRO B 58 -19.32 8.67 19.12
C PRO B 58 -19.18 7.40 18.29
N ASP B 59 -19.33 6.21 18.90
CA ASP B 59 -19.19 4.99 18.14
C ASP B 59 -20.32 4.81 17.12
N ARG B 60 -21.56 5.06 17.54
CA ARG B 60 -22.68 4.98 16.62
C ARG B 60 -22.63 6.10 15.58
N LEU B 61 -22.17 7.29 15.99
CA LEU B 61 -21.88 8.33 15.03
C LEU B 61 -20.88 7.84 13.98
N ARG B 62 -19.86 7.09 14.41
CA ARG B 62 -18.87 6.55 13.49
C ARG B 62 -19.50 5.52 12.56
N TRP B 63 -20.38 4.68 13.08
CA TRP B 63 -21.14 3.76 12.22
C TRP B 63 -21.79 4.51 11.07
N LEU B 64 -22.64 5.47 11.42
CA LEU B 64 -23.40 6.19 10.40
C LEU B 64 -22.50 7.02 9.49
N LEU B 65 -21.36 7.49 10.00
CA LEU B 65 -20.46 8.30 9.19
C LEU B 65 -19.66 7.46 8.20
N GLN B 66 -19.25 6.26 8.61
CA GLN B 66 -18.49 5.39 7.71
C GLN B 66 -19.39 4.73 6.69
N THR B 67 -20.67 4.52 7.03
CA THR B 67 -21.58 3.89 6.07
C THR B 67 -21.75 4.75 4.83
N PHE B 68 -22.04 6.04 5.00
CA PHE B 68 -22.36 6.94 3.91
C PHE B 68 -21.18 7.84 3.52
N LYS B 69 -19.97 7.29 3.57
CA LYS B 69 -18.77 8.10 3.32
C LYS B 69 -18.75 8.66 1.91
N TYR B 70 -19.15 7.85 0.92
CA TYR B 70 -19.10 8.25 -0.48
C TYR B 70 -20.41 8.85 -0.97
N GLN B 71 -21.37 9.08 -0.08
CA GLN B 71 -22.58 9.83 -0.40
C GLN B 71 -22.46 11.19 0.26
N LYS B 72 -22.35 12.24 -0.56
CA LYS B 72 -21.93 13.55 -0.09
C LYS B 72 -23.09 14.43 0.38
N ASN B 73 -24.32 13.94 0.36
CA ASN B 73 -25.48 14.74 0.74
C ASN B 73 -26.16 14.18 1.98
N ILE B 74 -25.37 13.66 2.92
CA ILE B 74 -25.90 13.08 4.15
C ILE B 74 -25.14 13.65 5.34
N ARG B 75 -25.87 14.23 6.28
CA ARG B 75 -25.32 14.76 7.52
C ARG B 75 -25.87 13.96 8.70
N ILE B 76 -25.14 13.97 9.82
CA ILE B 76 -25.45 13.13 10.97
C ILE B 76 -25.36 13.96 12.25
N HIS B 77 -26.36 13.80 13.12
CA HIS B 77 -26.45 14.51 14.39
C HIS B 77 -26.87 13.55 15.48
N ALA B 78 -26.49 13.89 16.71
CA ALA B 78 -26.84 13.13 17.91
C ALA B 78 -27.62 14.01 18.87
N PHE B 79 -28.66 13.44 19.47
CA PHE B 79 -29.61 14.20 20.28
C PHE B 79 -29.82 13.49 21.61
N ASN B 80 -30.06 14.28 22.66
CA ASN B 80 -30.20 13.78 24.02
C ASN B 80 -31.66 13.90 24.45
N GLU B 81 -32.22 12.80 24.95
CA GLU B 81 -33.63 12.73 25.34
C GLU B 81 -33.78 12.28 26.78
N GLU B 82 -32.92 12.77 27.66
CA GLU B 82 -33.01 12.39 29.07
C GLU B 82 -34.24 13.01 29.71
N GLY B 83 -34.74 12.35 30.75
CA GLY B 83 -35.91 12.81 31.47
C GLY B 83 -37.17 12.86 30.64
N MET B 84 -37.40 11.84 29.82
CA MET B 84 -38.59 11.78 28.96
C MET B 84 -39.26 10.42 29.13
N GLU B 85 -40.58 10.41 29.07
CA GLU B 85 -41.31 9.16 29.13
C GLU B 85 -40.98 8.31 27.90
N PRO B 86 -40.90 6.99 28.05
CA PRO B 86 -40.52 6.14 26.91
C PRO B 86 -41.63 6.07 25.87
N TYR B 87 -41.27 5.53 24.72
CA TYR B 87 -42.22 5.35 23.63
C TYR B 87 -43.30 4.36 24.04
N PRO B 88 -44.58 4.61 23.68
CA PRO B 88 -45.05 5.80 22.96
C PRO B 88 -45.79 6.80 23.85
N HIS B 89 -45.27 7.07 25.05
CA HIS B 89 -45.92 7.99 25.96
C HIS B 89 -45.24 9.35 26.03
N GLY B 90 -43.95 9.42 25.71
CA GLY B 90 -43.25 10.69 25.68
C GLY B 90 -43.30 11.33 24.30
N TRP B 91 -44.48 11.38 23.70
CA TRP B 91 -44.64 11.94 22.36
C TRP B 91 -44.71 13.46 22.36
N ASP B 92 -44.77 14.10 23.53
CA ASP B 92 -44.87 15.54 23.64
C ASP B 92 -43.54 16.22 23.94
N VAL B 93 -42.83 15.73 24.97
CA VAL B 93 -41.54 16.33 25.33
C VAL B 93 -40.49 16.05 24.27
N TRP B 94 -40.50 14.84 23.71
CA TRP B 94 -39.53 14.48 22.69
C TRP B 94 -39.64 15.38 21.47
N SER B 95 -40.87 15.68 21.05
CA SER B 95 -41.05 16.56 19.90
C SER B 95 -40.49 17.95 20.17
N ASN B 96 -40.73 18.49 21.37
CA ASN B 96 -40.18 19.79 21.72
C ASN B 96 -38.66 19.76 21.74
N GLY B 97 -38.08 18.71 22.31
CA GLY B 97 -36.64 18.60 22.33
C GLY B 97 -36.03 18.51 20.94
N ILE B 98 -36.67 17.76 20.04
CA ILE B 98 -36.17 17.63 18.68
C ILE B 98 -36.32 18.95 17.93
N LYS B 99 -37.43 19.68 18.17
CA LYS B 99 -37.60 20.98 17.55
C LYS B 99 -36.51 21.96 18.01
N LYS B 100 -36.21 21.95 19.31
CA LYS B 100 -35.13 22.79 19.82
C LYS B 100 -33.79 22.39 19.24
N PHE B 101 -33.53 21.09 19.11
CA PHE B 101 -32.29 20.62 18.53
C PHE B 101 -32.14 21.08 17.08
N MET B 102 -33.22 20.97 16.29
CA MET B 102 -33.17 21.45 14.91
C MET B 102 -32.97 22.96 14.84
N ALA B 103 -33.61 23.70 15.75
CA ALA B 103 -33.40 25.14 15.79
C ALA B 103 -31.94 25.47 16.08
N GLU B 104 -31.32 24.75 17.02
CA GLU B 104 -29.92 24.97 17.33
C GLU B 104 -29.02 24.63 16.15
N LYS B 105 -29.31 23.53 15.45
CA LYS B 105 -28.49 23.07 14.34
C LYS B 105 -28.85 23.74 13.02
N GLY B 106 -29.88 24.57 12.99
CA GLY B 106 -30.21 25.33 11.79
C GLY B 106 -30.92 24.55 10.70
N ILE B 107 -31.35 23.32 10.98
CA ILE B 107 -32.03 22.53 9.96
C ILE B 107 -33.43 23.06 9.74
N GLN B 108 -33.84 23.12 8.47
CA GLN B 108 -35.20 23.51 8.08
C GLN B 108 -35.74 22.38 7.21
N PRO B 109 -36.19 21.29 7.83
CA PRO B 109 -36.59 20.12 7.05
C PRO B 109 -37.87 20.34 6.26
N ASP B 110 -37.98 19.65 5.13
CA ASP B 110 -39.16 19.68 4.29
C ASP B 110 -39.89 18.35 4.23
N LEU B 111 -39.18 17.23 4.28
CA LEU B 111 -39.80 15.92 4.27
C LEU B 111 -39.17 15.05 5.35
N ILE B 112 -40.00 14.17 5.93
CA ILE B 112 -39.55 13.18 6.91
C ILE B 112 -39.77 11.80 6.29
N TYR B 113 -38.72 10.98 6.28
CA TYR B 113 -38.77 9.67 5.68
C TYR B 113 -38.80 8.61 6.77
N THR B 114 -39.77 7.70 6.67
CA THR B 114 -39.99 6.70 7.71
C THR B 114 -40.59 5.45 7.06
N SER B 115 -40.58 4.36 7.82
CA SER B 115 -41.15 3.09 7.37
C SER B 115 -42.12 2.51 8.40
N GLU B 116 -42.82 3.38 9.12
CA GLU B 116 -43.86 2.98 10.07
C GLU B 116 -45.17 3.65 9.67
N GLU B 117 -46.21 2.84 9.49
CA GLU B 117 -47.49 3.39 9.05
C GLU B 117 -48.22 4.13 10.16
N ALA B 118 -48.18 3.59 11.39
CA ALA B 118 -48.88 4.26 12.49
C ALA B 118 -48.14 5.50 12.96
N ASP B 119 -46.82 5.55 12.78
CA ASP B 119 -46.04 6.70 13.23
C ASP B 119 -46.21 7.90 12.32
N ALA B 120 -46.63 7.71 11.06
CA ALA B 120 -46.74 8.84 10.14
C ALA B 120 -47.76 9.87 10.59
N PRO B 121 -49.00 9.52 10.98
CA PRO B 121 -49.89 10.57 11.50
C PRO B 121 -49.36 11.26 12.74
N GLN B 122 -48.67 10.52 13.62
CA GLN B 122 -48.09 11.13 14.80
C GLN B 122 -47.01 12.14 14.43
N TYR B 123 -46.14 11.78 13.48
CA TYR B 123 -45.13 12.70 12.99
C TYR B 123 -45.78 13.95 12.40
N MET B 124 -46.82 13.76 11.59
CA MET B 124 -47.49 14.89 10.96
C MET B 124 -48.12 15.81 12.00
N GLU B 125 -48.76 15.23 13.02
CA GLU B 125 -49.48 16.05 13.99
C GLU B 125 -48.55 16.75 14.97
N HIS B 126 -47.40 16.15 15.31
CA HIS B 126 -46.48 16.82 16.22
C HIS B 126 -45.47 17.71 15.49
N LEU B 127 -44.65 17.12 14.62
CA LEU B 127 -43.59 17.87 13.98
C LEU B 127 -44.09 18.76 12.85
N GLY B 128 -45.33 18.56 12.39
CA GLY B 128 -45.88 19.41 11.35
C GLY B 128 -45.17 19.31 10.02
N ILE B 129 -44.51 18.18 9.76
CA ILE B 129 -43.76 17.95 8.53
C ILE B 129 -44.35 16.74 7.83
N GLU B 130 -44.61 16.88 6.53
CA GLU B 130 -45.16 15.78 5.75
C GLU B 130 -44.20 14.60 5.74
N THR B 131 -44.75 13.39 5.82
CA THR B 131 -43.97 12.18 5.89
C THR B 131 -44.19 11.32 4.65
N VAL B 132 -43.14 10.58 4.28
CA VAL B 132 -43.18 9.70 3.10
C VAL B 132 -42.84 8.30 3.58
N LEU B 133 -43.73 7.34 3.30
CA LEU B 133 -43.52 5.95 3.66
C LEU B 133 -42.69 5.26 2.59
N VAL B 134 -41.62 4.59 3.02
CA VAL B 134 -40.74 3.85 2.13
C VAL B 134 -40.78 2.39 2.57
N ASP B 135 -41.08 1.50 1.63
CA ASP B 135 -41.18 0.07 1.88
C ASP B 135 -42.06 -0.25 3.09
N PRO B 136 -43.34 0.17 3.05
CA PRO B 136 -44.20 -0.06 4.22
C PRO B 136 -44.46 -1.53 4.51
N LYS B 137 -44.35 -2.41 3.51
CA LYS B 137 -44.54 -3.84 3.69
C LYS B 137 -43.24 -4.57 3.96
N ARG B 138 -42.11 -3.86 4.02
CA ARG B 138 -40.80 -4.45 4.30
C ARG B 138 -40.47 -5.58 3.32
N THR B 139 -40.60 -5.26 2.03
CA THR B 139 -40.36 -6.27 1.00
C THR B 139 -38.87 -6.58 0.86
N PHE B 140 -38.02 -5.56 0.88
CA PHE B 140 -36.58 -5.78 0.70
C PHE B 140 -35.98 -6.52 1.89
N MET B 141 -36.29 -6.08 3.10
CA MET B 141 -35.81 -6.71 4.33
C MET B 141 -36.93 -6.81 5.33
N SER B 142 -37.07 -7.98 5.94
CA SER B 142 -38.11 -8.24 6.92
C SER B 142 -37.58 -8.41 8.34
N ILE B 143 -36.27 -8.55 8.52
CA ILE B 143 -35.71 -8.81 9.84
C ILE B 143 -35.72 -7.53 10.65
N SER B 144 -36.02 -7.66 11.95
CA SER B 144 -36.10 -6.54 12.86
C SER B 144 -34.81 -6.42 13.68
N GLY B 145 -34.66 -5.27 14.33
CA GLY B 145 -33.46 -5.02 15.12
C GLY B 145 -33.36 -5.93 16.33
N ALA B 146 -34.50 -6.28 16.94
CA ALA B 146 -34.48 -7.15 18.11
C ALA B 146 -33.98 -8.54 17.75
N GLN B 147 -34.40 -9.08 16.60
CA GLN B 147 -33.91 -10.39 16.16
C GLN B 147 -32.42 -10.36 15.91
N ILE B 148 -31.90 -9.23 15.40
CA ILE B 148 -30.46 -9.10 15.19
C ILE B 148 -29.73 -9.03 16.52
N ARG B 149 -30.26 -8.28 17.48
CA ARG B 149 -29.61 -8.17 18.78
C ARG B 149 -29.59 -9.50 19.50
N GLU B 150 -30.68 -10.25 19.45
CA GLU B 150 -30.74 -11.54 20.15
C GLU B 150 -29.87 -12.58 19.47
N ASN B 151 -29.99 -12.71 18.15
CA ASN B 151 -29.23 -13.69 17.38
C ASN B 151 -28.58 -13.00 16.20
N PRO B 152 -27.38 -12.43 16.39
CA PRO B 152 -26.71 -11.75 15.26
C PRO B 152 -26.02 -12.70 14.29
N PHE B 153 -25.67 -13.92 14.71
CA PHE B 153 -24.93 -14.83 13.84
C PHE B 153 -25.81 -15.57 12.86
N ARG B 154 -27.14 -15.45 12.96
CA ARG B 154 -28.05 -16.01 11.98
C ARG B 154 -28.48 -14.99 10.93
N TYR B 155 -28.34 -13.71 11.22
CA TYR B 155 -28.60 -12.63 10.27
C TYR B 155 -27.32 -11.85 9.99
N TRP B 156 -26.21 -12.57 9.84
CA TRP B 156 -24.91 -11.93 9.69
C TRP B 156 -24.80 -11.16 8.39
N GLU B 157 -25.59 -11.53 7.39
CA GLU B 157 -25.51 -10.88 6.08
C GLU B 157 -26.19 -9.50 6.07
N TYR B 158 -26.85 -9.12 7.15
CA TYR B 158 -27.55 -7.84 7.23
C TYR B 158 -26.83 -6.82 8.09
N ILE B 159 -25.67 -7.15 8.64
CA ILE B 159 -24.93 -6.27 9.54
C ILE B 159 -23.79 -5.63 8.74
N PRO B 160 -23.75 -4.31 8.65
CA PRO B 160 -22.68 -3.65 7.88
C PRO B 160 -21.31 -3.89 8.50
N THR B 161 -20.27 -3.55 7.74
CA THR B 161 -18.91 -3.81 8.19
C THR B 161 -18.47 -2.83 9.26
N GLU B 162 -19.05 -1.62 9.30
CA GLU B 162 -18.74 -0.68 10.36
C GLU B 162 -19.44 -1.04 11.67
N VAL B 163 -20.62 -1.66 11.60
CA VAL B 163 -21.32 -2.10 12.81
C VAL B 163 -20.79 -3.45 13.30
N LYS B 164 -20.09 -4.18 12.44
CA LYS B 164 -19.61 -5.51 12.81
C LYS B 164 -18.70 -5.55 14.04
N PRO B 165 -17.79 -4.60 14.28
CA PRO B 165 -16.87 -4.75 15.41
C PRO B 165 -17.52 -4.95 16.76
N PHE B 166 -18.74 -4.46 16.96
CA PHE B 166 -19.44 -4.64 18.23
C PHE B 166 -20.22 -5.94 18.29
N PHE B 167 -20.13 -6.78 17.25
CA PHE B 167 -20.73 -8.11 17.26
C PHE B 167 -19.72 -9.24 17.10
N VAL B 168 -18.52 -8.95 16.63
CA VAL B 168 -17.52 -9.98 16.39
C VAL B 168 -16.94 -10.44 17.73
N ARG B 169 -16.87 -11.75 17.92
CA ARG B 169 -16.24 -12.34 19.10
C ARG B 169 -14.76 -12.50 18.81
N THR B 170 -13.94 -11.61 19.36
CA THR B 170 -12.51 -11.62 19.09
C THR B 170 -11.80 -12.59 20.02
N VAL B 171 -10.92 -13.41 19.45
CA VAL B 171 -10.15 -14.39 20.21
C VAL B 171 -8.68 -13.99 20.15
N ALA B 172 -8.06 -13.87 21.31
CA ALA B 172 -6.65 -13.54 21.40
C ALA B 172 -5.88 -14.75 21.92
N ILE B 173 -4.85 -15.15 21.17
CA ILE B 173 -4.01 -16.30 21.52
C ILE B 173 -2.68 -15.78 22.02
N LEU B 174 -2.23 -16.29 23.16
CA LEU B 174 -0.94 -15.92 23.74
C LEU B 174 -0.10 -17.17 23.92
N GLY B 175 1.21 -17.01 23.72
CA GLY B 175 2.11 -18.14 23.85
C GLY B 175 3.54 -17.68 23.76
N GLY B 176 4.45 -18.59 24.12
CA GLY B 176 5.86 -18.30 24.08
C GLY B 176 6.42 -18.36 22.67
N GLU B 177 7.71 -18.03 22.57
CA GLU B 177 8.39 -18.08 21.29
C GLU B 177 8.43 -19.52 20.76
N SER B 178 8.18 -19.65 19.45
CA SER B 178 8.20 -20.95 18.77
C SER B 178 7.23 -21.93 19.42
N SER B 179 6.07 -21.43 19.84
CA SER B 179 5.01 -22.28 20.37
C SER B 179 3.93 -22.61 19.34
N GLY B 180 4.05 -22.07 18.13
CA GLY B 180 3.07 -22.34 17.09
C GLY B 180 1.86 -21.45 17.09
N LYS B 181 1.98 -20.22 17.58
CA LYS B 181 0.83 -19.32 17.61
C LYS B 181 0.33 -18.99 16.22
N SER B 182 1.25 -18.69 15.30
CA SER B 182 0.86 -18.19 13.98
C SER B 182 0.14 -19.27 13.17
N THR B 183 0.68 -20.49 13.18
CA THR B 183 0.05 -21.58 12.43
C THR B 183 -1.32 -21.93 13.02
N LEU B 184 -1.44 -21.89 14.35
CA LEU B 184 -2.73 -22.16 14.98
C LEU B 184 -3.76 -21.09 14.62
N VAL B 185 -3.35 -19.82 14.65
CA VAL B 185 -4.26 -18.73 14.28
C VAL B 185 -4.68 -18.89 12.82
N ASN B 186 -3.73 -19.26 11.94
CA ASN B 186 -4.05 -19.44 10.53
C ASN B 186 -5.04 -20.59 10.33
N LYS B 187 -4.81 -21.71 11.00
CA LYS B 187 -5.73 -22.85 10.87
C LYS B 187 -7.12 -22.49 11.38
N LEU B 188 -7.21 -21.79 12.51
CA LEU B 188 -8.50 -21.40 13.04
C LEU B 188 -9.23 -20.44 12.09
N ALA B 189 -8.49 -19.51 11.50
CA ALA B 189 -9.10 -18.60 10.54
C ALA B 189 -9.50 -19.33 9.25
N ASN B 190 -8.82 -20.43 8.93
CA ASN B 190 -9.14 -21.17 7.72
C ASN B 190 -10.40 -22.00 7.89
N ILE B 191 -10.46 -22.82 8.94
CA ILE B 191 -11.62 -23.69 9.12
C ILE B 191 -12.87 -22.88 9.41
N PHE B 192 -12.73 -21.70 10.01
CA PHE B 192 -13.87 -20.85 10.30
C PHE B 192 -14.15 -19.84 9.19
N ASN B 193 -13.33 -19.84 8.13
CA ASN B 193 -13.57 -19.01 6.95
C ASN B 193 -13.65 -17.53 7.30
N THR B 194 -12.67 -17.05 8.08
CA THR B 194 -12.70 -15.70 8.62
C THR B 194 -11.29 -15.10 8.52
N THR B 195 -11.12 -13.92 9.12
CA THR B 195 -9.88 -13.18 9.07
C THR B 195 -9.04 -13.41 10.32
N SER B 196 -7.83 -12.85 10.31
CA SER B 196 -6.91 -12.96 11.42
C SER B 196 -5.99 -11.75 11.42
N ALA B 197 -5.31 -11.54 12.54
CA ALA B 197 -4.37 -10.43 12.69
C ALA B 197 -3.03 -10.97 13.16
N TRP B 198 -1.97 -10.61 12.45
CA TRP B 198 -0.62 -11.05 12.79
C TRP B 198 0.01 -10.11 13.81
N GLU B 199 1.11 -10.59 14.40
CA GLU B 199 1.86 -9.79 15.37
C GLU B 199 2.65 -8.73 14.63
N TYR B 200 2.29 -7.46 14.84
CA TYR B 200 2.94 -6.35 14.16
C TYR B 200 4.36 -6.12 14.65
N GLY B 201 4.74 -6.71 15.79
CA GLY B 201 6.08 -6.50 16.32
C GLY B 201 7.17 -7.02 15.40
N ARG B 202 6.99 -8.22 14.85
CA ARG B 202 7.97 -8.77 13.92
C ARG B 202 8.09 -7.90 12.67
N ASP B 203 6.94 -7.45 12.14
CA ASP B 203 6.97 -6.59 10.96
C ASP B 203 7.72 -5.30 11.25
N TYR B 204 7.44 -4.67 12.40
CA TYR B 204 8.13 -3.43 12.76
C TYR B 204 9.62 -3.67 12.92
N VAL B 205 10.00 -4.78 13.56
CA VAL B 205 11.41 -5.05 13.79
C VAL B 205 12.14 -5.20 12.46
N PHE B 206 11.55 -5.95 11.51
CA PHE B 206 12.25 -6.12 10.24
C PHE B 206 12.25 -4.83 9.41
N SER B 207 11.16 -4.07 9.43
CA SER B 207 11.05 -2.91 8.56
C SER B 207 11.63 -1.64 9.16
N HIS B 208 12.11 -1.67 10.39
CA HIS B 208 12.74 -0.49 10.98
C HIS B 208 14.08 -0.75 11.64
N LEU B 209 14.41 -1.99 12.01
CA LEU B 209 15.66 -2.28 12.69
C LEU B 209 16.50 -3.31 11.95
N GLY B 210 16.21 -3.54 10.67
CA GLY B 210 16.98 -4.49 9.90
C GLY B 210 16.82 -5.93 10.31
N GLY B 211 15.85 -6.25 11.16
CA GLY B 211 15.61 -7.60 11.60
C GLY B 211 16.24 -7.99 12.92
N ASP B 212 16.84 -7.04 13.65
CA ASP B 212 17.45 -7.31 14.93
C ASP B 212 16.82 -6.42 15.99
N GLU B 213 16.61 -6.97 17.18
CA GLU B 213 15.96 -6.27 18.28
C GLU B 213 16.96 -5.56 19.20
N ILE B 214 18.24 -5.56 18.85
CA ILE B 214 19.24 -4.87 19.67
C ILE B 214 18.97 -3.37 19.67
N ALA B 215 18.52 -2.83 18.54
CA ALA B 215 18.27 -1.41 18.39
C ALA B 215 16.88 -0.99 18.86
N LEU B 216 16.25 -1.80 19.70
CA LEU B 216 14.92 -1.47 20.23
C LEU B 216 15.09 -0.62 21.49
N GLN B 217 14.32 0.46 21.58
CA GLN B 217 14.38 1.38 22.69
C GLN B 217 12.98 1.68 23.20
N TYR B 218 12.92 2.43 24.31
CA TYR B 218 11.64 2.74 24.96
C TYR B 218 10.67 3.41 24.00
N SER B 219 11.11 4.47 23.32
CA SER B 219 10.21 5.24 22.48
C SER B 219 9.65 4.41 21.33
N ASP B 220 10.35 3.35 20.93
CA ASP B 220 9.82 2.46 19.89
C ASP B 220 8.62 1.66 20.38
N TYR B 221 8.62 1.29 21.67
CA TYR B 221 7.66 0.31 22.17
C TYR B 221 6.22 0.81 22.10
N ASP B 222 5.99 2.09 21.87
CA ASP B 222 4.63 2.59 21.74
C ASP B 222 4.14 2.63 20.30
N LYS B 223 5.05 2.63 19.32
CA LYS B 223 4.61 2.45 17.95
C LYS B 223 4.10 1.04 17.72
N ILE B 224 4.91 0.05 18.10
CA ILE B 224 4.55 -1.36 17.92
C ILE B 224 3.15 -1.62 18.42
N ALA B 225 2.90 -1.32 19.70
CA ALA B 225 1.59 -1.54 20.28
C ALA B 225 0.50 -0.89 19.44
N LEU B 226 0.67 0.40 19.13
CA LEU B 226 -0.35 1.08 18.35
C LEU B 226 -0.47 0.44 16.96
N GLY B 227 0.67 0.09 16.36
CA GLY B 227 0.62 -0.61 15.09
C GLY B 227 -0.15 -1.90 15.19
N HIS B 228 0.03 -2.64 16.29
CA HIS B 228 -0.72 -3.88 16.49
C HIS B 228 -2.21 -3.61 16.41
N ALA B 229 -2.66 -2.50 17.00
CA ALA B 229 -4.08 -2.17 16.97
C ALA B 229 -4.57 -2.01 15.55
N GLN B 230 -3.74 -1.42 14.68
CA GLN B 230 -4.16 -1.22 13.30
C GLN B 230 -4.43 -2.55 12.60
N TYR B 231 -3.78 -3.63 13.04
CA TYR B 231 -4.11 -4.94 12.49
C TYR B 231 -5.44 -5.44 13.05
N ILE B 232 -5.66 -5.26 14.35
CA ILE B 232 -6.88 -5.76 14.98
C ILE B 232 -8.10 -5.12 14.34
N ASP B 233 -8.06 -3.80 14.16
CA ASP B 233 -9.17 -3.10 13.53
C ASP B 233 -9.49 -3.68 12.16
N PHE B 234 -8.46 -4.17 11.45
CA PHE B 234 -8.71 -4.80 10.17
C PHE B 234 -9.42 -6.14 10.34
N ALA B 235 -8.91 -6.98 11.24
CA ALA B 235 -9.41 -8.35 11.36
C ALA B 235 -10.88 -8.36 11.78
N VAL B 236 -11.25 -7.43 12.67
CA VAL B 236 -12.63 -7.35 13.12
C VAL B 236 -13.54 -6.68 12.10
N LYS B 237 -12.98 -5.93 11.15
CA LYS B 237 -13.82 -5.25 10.16
C LYS B 237 -14.31 -6.19 9.07
N TYR B 238 -13.69 -7.35 8.91
CA TYR B 238 -14.02 -8.27 7.83
C TYR B 238 -14.20 -9.71 8.32
N ALA B 239 -14.43 -9.89 9.62
CA ALA B 239 -14.49 -11.22 10.20
C ALA B 239 -15.79 -11.93 9.84
N ASN B 240 -15.74 -13.26 9.85
CA ASN B 240 -16.92 -14.10 9.69
C ASN B 240 -17.37 -14.58 11.07
N LYS B 241 -17.99 -13.65 11.81
CA LYS B 241 -18.60 -13.87 13.12
C LYS B 241 -17.55 -14.06 14.22
N VAL B 242 -16.28 -14.13 13.85
CA VAL B 242 -15.20 -14.35 14.81
C VAL B 242 -13.90 -13.91 14.17
N ALA B 243 -13.06 -13.26 14.96
CA ALA B 243 -11.74 -12.83 14.52
C ALA B 243 -10.69 -13.33 15.49
N PHE B 244 -9.50 -13.63 14.96
CA PHE B 244 -8.43 -14.22 15.74
C PHE B 244 -7.24 -13.28 15.77
N ILE B 245 -6.68 -13.09 16.97
CA ILE B 245 -5.61 -12.13 17.21
C ILE B 245 -4.39 -12.89 17.71
N ASP B 246 -3.24 -12.65 17.09
CA ASP B 246 -2.04 -13.43 17.37
C ASP B 246 -1.37 -13.07 18.70
N THR B 247 -1.59 -11.87 19.21
CA THR B 247 -0.89 -11.43 20.42
C THR B 247 -1.65 -10.27 21.04
N ASP B 248 -1.63 -10.20 22.37
CA ASP B 248 -2.33 -9.17 23.12
C ASP B 248 -1.36 -8.02 23.43
N PHE B 249 -1.89 -6.96 24.06
CA PHE B 249 -1.04 -5.87 24.54
C PHE B 249 -0.31 -6.24 25.83
N VAL B 250 -0.73 -7.31 26.50
CA VAL B 250 -0.02 -7.77 27.68
C VAL B 250 1.40 -8.19 27.30
N THR B 251 1.56 -8.86 26.16
CA THR B 251 2.88 -9.33 25.75
C THR B 251 3.81 -8.17 25.42
N THR B 252 3.32 -7.15 24.70
CA THR B 252 4.18 -6.02 24.36
C THR B 252 4.49 -5.19 25.60
N GLN B 253 3.53 -5.03 26.50
CA GLN B 253 3.82 -4.36 27.76
C GLN B 253 4.86 -5.13 28.57
N ALA B 254 4.77 -6.46 28.55
CA ALA B 254 5.72 -7.29 29.26
C ALA B 254 7.13 -7.13 28.69
N PHE B 255 7.24 -7.14 27.35
CA PHE B 255 8.54 -6.94 26.71
C PHE B 255 9.10 -5.56 27.07
N CYS B 256 8.27 -4.53 27.00
CA CYS B 256 8.72 -3.19 27.32
C CYS B 256 9.22 -3.10 28.75
N LYS B 257 8.46 -3.64 29.70
CA LYS B 257 8.86 -3.52 31.10
C LYS B 257 10.08 -4.38 31.41
N LYS B 258 10.22 -5.54 30.78
CA LYS B 258 11.34 -6.41 31.09
C LYS B 258 12.64 -5.92 30.46
N TYR B 259 12.57 -5.30 29.27
CA TYR B 259 13.78 -4.82 28.64
C TYR B 259 14.16 -3.41 29.09
N GLU B 260 13.21 -2.47 29.06
CA GLU B 260 13.51 -1.08 29.37
C GLU B 260 13.33 -0.75 30.85
N GLY B 261 12.72 -1.63 31.64
CA GLY B 261 12.59 -1.41 33.06
C GLY B 261 11.43 -0.55 33.49
N ARG B 262 10.67 0.02 32.56
CA ARG B 262 9.55 0.89 32.92
C ARG B 262 8.40 0.65 31.95
N GLU B 263 7.19 0.94 32.43
CA GLU B 263 5.99 0.74 31.64
C GLU B 263 5.77 1.92 30.70
N HIS B 264 4.70 1.86 29.92
CA HIS B 264 4.37 2.90 28.94
C HIS B 264 2.91 3.27 29.12
N PRO B 265 2.57 4.54 29.35
CA PRO B 265 1.17 4.90 29.62
C PRO B 265 0.21 4.56 28.49
N PHE B 266 0.65 4.70 27.23
CA PHE B 266 -0.27 4.46 26.12
C PHE B 266 -0.56 2.98 25.92
N VAL B 267 0.43 2.11 26.19
CA VAL B 267 0.16 0.68 26.12
C VAL B 267 -0.85 0.27 27.19
N GLN B 268 -0.76 0.87 28.38
CA GLN B 268 -1.74 0.59 29.42
C GLN B 268 -3.11 1.15 29.04
N ALA B 269 -3.15 2.31 28.39
CA ALA B 269 -4.42 2.84 27.91
C ALA B 269 -5.04 1.90 26.87
N LEU B 270 -4.21 1.33 26.00
CA LEU B 270 -4.72 0.35 25.04
C LEU B 270 -5.22 -0.91 25.74
N ILE B 271 -4.49 -1.38 26.76
CA ILE B 271 -4.93 -2.53 27.52
C ILE B 271 -6.31 -2.28 28.11
N ASP B 272 -6.50 -1.11 28.71
CA ASP B 272 -7.80 -0.78 29.28
C ASP B 272 -8.88 -0.68 28.20
N GLU B 273 -8.53 -0.08 27.05
CA GLU B 273 -9.52 0.12 26.00
C GLU B 273 -9.89 -1.18 25.29
N TYR B 274 -8.90 -2.03 25.01
CA TYR B 274 -9.10 -3.24 24.22
C TYR B 274 -9.38 -4.42 25.14
N ARG B 275 -10.63 -4.87 25.16
CA ARG B 275 -11.05 -6.02 25.95
C ARG B 275 -11.51 -7.12 25.00
N PHE B 276 -11.01 -8.33 25.22
CA PHE B 276 -11.24 -9.45 24.31
C PHE B 276 -12.25 -10.42 24.92
N ASP B 277 -13.13 -10.95 24.07
CA ASP B 277 -14.16 -11.87 24.54
C ASP B 277 -13.56 -13.16 25.08
N LEU B 278 -12.56 -13.72 24.39
CA LEU B 278 -11.89 -14.91 24.84
C LEU B 278 -10.39 -14.73 24.69
N VAL B 279 -9.65 -15.11 25.72
CA VAL B 279 -8.20 -15.08 25.73
C VAL B 279 -7.68 -16.48 26.02
N ILE B 280 -6.79 -16.96 25.17
CA ILE B 280 -6.23 -18.31 25.29
C ILE B 280 -4.73 -18.18 25.54
N LEU B 281 -4.24 -18.89 26.55
CA LEU B 281 -2.83 -18.87 26.93
C LEU B 281 -2.24 -20.25 26.72
N LEU B 282 -1.22 -20.34 25.88
CA LEU B 282 -0.51 -21.59 25.65
C LEU B 282 0.65 -21.71 26.64
N GLU B 283 1.25 -22.89 26.68
CA GLU B 283 2.31 -23.22 27.62
C GLU B 283 3.63 -23.44 26.88
N ASN B 284 4.70 -23.59 27.67
CA ASN B 284 6.02 -23.92 27.15
C ASN B 284 6.31 -25.41 27.16
N ASN B 285 5.27 -26.24 27.17
CA ASN B 285 5.45 -27.68 27.33
C ASN B 285 6.16 -28.30 26.13
N THR B 286 5.94 -27.75 24.94
CA THR B 286 6.51 -28.33 23.73
C THR B 286 8.04 -28.24 23.78
N PRO B 287 8.74 -29.31 23.38
CA PRO B 287 10.21 -29.25 23.41
C PRO B 287 10.75 -28.27 22.39
N TRP B 288 11.94 -27.74 22.70
CA TRP B 288 12.58 -26.76 21.82
C TRP B 288 13.01 -27.40 20.51
N VAL B 289 12.81 -26.67 19.42
CA VAL B 289 13.25 -27.08 18.09
C VAL B 289 14.20 -26.00 17.56
N ALA B 290 15.39 -26.42 17.17
CA ALA B 290 16.37 -25.47 16.64
C ALA B 290 15.99 -25.05 15.23
N ASP B 291 15.94 -23.73 15.01
CA ASP B 291 15.55 -23.17 13.72
C ASP B 291 16.64 -22.34 13.07
N GLY B 292 17.26 -21.41 13.81
CA GLY B 292 18.31 -20.57 13.30
C GLY B 292 17.98 -19.10 13.26
N LEU B 293 16.70 -18.73 13.35
CA LEU B 293 16.29 -17.34 13.33
C LEU B 293 16.21 -16.71 14.71
N ARG B 294 16.28 -17.51 15.77
CA ARG B 294 16.25 -17.01 17.14
C ARG B 294 17.29 -17.76 17.97
N SER B 295 18.24 -17.02 18.52
CA SER B 295 19.26 -17.60 19.38
C SER B 295 18.85 -17.66 20.85
N LEU B 296 17.64 -17.20 21.18
CA LEU B 296 17.13 -17.23 22.55
C LEU B 296 16.55 -18.62 22.83
N GLY B 297 17.45 -19.61 22.83
CA GLY B 297 17.05 -21.00 22.99
C GLY B 297 16.87 -21.48 24.42
N SER B 298 17.20 -20.65 25.40
CA SER B 298 17.09 -21.08 26.79
C SER B 298 15.63 -21.12 27.22
N SER B 299 15.23 -22.25 27.84
CA SER B 299 13.86 -22.41 28.30
C SER B 299 13.60 -21.71 29.63
N VAL B 300 14.66 -21.37 30.37
CA VAL B 300 14.47 -20.65 31.63
C VAL B 300 13.92 -19.25 31.37
N ASP B 301 14.46 -18.56 30.36
CA ASP B 301 13.92 -17.25 30.00
C ASP B 301 12.50 -17.36 29.49
N ARG B 302 12.19 -18.42 28.73
CA ARG B 302 10.83 -18.65 28.28
C ARG B 302 9.88 -18.81 29.46
N LYS B 303 10.28 -19.61 30.45
CA LYS B 303 9.43 -19.79 31.63
C LYS B 303 9.29 -18.50 32.42
N GLU B 304 10.36 -17.71 32.52
CA GLU B 304 10.28 -16.43 33.22
C GLU B 304 9.32 -15.48 32.53
N PHE B 305 9.39 -15.41 31.21
CA PHE B 305 8.46 -14.54 30.48
C PHE B 305 7.03 -15.05 30.59
N GLN B 306 6.84 -16.37 30.61
CA GLN B 306 5.51 -16.93 30.78
C GLN B 306 4.94 -16.56 32.15
N ASN B 307 5.75 -16.69 33.20
CA ASN B 307 5.28 -16.33 34.54
C ASN B 307 4.98 -14.84 34.65
N LEU B 308 5.81 -14.01 34.01
CA LEU B 308 5.56 -12.58 34.04
C LEU B 308 4.29 -12.23 33.27
N LEU B 309 4.03 -12.95 32.17
CA LEU B 309 2.77 -12.80 31.46
C LEU B 309 1.59 -13.16 32.36
N VAL B 310 1.72 -14.25 33.11
CA VAL B 310 0.63 -14.65 34.02
C VAL B 310 0.38 -13.56 35.06
N GLU B 311 1.45 -13.04 35.66
CA GLU B 311 1.27 -12.06 36.72
C GLU B 311 0.72 -10.75 36.18
N MET B 312 1.12 -10.35 34.96
CA MET B 312 0.58 -9.12 34.39
C MET B 312 -0.85 -9.30 33.89
N LEU B 313 -1.22 -10.51 33.48
CA LEU B 313 -2.61 -10.81 33.17
C LEU B 313 -3.46 -10.73 34.42
N GLU B 314 -2.93 -11.20 35.55
CA GLU B 314 -3.65 -11.09 36.82
C GLU B 314 -3.73 -9.65 37.30
N GLU B 315 -2.71 -8.84 37.00
CA GLU B 315 -2.68 -7.47 37.49
C GLU B 315 -3.84 -6.64 36.94
N ASN B 316 -4.16 -6.81 35.66
CA ASN B 316 -5.26 -6.09 35.03
C ASN B 316 -6.60 -6.80 35.20
N ASN B 317 -6.63 -7.93 35.90
CA ASN B 317 -7.84 -8.72 36.11
C ASN B 317 -8.45 -9.15 34.77
N ILE B 318 -7.67 -9.94 34.04
CA ILE B 318 -8.07 -10.44 32.72
C ILE B 318 -8.13 -11.96 32.81
N GLU B 319 -9.29 -12.51 32.46
CA GLU B 319 -9.50 -13.95 32.52
C GLU B 319 -8.94 -14.63 31.26
N PHE B 320 -8.41 -15.84 31.45
CA PHE B 320 -7.78 -16.57 30.36
C PHE B 320 -7.90 -18.06 30.62
N VAL B 321 -7.51 -18.85 29.62
CA VAL B 321 -7.56 -20.31 29.68
C VAL B 321 -6.19 -20.85 29.32
N ARG B 322 -5.85 -22.02 29.86
CA ARG B 322 -4.57 -22.66 29.64
C ARG B 322 -4.76 -23.96 28.87
N VAL B 323 -3.92 -24.18 27.87
CA VAL B 323 -3.91 -25.42 27.09
C VAL B 323 -2.56 -26.10 27.33
N GLU B 324 -2.61 -27.36 27.79
CA GLU B 324 -1.39 -28.05 28.22
C GLU B 324 -1.00 -29.23 27.34
N GLU B 325 -1.73 -29.51 26.27
CA GLU B 325 -1.39 -30.65 25.44
C GLU B 325 -0.09 -30.42 24.69
N GLU B 326 0.80 -31.42 24.73
CA GLU B 326 2.06 -31.32 24.01
C GLU B 326 1.86 -31.40 22.50
N ASP B 327 0.97 -32.27 22.07
CA ASP B 327 0.74 -32.47 20.64
C ASP B 327 -0.07 -31.31 20.04
N TYR B 328 0.20 -31.03 18.77
CA TYR B 328 -0.42 -29.90 18.10
C TYR B 328 -1.88 -30.18 17.77
N ASP B 329 -2.19 -31.42 17.37
CA ASP B 329 -3.55 -31.76 16.97
C ASP B 329 -4.53 -31.60 18.13
N SER B 330 -4.14 -32.04 19.32
CA SER B 330 -5.02 -31.93 20.48
C SER B 330 -5.22 -30.47 20.88
N ARG B 331 -4.17 -29.65 20.78
CA ARG B 331 -4.31 -28.23 21.09
C ARG B 331 -5.25 -27.55 20.10
N PHE B 332 -5.11 -27.87 18.81
CA PHE B 332 -6.05 -27.34 17.81
C PHE B 332 -7.47 -27.76 18.13
N LEU B 333 -7.67 -29.03 18.49
CA LEU B 333 -9.00 -29.49 18.85
C LEU B 333 -9.55 -28.71 20.02
N ARG B 334 -8.77 -28.59 21.10
CA ARG B 334 -9.25 -27.90 22.30
C ARG B 334 -9.60 -26.46 22.01
N CYS B 335 -8.79 -25.78 21.19
CA CYS B 335 -9.16 -24.43 20.76
C CYS B 335 -10.47 -24.45 19.99
N VAL B 336 -10.71 -25.50 19.21
CA VAL B 336 -11.97 -25.59 18.47
C VAL B 336 -13.15 -25.68 19.43
N GLU B 337 -13.09 -26.55 20.44
CA GLU B 337 -14.22 -26.59 21.38
C GLU B 337 -14.33 -25.31 22.19
N LEU B 338 -13.22 -24.66 22.53
CA LEU B 338 -13.31 -23.40 23.27
C LEU B 338 -14.06 -22.35 22.45
N VAL B 339 -13.72 -22.23 21.16
CA VAL B 339 -14.41 -21.27 20.30
C VAL B 339 -15.87 -21.65 20.13
N ARG B 340 -16.16 -22.95 19.99
CA ARG B 340 -17.54 -23.39 19.80
C ARG B 340 -18.39 -23.12 21.04
N GLU B 341 -17.83 -23.35 22.23
CA GLU B 341 -18.54 -23.00 23.45
C GLU B 341 -18.76 -21.51 23.57
N MET B 342 -17.76 -20.70 23.18
CA MET B 342 -17.95 -19.26 23.17
C MET B 342 -19.07 -18.86 22.22
N MET B 343 -19.22 -19.58 21.11
CA MET B 343 -20.31 -19.28 20.16
C MET B 343 -21.67 -19.39 20.84
N GLY B 344 -21.80 -20.28 21.82
CA GLY B 344 -23.04 -20.42 22.56
C GLY B 344 -23.96 -21.52 22.10
N GLU B 345 -23.52 -22.35 21.16
CA GLU B 345 -24.33 -23.47 20.67
C GLU B 345 -23.81 -24.76 21.29
N GLN B 346 -24.68 -25.46 22.00
CA GLN B 346 -24.31 -26.66 22.74
C GLN B 346 -24.55 -27.90 21.88
N ARG B 347 -24.37 -29.08 22.48
CA ARG B 347 -24.56 -30.34 21.78
C ARG B 347 -26.05 -30.68 21.65
N LYS C 1 -9.45 36.13 -15.95
CA LYS C 1 -9.28 36.87 -14.71
C LYS C 1 -7.86 36.73 -14.19
N THR C 2 -7.00 37.70 -14.53
CA THR C 2 -5.60 37.73 -14.12
C THR C 2 -4.88 36.46 -14.58
N ILE C 3 -4.80 36.33 -15.90
CA ILE C 3 -4.23 35.16 -16.56
C ILE C 3 -2.77 35.43 -16.87
N GLY C 4 -1.91 34.47 -16.54
CA GLY C 4 -0.49 34.57 -16.79
C GLY C 4 -0.03 33.46 -17.74
N VAL C 5 0.86 33.81 -18.66
CA VAL C 5 1.32 32.89 -19.70
C VAL C 5 2.84 32.82 -19.64
N VAL C 6 3.36 31.59 -19.70
CA VAL C 6 4.78 31.32 -19.71
C VAL C 6 5.12 30.54 -20.97
N PHE C 7 6.17 30.97 -21.67
CA PHE C 7 6.64 30.29 -22.87
C PHE C 7 7.98 29.62 -22.60
N GLY C 8 8.25 28.56 -23.35
CA GLY C 8 9.52 27.88 -23.25
C GLY C 8 9.51 26.49 -23.85
N LYS C 9 10.65 26.05 -24.38
CA LYS C 9 10.76 24.69 -24.86
C LYS C 9 10.92 23.68 -23.75
N PHE C 10 11.38 24.13 -22.57
CA PHE C 10 11.48 23.29 -21.37
C PHE C 10 12.14 21.95 -21.67
N TYR C 11 13.27 22.02 -22.38
CA TYR C 11 13.88 20.84 -22.98
C TYR C 11 15.35 20.78 -22.55
N PRO C 12 15.64 20.23 -21.37
CA PRO C 12 14.70 19.71 -20.37
C PRO C 12 14.23 20.75 -19.36
N LEU C 13 13.19 20.41 -18.61
CA LEU C 13 12.70 21.25 -17.53
C LEU C 13 13.61 21.11 -16.31
N HIS C 14 14.02 22.24 -15.73
CA HIS C 14 14.88 22.23 -14.54
C HIS C 14 14.28 23.16 -13.48
N THR C 15 14.97 23.22 -12.33
CA THR C 15 14.45 23.92 -11.17
C THR C 15 14.38 25.44 -11.35
N GLY C 16 15.14 25.99 -12.29
CA GLY C 16 14.96 27.41 -12.60
C GLY C 16 13.62 27.69 -13.22
N HIS C 17 13.20 26.85 -14.17
CA HIS C 17 11.85 26.95 -14.72
C HIS C 17 10.79 26.74 -13.63
N ILE C 18 11.02 25.79 -12.73
CA ILE C 18 10.07 25.53 -11.66
C ILE C 18 9.94 26.75 -10.75
N TYR C 19 11.07 27.35 -10.38
CA TYR C 19 11.05 28.54 -9.55
C TYR C 19 10.31 29.68 -10.25
N LEU C 20 10.58 29.87 -11.55
CA LEU C 20 9.89 30.90 -12.29
C LEU C 20 8.39 30.67 -12.32
N ILE C 21 7.97 29.43 -12.56
CA ILE C 21 6.55 29.14 -12.68
C ILE C 21 5.86 29.28 -11.32
N GLN C 22 6.51 28.85 -10.24
CA GLN C 22 5.92 29.03 -8.91
C GLN C 22 5.80 30.51 -8.55
N ARG C 23 6.84 31.30 -8.82
CA ARG C 23 6.76 32.73 -8.57
C ARG C 23 5.68 33.39 -9.41
N ALA C 24 5.45 32.90 -10.62
CA ALA C 24 4.40 33.47 -11.47
C ALA C 24 3.02 33.05 -10.99
N CYS C 25 2.85 31.79 -10.60
CA CYS C 25 1.55 31.26 -10.22
C CYS C 25 1.12 31.72 -8.84
N SER C 26 2.05 32.13 -7.99
CA SER C 26 1.65 32.76 -6.73
C SER C 26 1.05 34.14 -6.93
N GLN C 27 1.15 34.71 -8.14
CA GLN C 27 0.70 36.07 -8.40
C GLN C 27 -0.47 36.16 -9.37
N VAL C 28 -0.93 35.05 -9.94
CA VAL C 28 -2.02 35.06 -10.91
C VAL C 28 -3.04 34.01 -10.52
N ASP C 29 -4.30 34.24 -10.92
CA ASP C 29 -5.36 33.29 -10.61
C ASP C 29 -5.14 31.98 -11.35
N GLU C 30 -4.75 32.04 -12.61
CA GLU C 30 -4.47 30.84 -13.39
C GLU C 30 -3.28 31.10 -14.31
N LEU C 31 -2.41 30.10 -14.42
CA LEU C 31 -1.21 30.19 -15.24
C LEU C 31 -1.29 29.20 -16.37
N HIS C 32 -1.11 29.67 -17.60
CA HIS C 32 -1.08 28.82 -18.79
C HIS C 32 0.34 28.69 -19.28
N ILE C 33 0.77 27.44 -19.50
CA ILE C 33 2.07 27.13 -20.09
C ILE C 33 1.83 26.67 -21.51
N ILE C 34 2.58 27.24 -22.45
CA ILE C 34 2.50 26.84 -23.85
C ILE C 34 3.91 26.48 -24.30
N MET C 35 4.13 25.22 -24.64
CA MET C 35 5.44 24.76 -25.11
C MET C 35 5.37 24.43 -26.59
N GLY C 36 6.30 24.97 -27.36
CA GLY C 36 6.36 24.72 -28.79
C GLY C 36 7.39 23.66 -29.13
N PHE C 37 7.11 22.91 -30.20
CA PHE C 37 8.00 21.84 -30.63
C PHE C 37 8.23 21.92 -32.13
N ASP C 38 9.43 21.52 -32.55
CA ASP C 38 9.78 21.34 -33.95
C ASP C 38 10.54 20.03 -34.07
N ASP C 39 10.16 19.19 -35.03
CA ASP C 39 10.66 17.83 -35.10
C ASP C 39 12.17 17.80 -35.36
N THR C 40 12.63 18.54 -36.38
CA THR C 40 14.04 18.50 -36.74
C THR C 40 14.90 19.18 -35.67
N ARG C 41 14.46 20.33 -35.16
CA ARG C 41 15.21 21.02 -34.12
C ARG C 41 15.33 20.17 -32.86
N ASP C 42 14.23 19.56 -32.43
CA ASP C 42 14.26 18.73 -31.23
C ASP C 42 15.11 17.48 -31.46
N ARG C 43 15.03 16.90 -32.66
CA ARG C 43 15.86 15.73 -32.97
C ARG C 43 17.34 16.08 -32.90
N ALA C 44 17.72 17.23 -33.47
CA ALA C 44 19.13 17.66 -33.41
C ALA C 44 19.55 17.92 -31.96
N LEU C 45 18.68 18.57 -31.18
CA LEU C 45 18.99 18.84 -29.78
C LEU C 45 19.20 17.54 -29.00
N PHE C 46 18.34 16.54 -29.25
CA PHE C 46 18.53 15.25 -28.60
C PHE C 46 19.83 14.60 -29.04
N GLU C 47 20.16 14.71 -30.33
CA GLU C 47 21.39 14.10 -30.84
C GLU C 47 22.62 14.71 -30.19
N ASP C 48 22.64 16.03 -30.03
CA ASP C 48 23.80 16.70 -29.46
C ASP C 48 23.85 16.64 -27.94
N SER C 49 22.80 16.16 -27.28
CA SER C 49 22.74 16.11 -25.83
C SER C 49 23.24 14.76 -25.32
N ALA C 50 23.05 14.49 -24.03
CA ALA C 50 23.47 13.24 -23.42
C ALA C 50 22.29 12.48 -22.80
N MET C 51 21.07 12.74 -23.28
CA MET C 51 19.89 12.07 -22.76
C MET C 51 19.89 10.60 -23.15
N SER C 52 19.34 9.76 -22.27
CA SER C 52 19.27 8.32 -22.54
C SER C 52 18.21 8.00 -23.57
N GLN C 53 17.03 8.62 -23.46
CA GLN C 53 15.94 8.38 -24.40
C GLN C 53 15.45 9.71 -24.95
N GLN C 54 14.87 9.66 -26.15
CA GLN C 54 14.35 10.85 -26.80
C GLN C 54 12.92 11.10 -26.34
N PRO C 55 12.63 12.24 -25.73
CA PRO C 55 11.25 12.53 -25.34
C PRO C 55 10.37 12.82 -26.55
N THR C 56 9.08 12.54 -26.39
CA THR C 56 8.07 12.93 -27.36
C THR C 56 7.26 14.09 -26.78
N VAL C 57 6.41 14.68 -27.62
CA VAL C 57 5.53 15.75 -27.15
C VAL C 57 4.67 15.29 -25.98
N PRO C 58 4.03 14.11 -26.02
CA PRO C 58 3.33 13.64 -24.82
C PRO C 58 4.23 13.45 -23.61
N ASP C 59 5.50 13.07 -23.81
CA ASP C 59 6.39 12.86 -22.67
C ASP C 59 6.71 14.16 -21.95
N ARG C 60 7.02 15.22 -22.71
CA ARG C 60 7.28 16.51 -22.09
C ARG C 60 6.01 17.11 -21.50
N LEU C 61 4.87 16.88 -22.16
CA LEU C 61 3.59 17.22 -21.55
C LEU C 61 3.43 16.53 -20.20
N ARG C 62 3.85 15.26 -20.12
CA ARG C 62 3.77 14.52 -18.86
C ARG C 62 4.71 15.10 -17.81
N TRP C 63 5.91 15.52 -18.23
CA TRP C 63 6.81 16.23 -17.31
C TRP C 63 6.09 17.39 -16.66
N LEU C 64 5.59 18.32 -17.49
CA LEU C 64 4.97 19.52 -16.95
C LEU C 64 3.69 19.21 -16.18
N LEU C 65 2.98 18.15 -16.55
CA LEU C 65 1.74 17.82 -15.86
C LEU C 65 1.99 17.19 -14.49
N GLN C 66 3.02 16.35 -14.38
CA GLN C 66 3.34 15.73 -13.11
C GLN C 66 4.03 16.70 -12.16
N THR C 67 4.73 17.72 -12.70
CA THR C 67 5.38 18.69 -11.83
C THR C 67 4.37 19.46 -11.00
N PHE C 68 3.33 20.01 -11.64
CA PHE C 68 2.37 20.89 -10.99
C PHE C 68 1.07 20.17 -10.65
N LYS C 69 1.16 18.90 -10.26
CA LYS C 69 -0.04 18.10 -10.00
C LYS C 69 -0.87 18.68 -8.86
N TYR C 70 -0.22 19.13 -7.79
CA TYR C 70 -0.92 19.66 -6.62
C TYR C 70 -1.12 21.17 -6.68
N GLN C 71 -0.74 21.81 -7.77
CA GLN C 71 -1.07 23.21 -8.02
C GLN C 71 -2.22 23.23 -9.01
N LYS C 72 -3.39 23.64 -8.55
CA LYS C 72 -4.63 23.42 -9.28
C LYS C 72 -4.96 24.53 -10.28
N ASN C 73 -4.10 25.53 -10.44
CA ASN C 73 -4.38 26.66 -11.30
C ASN C 73 -3.34 26.78 -12.42
N ILE C 74 -2.88 25.65 -12.94
CA ILE C 74 -1.89 25.63 -14.02
C ILE C 74 -2.38 24.72 -15.13
N ARG C 75 -2.46 25.26 -16.34
CA ARG C 75 -2.83 24.52 -17.54
C ARG C 75 -1.64 24.43 -18.48
N ILE C 76 -1.65 23.39 -19.34
CA ILE C 76 -0.50 23.07 -20.19
C ILE C 76 -0.98 22.80 -21.61
N HIS C 77 -0.29 23.40 -22.59
CA HIS C 77 -0.62 23.25 -24.00
C HIS C 77 0.64 23.03 -24.82
N ALA C 78 0.49 22.38 -25.95
CA ALA C 78 1.57 22.11 -26.89
C ALA C 78 1.25 22.76 -28.23
N PHE C 79 2.30 23.29 -28.87
CA PHE C 79 2.15 24.08 -30.09
C PHE C 79 3.16 23.61 -31.13
N ASN C 80 2.77 23.67 -32.40
CA ASN C 80 3.59 23.19 -33.51
C ASN C 80 4.07 24.37 -34.35
N GLU C 81 5.37 24.41 -34.62
CA GLU C 81 5.98 25.49 -35.39
C GLU C 81 6.72 24.95 -36.63
N GLU C 82 6.11 23.99 -37.32
CA GLU C 82 6.74 23.45 -38.52
C GLU C 82 6.57 24.43 -39.69
N GLY C 83 7.40 24.24 -40.71
CA GLY C 83 7.40 25.12 -41.86
C GLY C 83 7.72 26.54 -41.46
N MET C 84 8.74 26.71 -40.63
CA MET C 84 9.02 27.97 -39.97
C MET C 84 10.24 28.62 -40.60
N GLU C 85 10.22 29.96 -40.65
CA GLU C 85 11.35 30.69 -41.18
C GLU C 85 12.56 30.57 -40.25
N PRO C 86 13.77 30.61 -40.80
CA PRO C 86 14.97 30.49 -39.97
C PRO C 86 15.17 31.69 -39.08
N TYR C 87 15.88 31.46 -37.97
CA TYR C 87 16.21 32.53 -37.04
C TYR C 87 17.11 33.55 -37.74
N PRO C 88 16.94 34.86 -37.47
CA PRO C 88 16.03 35.48 -36.51
C PRO C 88 14.71 35.95 -37.12
N HIS C 89 14.38 35.47 -38.31
CA HIS C 89 13.13 35.86 -38.96
C HIS C 89 11.91 35.32 -38.24
N GLY C 90 12.09 34.42 -37.27
CA GLY C 90 10.98 33.78 -36.60
C GLY C 90 10.37 34.58 -35.46
N TRP C 91 10.20 35.88 -35.65
CA TRP C 91 9.49 36.71 -34.69
C TRP C 91 8.15 37.23 -35.20
N ASP C 92 7.89 37.11 -36.50
CA ASP C 92 6.63 37.56 -37.09
C ASP C 92 5.66 36.43 -37.37
N VAL C 93 6.13 35.35 -37.99
CA VAL C 93 5.27 34.20 -38.23
C VAL C 93 4.94 33.49 -36.92
N TRP C 94 5.91 33.40 -36.02
CA TRP C 94 5.67 32.77 -34.72
C TRP C 94 4.63 33.53 -33.91
N SER C 95 4.67 34.86 -33.95
CA SER C 95 3.67 35.65 -33.24
C SER C 95 2.27 35.39 -33.79
N ASN C 96 2.13 35.35 -35.11
CA ASN C 96 0.84 35.05 -35.72
C ASN C 96 0.37 33.64 -35.32
N GLY C 97 1.28 32.67 -35.34
CA GLY C 97 0.91 31.31 -34.98
C GLY C 97 0.44 31.19 -33.55
N ILE C 98 1.15 31.83 -32.62
CA ILE C 98 0.75 31.78 -31.21
C ILE C 98 -0.56 32.53 -31.00
N LYS C 99 -0.76 33.64 -31.70
CA LYS C 99 -2.02 34.36 -31.59
C LYS C 99 -3.18 33.47 -32.04
N LYS C 100 -3.02 32.78 -33.17
CA LYS C 100 -4.05 31.89 -33.66
C LYS C 100 -4.28 30.73 -32.69
N PHE C 101 -3.19 30.14 -32.18
CA PHE C 101 -3.30 29.04 -31.24
C PHE C 101 -4.08 29.44 -29.99
N MET C 102 -3.74 30.60 -29.41
CA MET C 102 -4.54 31.13 -28.31
C MET C 102 -5.98 31.38 -28.74
N ALA C 103 -6.18 31.71 -30.02
CA ALA C 103 -7.54 31.93 -30.51
C ALA C 103 -8.39 30.66 -30.41
N GLU C 104 -7.91 29.52 -30.92
CA GLU C 104 -8.78 28.35 -30.84
C GLU C 104 -8.79 27.78 -29.43
N LYS C 105 -7.72 28.01 -28.67
CA LYS C 105 -7.71 27.54 -27.29
C LYS C 105 -8.46 28.47 -26.33
N GLY C 106 -8.93 29.62 -26.81
CA GLY C 106 -9.79 30.47 -26.01
C GLY C 106 -9.09 31.24 -24.92
N ILE C 107 -7.76 31.23 -24.88
CA ILE C 107 -7.04 31.96 -23.84
C ILE C 107 -7.07 33.45 -24.15
N GLN C 108 -7.24 34.26 -23.10
CA GLN C 108 -7.17 35.71 -23.19
C GLN C 108 -6.16 36.16 -22.15
N PRO C 109 -4.87 36.00 -22.42
CA PRO C 109 -3.86 36.30 -21.40
C PRO C 109 -3.79 37.78 -21.07
N ASP C 110 -3.45 38.06 -19.82
CA ASP C 110 -3.25 39.41 -19.34
C ASP C 110 -1.80 39.74 -19.02
N LEU C 111 -1.02 38.77 -18.58
CA LEU C 111 0.39 38.99 -18.29
C LEU C 111 1.22 37.85 -18.86
N ILE C 112 2.42 38.18 -19.33
CA ILE C 112 3.39 37.20 -19.79
C ILE C 112 4.57 37.22 -18.83
N TYR C 113 4.94 36.06 -18.31
CA TYR C 113 6.01 35.97 -17.33
C TYR C 113 7.25 35.36 -17.99
N THR C 114 8.39 36.02 -17.82
CA THR C 114 9.62 35.63 -18.49
C THR C 114 10.80 36.06 -17.63
N SER C 115 11.97 35.51 -17.96
CA SER C 115 13.21 35.83 -17.27
C SER C 115 14.30 36.22 -18.27
N GLU C 116 13.91 36.93 -19.33
CA GLU C 116 14.85 37.43 -20.32
C GLU C 116 14.65 38.94 -20.46
N GLU C 117 15.73 39.70 -20.32
CA GLU C 117 15.62 41.15 -20.38
C GLU C 117 15.42 41.64 -21.80
N ALA C 118 16.13 41.05 -22.77
CA ALA C 118 16.03 41.47 -24.15
C ALA C 118 14.77 40.96 -24.85
N ASP C 119 14.22 39.83 -24.39
CA ASP C 119 13.03 39.28 -25.02
C ASP C 119 11.78 40.05 -24.63
N ALA C 120 11.81 40.76 -23.50
CA ALA C 120 10.63 41.47 -23.04
C ALA C 120 10.16 42.56 -24.01
N PRO C 121 11.02 43.47 -24.49
CA PRO C 121 10.53 44.47 -25.45
C PRO C 121 9.97 43.86 -26.73
N GLN C 122 10.57 42.76 -27.21
CA GLN C 122 10.04 42.13 -28.42
C GLN C 122 8.71 41.44 -28.14
N TYR C 123 8.55 40.85 -26.95
CA TYR C 123 7.25 40.33 -26.56
C TYR C 123 6.20 41.44 -26.56
N MET C 124 6.53 42.60 -25.97
CA MET C 124 5.59 43.70 -25.94
C MET C 124 5.26 44.20 -27.35
N GLU C 125 6.26 44.28 -28.22
CA GLU C 125 6.05 44.76 -29.57
C GLU C 125 5.20 43.81 -30.40
N HIS C 126 5.42 42.50 -30.28
CA HIS C 126 4.74 41.53 -31.14
C HIS C 126 3.41 41.08 -30.56
N LEU C 127 3.43 40.49 -29.36
CA LEU C 127 2.21 39.96 -28.77
C LEU C 127 1.33 41.03 -28.15
N GLY C 128 1.86 42.23 -27.92
CA GLY C 128 1.06 43.30 -27.34
C GLY C 128 0.61 43.05 -25.92
N ILE C 129 1.34 42.22 -25.17
CA ILE C 129 1.00 41.86 -23.80
C ILE C 129 2.14 42.27 -22.90
N GLU C 130 1.81 42.95 -21.80
CA GLU C 130 2.83 43.37 -20.84
C GLU C 130 3.56 42.17 -20.26
N THR C 131 4.87 42.32 -20.06
CA THR C 131 5.72 41.24 -19.58
C THR C 131 6.27 41.60 -18.20
N VAL C 132 6.46 40.58 -17.36
CA VAL C 132 6.99 40.73 -16.01
C VAL C 132 8.26 39.90 -15.92
N LEU C 133 9.37 40.56 -15.55
CA LEU C 133 10.64 39.88 -15.39
C LEU C 133 10.73 39.27 -14.00
N VAL C 134 11.12 38.00 -13.93
CA VAL C 134 11.29 37.28 -12.68
C VAL C 134 12.74 36.82 -12.60
N ASP C 135 13.42 37.18 -11.52
CA ASP C 135 14.81 36.82 -11.30
C ASP C 135 15.70 37.16 -12.50
N PRO C 136 15.75 38.42 -12.92
CA PRO C 136 16.54 38.77 -14.11
C PRO C 136 18.02 38.52 -13.95
N LYS C 137 18.54 38.51 -12.72
CA LYS C 137 19.94 38.21 -12.46
C LYS C 137 20.19 36.74 -12.18
N ARG C 138 19.15 35.91 -12.22
CA ARG C 138 19.27 34.47 -11.99
C ARG C 138 19.95 34.17 -10.66
N THR C 139 19.44 34.80 -9.60
CA THR C 139 20.04 34.66 -8.28
C THR C 139 19.76 33.27 -7.69
N PHE C 140 18.52 32.79 -7.82
CA PHE C 140 18.17 31.49 -7.24
C PHE C 140 18.90 30.36 -7.96
N MET C 141 18.89 30.36 -9.28
CA MET C 141 19.57 29.35 -10.08
C MET C 141 20.31 30.03 -11.23
N SER C 142 21.56 29.64 -11.44
CA SER C 142 22.38 30.19 -12.50
C SER C 142 22.67 29.22 -13.63
N ILE C 143 22.39 27.93 -13.44
CA ILE C 143 22.71 26.93 -14.45
C ILE C 143 21.73 27.02 -15.61
N SER C 144 22.24 26.85 -16.82
CA SER C 144 21.44 26.92 -18.03
C SER C 144 21.10 25.53 -18.54
N GLY C 145 20.15 25.47 -19.47
CA GLY C 145 19.71 24.19 -19.99
C GLY C 145 20.79 23.47 -20.78
N ALA C 146 21.63 24.22 -21.50
CA ALA C 146 22.70 23.60 -22.27
C ALA C 146 23.71 22.89 -21.37
N GLN C 147 24.07 23.51 -20.25
CA GLN C 147 25.00 22.87 -19.32
C GLN C 147 24.40 21.59 -18.75
N ILE C 148 23.08 21.57 -18.53
CA ILE C 148 22.43 20.37 -18.04
C ILE C 148 22.41 19.29 -19.11
N ARG C 149 22.13 19.66 -20.36
CA ARG C 149 22.11 18.68 -21.44
C ARG C 149 23.48 18.07 -21.67
N GLU C 150 24.53 18.90 -21.63
CA GLU C 150 25.88 18.38 -21.86
C GLU C 150 26.36 17.52 -20.71
N ASN C 151 26.22 18.02 -19.47
CA ASN C 151 26.67 17.31 -18.28
C ASN C 151 25.53 17.29 -17.27
N PRO C 152 24.65 16.28 -17.34
CA PRO C 152 23.54 16.22 -16.37
C PRO C 152 23.93 15.66 -15.01
N PHE C 153 25.01 14.89 -14.92
CA PHE C 153 25.37 14.25 -13.66
C PHE C 153 26.11 15.18 -12.71
N ARG C 154 26.50 16.37 -13.15
CA ARG C 154 27.08 17.36 -12.26
C ARG C 154 26.05 18.36 -11.73
N TYR C 155 24.91 18.47 -12.39
CA TYR C 155 23.81 19.31 -11.92
C TYR C 155 22.59 18.45 -11.61
N TRP C 156 22.82 17.30 -10.96
CA TRP C 156 21.75 16.34 -10.74
C TRP C 156 20.69 16.86 -9.77
N GLU C 157 21.06 17.80 -8.90
CA GLU C 157 20.12 18.33 -7.92
C GLU C 157 19.14 19.32 -8.53
N TYR C 158 19.30 19.67 -9.80
CA TYR C 158 18.41 20.63 -10.47
C TYR C 158 17.43 19.97 -11.42
N ILE C 159 17.48 18.64 -11.55
CA ILE C 159 16.62 17.91 -12.48
C ILE C 159 15.46 17.31 -11.69
N PRO C 160 14.21 17.64 -12.02
CA PRO C 160 13.08 17.08 -11.29
C PRO C 160 12.96 15.57 -11.47
N THR C 161 12.15 14.96 -10.60
CA THR C 161 12.00 13.51 -10.65
C THR C 161 11.17 13.06 -11.83
N GLU C 162 10.34 13.94 -12.38
CA GLU C 162 9.58 13.62 -13.59
C GLU C 162 10.46 13.67 -14.84
N VAL C 163 11.44 14.58 -14.87
CA VAL C 163 12.35 14.67 -16.00
C VAL C 163 13.49 13.68 -15.89
N LYS C 164 13.72 13.13 -14.70
CA LYS C 164 14.85 12.22 -14.48
C LYS C 164 14.84 10.98 -15.38
N PRO C 165 13.71 10.33 -15.70
CA PRO C 165 13.78 9.08 -16.48
C PRO C 165 14.51 9.20 -17.81
N PHE C 166 14.53 10.37 -18.43
CA PHE C 166 15.23 10.55 -19.69
C PHE C 166 16.70 10.90 -19.51
N PHE C 167 17.19 10.93 -18.27
CA PHE C 167 18.60 11.12 -17.97
C PHE C 167 19.23 9.96 -17.23
N VAL C 168 18.45 9.10 -16.61
CA VAL C 168 18.99 8.00 -15.81
C VAL C 168 19.51 6.92 -16.76
N ARG C 169 20.74 6.47 -16.51
CA ARG C 169 21.33 5.37 -17.28
C ARG C 169 20.91 4.06 -16.62
N THR C 170 19.89 3.42 -17.19
CA THR C 170 19.35 2.19 -16.61
C THR C 170 20.23 1.01 -17.00
N VAL C 171 20.60 0.20 -16.01
CA VAL C 171 21.40 -1.00 -16.22
C VAL C 171 20.52 -2.21 -15.91
N ALA C 172 20.44 -3.12 -16.88
CA ALA C 172 19.65 -4.34 -16.73
C ALA C 172 20.58 -5.54 -16.63
N ILE C 173 20.42 -6.32 -15.58
CA ILE C 173 21.24 -7.51 -15.33
C ILE C 173 20.41 -8.73 -15.65
N LEU C 174 20.99 -9.65 -16.43
CA LEU C 174 20.36 -10.90 -16.78
C LEU C 174 21.26 -12.06 -16.37
N GLY C 175 20.64 -13.15 -15.94
CA GLY C 175 21.42 -14.30 -15.50
C GLY C 175 20.52 -15.48 -15.25
N GLY C 176 21.15 -16.64 -15.10
CA GLY C 176 20.43 -17.86 -14.82
C GLY C 176 19.81 -17.85 -13.43
N GLU C 177 18.88 -18.78 -13.23
CA GLU C 177 18.24 -18.92 -11.93
C GLU C 177 19.26 -19.35 -10.89
N SER C 178 19.16 -18.74 -9.69
CA SER C 178 20.08 -19.01 -8.58
C SER C 178 21.53 -18.76 -8.98
N SER C 179 21.76 -17.67 -9.71
CA SER C 179 23.11 -17.26 -10.07
C SER C 179 23.61 -16.06 -9.27
N GLY C 180 22.74 -15.42 -8.49
CA GLY C 180 23.12 -14.29 -7.68
C GLY C 180 22.78 -12.93 -8.24
N LYS C 181 21.74 -12.84 -9.08
CA LYS C 181 21.37 -11.55 -9.65
C LYS C 181 20.93 -10.56 -8.58
N SER C 182 20.12 -11.01 -7.62
CA SER C 182 19.51 -10.10 -6.66
C SER C 182 20.55 -9.47 -5.75
N THR C 183 21.47 -10.28 -5.24
CA THR C 183 22.51 -9.76 -4.35
C THR C 183 23.44 -8.80 -5.10
N LEU C 184 23.76 -9.11 -6.36
CA LEU C 184 24.60 -8.21 -7.14
C LEU C 184 23.90 -6.88 -7.40
N VAL C 185 22.62 -6.92 -7.75
CA VAL C 185 21.86 -5.70 -7.96
C VAL C 185 21.80 -4.88 -6.68
N ASN C 186 21.61 -5.55 -5.54
CA ASN C 186 21.56 -4.84 -4.26
C ASN C 186 22.89 -4.19 -3.94
N LYS C 187 24.01 -4.91 -4.14
CA LYS C 187 25.32 -4.34 -3.87
C LYS C 187 25.60 -3.14 -4.76
N LEU C 188 25.24 -3.24 -6.04
CA LEU C 188 25.45 -2.13 -6.95
C LEU C 188 24.62 -0.92 -6.56
N ALA C 189 23.37 -1.15 -6.13
CA ALA C 189 22.54 -0.04 -5.67
C ALA C 189 23.06 0.53 -4.35
N ASN C 190 23.74 -0.28 -3.55
CA ASN C 190 24.28 0.19 -2.27
C ASN C 190 25.51 1.08 -2.47
N ILE C 191 26.51 0.58 -3.19
CA ILE C 191 27.75 1.35 -3.35
C ILE C 191 27.50 2.62 -4.15
N PHE C 192 26.52 2.60 -5.04
CA PHE C 192 26.19 3.78 -5.84
C PHE C 192 25.12 4.64 -5.19
N ASN C 193 24.57 4.21 -4.05
CA ASN C 193 23.61 4.99 -3.27
C ASN C 193 22.40 5.38 -4.11
N THR C 194 21.79 4.38 -4.74
CA THR C 194 20.70 4.59 -5.68
C THR C 194 19.63 3.52 -5.47
N THR C 195 18.66 3.48 -6.38
CA THR C 195 17.53 2.57 -6.30
C THR C 195 17.75 1.35 -7.18
N SER C 196 16.82 0.40 -7.05
CA SER C 196 16.86 -0.83 -7.83
C SER C 196 15.43 -1.34 -8.00
N ALA C 197 15.26 -2.28 -8.93
CA ALA C 197 13.96 -2.89 -9.20
C ALA C 197 14.09 -4.40 -9.14
N TRP C 198 13.23 -5.04 -8.34
CA TRP C 198 13.24 -6.48 -8.19
C TRP C 198 12.43 -7.14 -9.30
N GLU C 199 12.61 -8.45 -9.43
CA GLU C 199 11.88 -9.24 -10.41
C GLU C 199 10.45 -9.44 -9.91
N TYR C 200 9.49 -8.81 -10.60
CA TYR C 200 8.09 -8.89 -10.19
C TYR C 200 7.50 -10.28 -10.39
N GLY C 201 8.16 -11.14 -11.17
CA GLY C 201 7.61 -12.46 -11.43
C GLY C 201 7.49 -13.32 -10.17
N ARG C 202 8.54 -13.30 -9.33
CA ARG C 202 8.49 -14.07 -8.09
C ARG C 202 7.39 -13.56 -7.16
N ASP C 203 7.25 -12.23 -7.06
CA ASP C 203 6.20 -11.65 -6.24
C ASP C 203 4.82 -12.08 -6.75
N TYR C 204 4.61 -12.01 -8.07
CA TYR C 204 3.34 -12.41 -8.64
C TYR C 204 3.05 -13.87 -8.38
N VAL C 205 4.05 -14.74 -8.55
CA VAL C 205 3.83 -16.16 -8.32
C VAL C 205 3.43 -16.42 -6.88
N PHE C 206 4.12 -15.80 -5.92
CA PHE C 206 3.76 -16.07 -4.53
C PHE C 206 2.40 -15.47 -4.18
N SER C 207 2.09 -14.27 -4.68
CA SER C 207 0.88 -13.58 -4.27
C SER C 207 -0.35 -13.96 -5.09
N HIS C 208 -0.21 -14.80 -6.11
CA HIS C 208 -1.36 -15.22 -6.89
C HIS C 208 -1.47 -16.72 -7.11
N LEU C 209 -0.38 -17.48 -6.97
CA LEU C 209 -0.40 -18.92 -7.22
C LEU C 209 0.05 -19.72 -6.00
N GLY C 210 0.05 -19.11 -4.82
CA GLY C 210 0.47 -19.81 -3.63
C GLY C 210 1.95 -20.14 -3.57
N GLY C 211 2.74 -19.62 -4.49
CA GLY C 211 4.17 -19.87 -4.50
C GLY C 211 4.64 -21.00 -5.38
N ASP C 212 3.78 -21.54 -6.25
CA ASP C 212 4.17 -22.62 -7.14
C ASP C 212 3.84 -22.21 -8.57
N GLU C 213 4.65 -22.69 -9.51
CA GLU C 213 4.56 -22.30 -10.91
C GLU C 213 3.66 -23.22 -11.74
N ILE C 214 3.09 -24.26 -11.13
CA ILE C 214 2.24 -25.20 -11.88
C ILE C 214 1.00 -24.49 -12.40
N ALA C 215 0.44 -23.57 -11.62
CA ALA C 215 -0.79 -22.88 -11.98
C ALA C 215 -0.56 -21.70 -12.91
N LEU C 216 0.59 -21.62 -13.55
CA LEU C 216 0.87 -20.53 -14.48
C LEU C 216 0.33 -20.88 -15.87
N GLN C 217 -0.34 -19.91 -16.48
CA GLN C 217 -0.95 -20.09 -17.80
C GLN C 217 -0.54 -18.95 -18.71
N TYR C 218 -0.93 -19.07 -19.98
CA TYR C 218 -0.58 -18.07 -20.98
C TYR C 218 -1.06 -16.68 -20.58
N SER C 219 -2.35 -16.56 -20.24
CA SER C 219 -2.91 -15.24 -19.97
C SER C 219 -2.24 -14.57 -18.79
N ASP C 220 -1.66 -15.35 -17.87
CA ASP C 220 -0.94 -14.77 -16.74
C ASP C 220 0.33 -14.06 -17.20
N TYR C 221 1.00 -14.61 -18.22
CA TYR C 221 2.35 -14.17 -18.55
C TYR C 221 2.41 -12.71 -18.97
N ASP C 222 1.28 -12.09 -19.30
CA ASP C 222 1.30 -10.68 -19.63
C ASP C 222 1.30 -9.82 -18.37
N LYS C 223 0.48 -10.18 -17.38
CA LYS C 223 0.39 -9.39 -16.16
C LYS C 223 1.77 -9.19 -15.55
N ILE C 224 2.48 -10.28 -15.35
CA ILE C 224 3.87 -10.27 -14.87
C ILE C 224 4.65 -9.20 -15.61
N ALA C 225 4.63 -9.26 -16.95
CA ALA C 225 5.41 -8.30 -17.74
C ALA C 225 5.03 -6.88 -17.36
N LEU C 226 3.74 -6.56 -17.40
CA LEU C 226 3.33 -5.21 -17.06
C LEU C 226 3.72 -4.88 -15.63
N GLY C 227 3.53 -5.83 -14.71
CA GLY C 227 3.94 -5.60 -13.34
C GLY C 227 5.41 -5.26 -13.23
N HIS C 228 6.25 -5.95 -14.01
CA HIS C 228 7.67 -5.66 -13.99
C HIS C 228 7.92 -4.21 -14.35
N ALA C 229 7.18 -3.70 -15.34
CA ALA C 229 7.35 -2.31 -15.75
C ALA C 229 7.07 -1.36 -14.60
N GLN C 230 6.04 -1.67 -13.79
CA GLN C 230 5.71 -0.79 -12.68
C GLN C 230 6.84 -0.70 -11.67
N TYR C 231 7.69 -1.72 -11.60
CA TYR C 231 8.87 -1.59 -10.76
C TYR C 231 9.92 -0.71 -11.41
N ILE C 232 10.13 -0.88 -12.73
CA ILE C 232 11.15 -0.10 -13.43
C ILE C 232 10.84 1.39 -13.32
N ASP C 233 9.58 1.75 -13.59
CA ASP C 233 9.17 3.14 -13.47
C ASP C 233 9.50 3.72 -12.10
N PHE C 234 9.43 2.89 -11.06
CA PHE C 234 9.79 3.37 -9.73
C PHE C 234 11.29 3.60 -9.64
N ALA C 235 12.09 2.61 -10.06
CA ALA C 235 13.53 2.69 -9.86
C ALA C 235 14.14 3.87 -10.59
N VAL C 236 13.64 4.17 -11.78
CA VAL C 236 14.15 5.29 -12.56
C VAL C 236 13.62 6.62 -12.03
N LYS C 237 12.53 6.63 -11.29
CA LYS C 237 11.97 7.88 -10.79
C LYS C 237 12.74 8.45 -9.60
N TYR C 238 13.54 7.61 -8.93
CA TYR C 238 14.24 8.04 -7.72
C TYR C 238 15.72 7.66 -7.75
N ALA C 239 16.27 7.39 -8.93
CA ALA C 239 17.63 6.91 -9.04
C ALA C 239 18.65 8.02 -8.78
N ASN C 240 19.84 7.61 -8.35
CA ASN C 240 20.98 8.51 -8.20
C ASN C 240 21.88 8.36 -9.41
N LYS C 241 21.43 8.93 -10.53
CA LYS C 241 22.15 9.00 -11.81
C LYS C 241 22.21 7.65 -12.51
N VAL C 242 21.75 6.59 -11.85
CA VAL C 242 21.79 5.25 -12.43
C VAL C 242 20.79 4.38 -11.67
N ALA C 243 20.08 3.54 -12.42
CA ALA C 243 19.13 2.60 -11.84
C ALA C 243 19.47 1.20 -12.32
N PHE C 244 19.22 0.21 -11.46
CA PHE C 244 19.58 -1.17 -11.72
C PHE C 244 18.32 -2.02 -11.80
N ILE C 245 18.23 -2.87 -12.81
CA ILE C 245 17.04 -3.65 -13.11
C ILE C 245 17.41 -5.13 -13.05
N ASP C 246 16.63 -5.90 -12.30
CA ASP C 246 16.98 -7.29 -12.03
C ASP C 246 16.72 -8.23 -13.20
N THR C 247 15.80 -7.89 -14.10
CA THR C 247 15.44 -8.80 -15.19
C THR C 247 14.78 -7.99 -16.30
N ASP C 248 14.99 -8.44 -17.55
CA ASP C 248 14.47 -7.77 -18.73
C ASP C 248 13.13 -8.39 -19.12
N PHE C 249 12.51 -7.84 -20.16
CA PHE C 249 11.33 -8.46 -20.76
C PHE C 249 11.70 -9.61 -21.67
N VAL C 250 12.97 -9.72 -22.06
CA VAL C 250 13.41 -10.87 -22.84
C VAL C 250 13.22 -12.15 -22.05
N THR C 251 13.49 -12.12 -20.75
CA THR C 251 13.37 -13.33 -19.94
C THR C 251 11.90 -13.76 -19.79
N THR C 252 10.98 -12.81 -19.58
CA THR C 252 9.58 -13.19 -19.46
C THR C 252 9.03 -13.66 -20.80
N GLN C 253 9.45 -13.02 -21.90
CA GLN C 253 9.07 -13.53 -23.22
C GLN C 253 9.60 -14.95 -23.44
N ALA C 254 10.83 -15.21 -22.98
CA ALA C 254 11.41 -16.54 -23.11
C ALA C 254 10.62 -17.57 -22.33
N PHE C 255 10.25 -17.24 -21.08
CA PHE C 255 9.47 -18.16 -20.27
C PHE C 255 8.11 -18.42 -20.91
N CYS C 256 7.44 -17.37 -21.39
CA CYS C 256 6.14 -17.53 -22.02
C CYS C 256 6.24 -18.42 -23.25
N LYS C 257 7.23 -18.17 -24.11
CA LYS C 257 7.36 -18.96 -25.32
C LYS C 257 7.72 -20.41 -25.01
N LYS C 258 8.57 -20.63 -24.01
CA LYS C 258 8.99 -22.00 -23.70
C LYS C 258 7.86 -22.80 -23.08
N TYR C 259 7.12 -22.22 -22.14
CA TYR C 259 6.08 -22.96 -21.43
C TYR C 259 4.73 -22.91 -22.13
N GLU C 260 4.57 -22.11 -23.19
CA GLU C 260 3.31 -22.05 -23.92
C GLU C 260 3.43 -22.32 -25.41
N GLY C 261 4.62 -22.22 -25.99
CA GLY C 261 4.81 -22.44 -27.40
C GLY C 261 4.53 -21.25 -28.29
N ARG C 262 4.05 -20.14 -27.74
CA ARG C 262 3.76 -18.96 -28.52
C ARG C 262 4.15 -17.72 -27.73
N GLU C 263 4.46 -16.65 -28.45
CA GLU C 263 4.85 -15.39 -27.85
C GLU C 263 3.61 -14.61 -27.42
N HIS C 264 3.81 -13.40 -26.90
CA HIS C 264 2.72 -12.56 -26.43
C HIS C 264 2.90 -11.17 -27.03
N PRO C 265 1.88 -10.63 -27.71
CA PRO C 265 2.06 -9.33 -28.39
C PRO C 265 2.41 -8.18 -27.45
N PHE C 266 1.86 -8.17 -26.23
CA PHE C 266 2.13 -7.05 -25.34
C PHE C 266 3.53 -7.11 -24.76
N VAL C 267 4.06 -8.32 -24.52
CA VAL C 267 5.44 -8.42 -24.07
C VAL C 267 6.39 -7.93 -25.16
N GLN C 268 6.08 -8.22 -26.43
CA GLN C 268 6.89 -7.70 -27.52
C GLN C 268 6.77 -6.18 -27.64
N ALA C 269 5.56 -5.65 -27.43
CA ALA C 269 5.41 -4.20 -27.43
C ALA C 269 6.23 -3.55 -26.32
N LEU C 270 6.25 -4.19 -25.13
CA LEU C 270 7.08 -3.69 -24.04
C LEU C 270 8.57 -3.76 -24.38
N ILE C 271 8.99 -4.86 -25.02
CA ILE C 271 10.38 -4.99 -25.44
C ILE C 271 10.76 -3.86 -26.38
N ASP C 272 9.90 -3.57 -27.35
CA ASP C 272 10.17 -2.47 -28.27
C ASP C 272 10.19 -1.13 -27.55
N GLU C 273 9.26 -0.92 -26.62
CA GLU C 273 9.17 0.36 -25.92
C GLU C 273 10.33 0.57 -24.96
N TYR C 274 10.74 -0.47 -24.25
CA TYR C 274 11.73 -0.36 -23.18
C TYR C 274 13.10 -0.73 -23.73
N ARG C 275 13.97 0.27 -23.87
CA ARG C 275 15.34 0.09 -24.34
C ARG C 275 16.29 0.51 -23.22
N PHE C 276 17.27 -0.34 -22.95
CA PHE C 276 18.17 -0.14 -21.81
C PHE C 276 19.55 0.32 -22.30
N ASP C 277 20.15 1.23 -21.53
CA ASP C 277 21.45 1.77 -21.91
C ASP C 277 22.54 0.72 -21.84
N LEU C 278 22.55 -0.10 -20.79
CA LEU C 278 23.51 -1.18 -20.65
C LEU C 278 22.80 -2.44 -20.23
N VAL C 279 23.13 -3.55 -20.88
CA VAL C 279 22.58 -4.87 -20.56
C VAL C 279 23.74 -5.79 -20.25
N ILE C 280 23.67 -6.48 -19.10
CA ILE C 280 24.72 -7.37 -18.66
C ILE C 280 24.15 -8.78 -18.58
N LEU C 281 24.86 -9.73 -19.14
CA LEU C 281 24.45 -11.14 -19.16
C LEU C 281 25.46 -11.96 -18.36
N LEU C 282 24.97 -12.68 -17.35
CA LEU C 282 25.80 -13.57 -16.58
C LEU C 282 25.74 -14.98 -17.16
N GLU C 283 26.59 -15.85 -16.62
CA GLU C 283 26.71 -17.22 -17.09
C GLU C 283 26.20 -18.20 -16.04
N ASN C 284 26.32 -19.49 -16.34
CA ASN C 284 25.97 -20.57 -15.42
C ASN C 284 27.19 -21.07 -14.67
N ASN C 285 28.16 -20.19 -14.41
CA ASN C 285 29.41 -20.62 -13.77
C ASN C 285 29.18 -21.17 -12.38
N THR C 286 28.33 -20.50 -11.58
CA THR C 286 28.08 -20.97 -10.23
C THR C 286 27.20 -22.21 -10.25
N PRO C 287 27.46 -23.16 -9.34
CA PRO C 287 26.62 -24.37 -9.29
C PRO C 287 25.21 -24.04 -8.83
N TRP C 288 24.26 -24.87 -9.26
CA TRP C 288 22.86 -24.67 -8.92
C TRP C 288 22.66 -24.80 -7.41
N VAL C 289 21.77 -23.98 -6.87
CA VAL C 289 21.49 -23.94 -5.44
C VAL C 289 20.11 -24.56 -5.21
N ALA C 290 20.06 -25.61 -4.39
CA ALA C 290 18.79 -26.27 -4.10
C ALA C 290 17.94 -25.41 -3.19
N ASP C 291 16.69 -25.21 -3.56
CA ASP C 291 15.76 -24.41 -2.79
C ASP C 291 14.46 -25.15 -2.47
N GLY C 292 14.01 -26.04 -3.35
CA GLY C 292 12.75 -26.71 -3.18
C GLY C 292 11.60 -26.14 -3.98
N LEU C 293 11.86 -25.22 -4.91
CA LEU C 293 10.83 -24.60 -5.71
C LEU C 293 10.88 -24.98 -7.18
N ARG C 294 12.01 -25.51 -7.66
CA ARG C 294 12.20 -25.81 -9.08
C ARG C 294 12.45 -27.30 -9.25
N SER C 295 11.68 -27.93 -10.14
CA SER C 295 11.88 -29.34 -10.49
C SER C 295 12.82 -29.50 -11.67
N LEU C 296 13.30 -28.41 -12.27
CA LEU C 296 14.25 -28.48 -13.38
C LEU C 296 15.68 -28.35 -12.85
N GLY C 297 16.06 -29.31 -12.00
CA GLY C 297 17.37 -29.28 -11.39
C GLY C 297 18.51 -29.58 -12.35
N SER C 298 18.21 -30.15 -13.50
CA SER C 298 19.25 -30.48 -14.47
C SER C 298 19.86 -29.22 -15.07
N SER C 299 21.18 -29.22 -15.20
CA SER C 299 21.88 -28.10 -15.81
C SER C 299 21.64 -28.02 -17.31
N VAL C 300 21.14 -29.10 -17.93
CA VAL C 300 20.83 -29.08 -19.35
C VAL C 300 19.72 -28.08 -19.65
N ASP C 301 18.68 -28.07 -18.81
CA ASP C 301 17.59 -27.12 -19.01
C ASP C 301 18.07 -25.68 -18.74
N ARG C 302 18.95 -25.50 -17.76
CA ARG C 302 19.51 -24.18 -17.51
C ARG C 302 20.28 -23.67 -18.74
N LYS C 303 21.11 -24.54 -19.32
CA LYS C 303 21.86 -24.15 -20.51
C LYS C 303 20.94 -23.91 -21.70
N GLU C 304 19.86 -24.69 -21.81
CA GLU C 304 18.90 -24.48 -22.88
C GLU C 304 18.23 -23.12 -22.75
N PHE C 305 17.84 -22.75 -21.53
CA PHE C 305 17.23 -21.43 -21.32
C PHE C 305 18.24 -20.32 -21.56
N GLN C 306 19.51 -20.53 -21.19
CA GLN C 306 20.53 -19.53 -21.47
C GLN C 306 20.72 -19.32 -22.97
N ASN C 307 20.80 -20.42 -23.73
CA ASN C 307 20.95 -20.31 -25.18
C ASN C 307 19.72 -19.65 -25.81
N LEU C 308 18.52 -19.96 -25.29
CA LEU C 308 17.33 -19.34 -25.84
C LEU C 308 17.30 -17.85 -25.51
N LEU C 309 17.79 -17.47 -24.32
CA LEU C 309 17.97 -16.06 -24.00
C LEU C 309 18.90 -15.39 -24.99
N VAL C 310 20.02 -16.04 -25.31
CA VAL C 310 20.98 -15.45 -26.25
C VAL C 310 20.32 -15.26 -27.62
N GLU C 311 19.60 -16.28 -28.09
CA GLU C 311 19.03 -16.19 -29.44
C GLU C 311 17.90 -15.16 -29.49
N MET C 312 17.13 -15.03 -28.42
CA MET C 312 16.08 -14.02 -28.41
C MET C 312 16.64 -12.61 -28.22
N LEU C 313 17.76 -12.48 -27.52
CA LEU C 313 18.44 -11.20 -27.46
C LEU C 313 18.97 -10.79 -28.83
N GLU C 314 19.49 -11.76 -29.59
CA GLU C 314 19.98 -11.45 -30.93
C GLU C 314 18.84 -11.22 -31.92
N GLU C 315 17.68 -11.84 -31.69
CA GLU C 315 16.57 -11.71 -32.63
C GLU C 315 16.08 -10.26 -32.74
N ASN C 316 15.97 -9.57 -31.61
CA ASN C 316 15.56 -8.18 -31.59
C ASN C 316 16.75 -7.24 -31.68
N ASN C 317 17.96 -7.79 -31.87
CA ASN C 317 19.18 -7.00 -32.03
C ASN C 317 19.43 -6.12 -30.80
N ILE C 318 19.63 -6.78 -29.66
CA ILE C 318 19.90 -6.11 -28.40
C ILE C 318 21.31 -6.49 -27.97
N GLU C 319 22.16 -5.48 -27.76
CA GLU C 319 23.55 -5.72 -27.40
C GLU C 319 23.69 -5.99 -25.91
N PHE C 320 24.66 -6.83 -25.57
CA PHE C 320 24.86 -7.24 -24.19
C PHE C 320 26.32 -7.60 -23.97
N VAL C 321 26.68 -7.81 -22.71
CA VAL C 321 28.04 -8.16 -22.31
C VAL C 321 27.98 -9.44 -21.48
N ARG C 322 29.06 -10.21 -21.54
CA ARG C 322 29.15 -11.49 -20.85
C ARG C 322 30.21 -11.42 -19.75
N VAL C 323 29.83 -11.83 -18.54
CA VAL C 323 30.75 -11.90 -17.41
C VAL C 323 30.92 -13.38 -17.06
N GLU C 324 32.18 -13.84 -17.06
CA GLU C 324 32.46 -15.26 -16.98
C GLU C 324 33.28 -15.68 -15.76
N GLU C 325 33.62 -14.77 -14.86
CA GLU C 325 34.36 -15.15 -13.66
C GLU C 325 33.51 -16.02 -12.76
N GLU C 326 34.09 -17.12 -12.27
CA GLU C 326 33.36 -18.01 -11.37
C GLU C 326 33.12 -17.36 -10.02
N ASP C 327 34.12 -16.66 -9.48
CA ASP C 327 34.00 -16.06 -8.16
C ASP C 327 33.14 -14.80 -8.21
N TYR C 328 32.52 -14.50 -7.07
CA TYR C 328 31.56 -13.40 -6.97
C TYR C 328 32.27 -12.04 -6.92
N ASP C 329 33.40 -11.97 -6.23
CA ASP C 329 34.08 -10.68 -6.05
C ASP C 329 34.56 -10.12 -7.39
N SER C 330 35.14 -10.95 -8.25
CA SER C 330 35.60 -10.47 -9.55
C SER C 330 34.44 -10.06 -10.44
N ARG C 331 33.31 -10.78 -10.35
CA ARG C 331 32.14 -10.38 -11.12
C ARG C 331 31.61 -9.03 -10.65
N PHE C 332 31.59 -8.80 -9.34
CA PHE C 332 31.19 -7.48 -8.83
C PHE C 332 32.14 -6.41 -9.31
N LEU C 333 33.44 -6.69 -9.31
CA LEU C 333 34.42 -5.72 -9.79
C LEU C 333 34.23 -5.42 -11.27
N ARG C 334 33.97 -6.45 -12.08
CA ARG C 334 33.73 -6.22 -13.50
C ARG C 334 32.45 -5.42 -13.74
N CYS C 335 31.40 -5.69 -12.97
CA CYS C 335 30.18 -4.91 -13.11
C CYS C 335 30.41 -3.45 -12.74
N VAL C 336 31.18 -3.20 -11.67
CA VAL C 336 31.51 -1.83 -11.29
C VAL C 336 32.32 -1.16 -12.39
N GLU C 337 33.28 -1.89 -12.96
CA GLU C 337 34.10 -1.33 -14.04
C GLU C 337 33.27 -1.00 -15.27
N LEU C 338 32.34 -1.89 -15.64
CA LEU C 338 31.49 -1.63 -16.80
C LEU C 338 30.58 -0.43 -16.57
N VAL C 339 29.97 -0.34 -15.38
CA VAL C 339 29.11 0.79 -15.07
C VAL C 339 29.91 2.09 -15.07
N ARG C 340 31.12 2.06 -14.51
CA ARG C 340 31.95 3.25 -14.45
C ARG C 340 32.37 3.70 -15.85
N GLU C 341 32.72 2.76 -16.73
CA GLU C 341 33.03 3.13 -18.11
C GLU C 341 31.80 3.68 -18.82
N MET C 342 30.63 3.08 -18.61
CA MET C 342 29.41 3.56 -19.22
C MET C 342 29.02 4.94 -18.70
N MET C 343 29.46 5.30 -17.49
CA MET C 343 29.31 6.68 -17.03
C MET C 343 30.04 7.65 -17.96
N GLY C 344 31.24 7.26 -18.41
CA GLY C 344 31.98 8.04 -19.38
C GLY C 344 32.86 9.13 -18.81
N GLU C 345 32.86 9.33 -17.49
CA GLU C 345 33.63 10.39 -16.85
C GLU C 345 34.69 9.76 -15.96
N GLN C 346 35.96 9.97 -16.32
CA GLN C 346 37.08 9.53 -15.52
C GLN C 346 37.59 10.71 -14.68
N ARG C 347 38.32 10.39 -13.61
CA ARG C 347 38.88 11.41 -12.74
C ARG C 347 40.29 11.05 -12.30
N LYS D 1 33.98 -21.65 7.13
CA LYS D 1 33.95 -20.66 8.20
C LYS D 1 34.21 -19.28 7.63
N THR D 2 35.49 -18.89 7.55
CA THR D 2 35.93 -17.66 6.90
C THR D 2 35.21 -16.44 7.48
N ILE D 3 35.49 -16.18 8.75
CA ILE D 3 34.88 -15.07 9.45
C ILE D 3 35.70 -13.81 9.21
N GLY D 4 35.03 -12.72 8.86
CA GLY D 4 35.69 -11.44 8.61
C GLY D 4 35.17 -10.38 9.56
N VAL D 5 36.08 -9.54 10.04
CA VAL D 5 35.77 -8.52 11.04
C VAL D 5 36.19 -7.17 10.51
N VAL D 6 35.30 -6.18 10.66
CA VAL D 6 35.56 -4.80 10.26
C VAL D 6 35.40 -3.93 11.49
N PHE D 7 36.38 -3.05 11.74
CA PHE D 7 36.35 -2.12 12.85
C PHE D 7 36.15 -0.70 12.33
N GLY D 8 35.48 0.12 13.13
CA GLY D 8 35.29 1.50 12.79
C GLY D 8 34.24 2.20 13.63
N LYS D 9 34.40 3.50 13.85
CA LYS D 9 33.37 4.25 14.56
C LYS D 9 32.20 4.63 13.67
N PHE D 10 32.39 4.62 12.35
CA PHE D 10 31.31 4.83 11.36
C PHE D 10 30.47 6.04 11.73
N TYR D 11 31.14 7.15 12.03
CA TYR D 11 30.50 8.32 12.62
C TYR D 11 30.82 9.55 11.78
N PRO D 12 30.05 9.81 10.71
CA PRO D 12 28.94 8.99 10.19
C PRO D 12 29.38 7.93 9.18
N LEU D 13 28.48 7.01 8.87
CA LEU D 13 28.70 6.01 7.85
C LEU D 13 28.50 6.61 6.47
N HIS D 14 29.45 6.37 5.56
CA HIS D 14 29.36 6.89 4.19
C HIS D 14 29.64 5.76 3.20
N THR D 15 29.57 6.09 1.91
CA THR D 15 29.64 5.09 0.85
C THR D 15 31.01 4.45 0.73
N GLY D 16 32.06 5.08 1.24
CA GLY D 16 33.35 4.42 1.30
C GLY D 16 33.34 3.25 2.25
N HIS D 17 32.72 3.41 3.42
CA HIS D 17 32.53 2.31 4.34
C HIS D 17 31.66 1.22 3.72
N ILE D 18 30.61 1.62 3.00
CA ILE D 18 29.74 0.63 2.35
C ILE D 18 30.51 -0.16 1.31
N TYR D 19 31.31 0.52 0.49
CA TYR D 19 32.13 -0.18 -0.50
C TYR D 19 33.11 -1.13 0.17
N LEU D 20 33.75 -0.69 1.27
CA LEU D 20 34.63 -1.58 2.01
C LEU D 20 33.90 -2.82 2.49
N ILE D 21 32.75 -2.63 3.14
CA ILE D 21 32.05 -3.75 3.77
C ILE D 21 31.50 -4.70 2.71
N GLN D 22 31.02 -4.18 1.58
CA GLN D 22 30.47 -5.05 0.56
C GLN D 22 31.54 -5.65 -0.36
N ARG D 23 32.76 -5.11 -0.35
CA ARG D 23 33.88 -5.84 -0.94
C ARG D 23 34.36 -6.94 -0.01
N ALA D 24 34.27 -6.73 1.30
CA ALA D 24 34.70 -7.75 2.25
C ALA D 24 33.68 -8.87 2.38
N CYS D 25 32.40 -8.56 2.30
CA CYS D 25 31.36 -9.56 2.59
C CYS D 25 31.23 -10.58 1.48
N SER D 26 31.54 -10.21 0.23
CA SER D 26 31.52 -11.18 -0.85
C SER D 26 32.67 -12.18 -0.73
N GLN D 27 33.71 -11.85 0.04
CA GLN D 27 34.88 -12.70 0.19
C GLN D 27 34.83 -13.59 1.43
N VAL D 28 33.81 -13.44 2.28
CA VAL D 28 33.71 -14.22 3.51
C VAL D 28 32.29 -14.76 3.64
N ASP D 29 32.15 -15.87 4.36
CA ASP D 29 30.84 -16.46 4.59
C ASP D 29 30.03 -15.69 5.61
N GLU D 30 30.69 -14.99 6.53
CA GLU D 30 30.00 -14.19 7.54
C GLU D 30 30.91 -13.05 7.96
N LEU D 31 30.36 -11.84 7.97
CA LEU D 31 31.09 -10.64 8.33
C LEU D 31 30.54 -10.06 9.63
N HIS D 32 31.44 -9.66 10.52
CA HIS D 32 31.06 -9.04 11.79
C HIS D 32 31.57 -7.61 11.82
N ILE D 33 30.68 -6.69 12.20
CA ILE D 33 31.02 -5.28 12.37
C ILE D 33 30.95 -4.98 13.87
N ILE D 34 31.96 -4.28 14.37
CA ILE D 34 32.00 -3.89 15.78
C ILE D 34 32.24 -2.39 15.86
N MET D 35 31.27 -1.67 16.40
CA MET D 35 31.36 -0.22 16.58
C MET D 35 31.76 0.08 18.02
N GLY D 36 32.93 0.67 18.20
CA GLY D 36 33.35 1.14 19.52
C GLY D 36 32.88 2.58 19.75
N PHE D 37 32.43 2.84 20.97
CA PHE D 37 31.90 4.16 21.31
C PHE D 37 32.47 4.65 22.64
N ASP D 38 32.63 5.97 22.72
CA ASP D 38 32.99 6.65 23.96
C ASP D 38 32.11 7.90 24.06
N ASP D 39 31.49 8.10 25.23
CA ASP D 39 30.45 9.11 25.35
C ASP D 39 31.01 10.52 25.17
N THR D 40 32.11 10.84 25.86
CA THR D 40 32.65 12.20 25.79
C THR D 40 33.23 12.49 24.42
N ARG D 41 33.97 11.55 23.85
CA ARG D 41 34.55 11.74 22.52
C ARG D 41 33.45 11.94 21.48
N ASP D 42 32.40 11.12 21.52
CA ASP D 42 31.31 11.26 20.57
C ASP D 42 30.56 12.56 20.78
N ARG D 43 30.38 12.98 22.03
CA ARG D 43 29.73 14.27 22.30
C ARG D 43 30.55 15.42 21.72
N ALA D 44 31.86 15.39 21.90
CA ALA D 44 32.71 16.43 21.32
C ALA D 44 32.65 16.41 19.80
N LEU D 45 32.67 15.22 19.20
CA LEU D 45 32.59 15.10 17.75
C LEU D 45 31.28 15.66 17.22
N PHE D 46 30.17 15.36 17.90
CA PHE D 46 28.90 15.94 17.50
C PHE D 46 28.90 17.45 17.65
N GLU D 47 29.52 17.96 18.73
CA GLU D 47 29.57 19.40 18.94
C GLU D 47 30.33 20.10 17.83
N ASP D 48 31.46 19.53 17.40
CA ASP D 48 32.28 20.17 16.39
C ASP D 48 31.76 19.95 14.97
N SER D 49 30.78 19.08 14.77
CA SER D 49 30.27 18.75 13.45
C SER D 49 29.08 19.67 13.11
N ALA D 50 28.39 19.34 12.01
CA ALA D 50 27.23 20.11 11.55
C ALA D 50 25.97 19.26 11.50
N MET D 51 25.93 18.17 12.25
CA MET D 51 24.76 17.31 12.28
C MET D 51 23.58 18.02 12.94
N SER D 52 22.37 17.74 12.44
CA SER D 52 21.17 18.35 13.01
C SER D 52 20.81 17.72 14.35
N GLN D 53 20.98 16.41 14.48
CA GLN D 53 20.61 15.69 15.70
C GLN D 53 21.77 14.81 16.14
N GLN D 54 21.85 14.59 17.45
CA GLN D 54 22.93 13.77 18.00
C GLN D 54 22.52 12.31 17.99
N PRO D 55 23.27 11.44 17.31
CA PRO D 55 22.94 10.01 17.34
C PRO D 55 23.26 9.38 18.67
N THR D 56 22.53 8.33 19.00
CA THR D 56 22.84 7.47 20.13
C THR D 56 23.40 6.14 19.61
N VAL D 57 23.89 5.33 20.53
CA VAL D 57 24.39 4.01 20.15
C VAL D 57 23.32 3.19 19.44
N PRO D 58 22.07 3.11 19.92
CA PRO D 58 21.03 2.43 19.14
C PRO D 58 20.79 3.06 17.78
N ASP D 59 20.92 4.38 17.64
CA ASP D 59 20.66 5.02 16.35
C ASP D 59 21.71 4.62 15.31
N ARG D 60 22.97 4.62 15.68
CA ARG D 60 24.01 4.20 14.73
C ARG D 60 23.95 2.69 14.48
N LEU D 61 23.59 1.92 15.50
CA LEU D 61 23.27 0.51 15.28
C LEU D 61 22.18 0.37 14.23
N ARG D 62 21.16 1.24 14.29
CA ARG D 62 20.09 1.21 13.30
C ARG D 62 20.59 1.56 11.91
N TRP D 63 21.49 2.55 11.82
CA TRP D 63 22.15 2.84 10.55
C TRP D 63 22.73 1.59 9.94
N LEU D 64 23.63 0.94 10.68
CA LEU D 64 24.33 -0.22 10.15
C LEU D 64 23.39 -1.39 9.89
N LEU D 65 22.32 -1.51 10.68
CA LEU D 65 21.39 -2.62 10.50
C LEU D 65 20.50 -2.43 9.28
N GLN D 66 20.05 -1.20 9.04
CA GLN D 66 19.19 -0.94 7.89
C GLN D 66 19.98 -0.90 6.59
N THR D 67 21.27 -0.55 6.63
CA THR D 67 22.04 -0.53 5.39
C THR D 67 22.17 -1.93 4.78
N PHE D 68 22.49 -2.92 5.59
CA PHE D 68 22.73 -4.29 5.13
C PHE D 68 21.56 -5.21 5.38
N LYS D 69 20.33 -4.68 5.22
CA LYS D 69 19.14 -5.46 5.55
C LYS D 69 19.00 -6.70 4.67
N TYR D 70 19.29 -6.58 3.38
CA TYR D 70 19.13 -7.69 2.45
C TYR D 70 20.42 -8.48 2.24
N GLN D 71 21.47 -8.19 3.01
CA GLN D 71 22.68 -9.00 3.04
C GLN D 71 22.64 -9.83 4.32
N LYS D 72 22.47 -11.14 4.17
CA LYS D 72 22.12 -12.01 5.30
C LYS D 72 23.33 -12.52 6.08
N ASN D 73 24.55 -12.16 5.67
CA ASN D 73 25.76 -12.65 6.32
C ASN D 73 26.54 -11.54 7.03
N ILE D 74 25.84 -10.57 7.59
CA ILE D 74 26.47 -9.45 8.29
C ILE D 74 25.82 -9.29 9.66
N ARG D 75 26.65 -9.31 10.70
CA ARG D 75 26.22 -9.11 12.08
C ARG D 75 26.85 -7.83 12.62
N ILE D 76 26.20 -7.23 13.62
CA ILE D 76 26.59 -5.91 14.13
C ILE D 76 26.62 -5.95 15.65
N HIS D 77 27.68 -5.41 16.24
CA HIS D 77 27.86 -5.34 17.68
C HIS D 77 28.35 -3.96 18.08
N ALA D 78 28.14 -3.62 19.35
CA ALA D 78 28.58 -2.35 19.92
C ALA D 78 29.47 -2.62 21.12
N PHE D 79 30.53 -1.84 21.25
CA PHE D 79 31.57 -2.06 22.26
C PHE D 79 31.87 -0.74 22.96
N ASN D 80 32.16 -0.82 24.25
CA ASN D 80 32.37 0.35 25.09
C ASN D 80 33.85 0.46 25.44
N GLU D 81 34.39 1.67 25.32
CA GLU D 81 35.79 1.97 25.59
C GLU D 81 35.92 3.17 26.52
N GLU D 82 35.18 3.14 27.62
CA GLU D 82 35.27 4.21 28.60
C GLU D 82 36.64 4.23 29.26
N GLY D 83 37.12 5.44 29.58
CA GLY D 83 38.42 5.58 30.22
C GLY D 83 39.58 5.13 29.36
N MET D 84 39.57 5.48 28.08
CA MET D 84 40.61 5.08 27.14
C MET D 84 41.28 6.33 26.57
N GLU D 85 42.61 6.33 26.58
CA GLU D 85 43.35 7.38 25.91
C GLU D 85 43.19 7.21 24.40
N PRO D 86 42.98 8.29 23.65
CA PRO D 86 42.63 8.16 22.23
C PRO D 86 43.74 7.59 21.36
N TYR D 87 43.41 7.41 20.08
CA TYR D 87 44.34 6.88 19.10
C TYR D 87 45.45 7.91 18.85
N PRO D 88 46.70 7.46 18.59
CA PRO D 88 47.15 6.07 18.54
C PRO D 88 48.02 5.63 19.72
N HIS D 89 47.70 6.09 20.93
CA HIS D 89 48.44 5.68 22.11
C HIS D 89 47.68 4.71 22.99
N GLY D 90 46.37 4.57 22.80
CA GLY D 90 45.59 3.59 23.54
C GLY D 90 45.47 2.28 22.78
N TRP D 91 46.59 1.78 22.25
CA TRP D 91 46.61 0.56 21.47
C TRP D 91 46.77 -0.70 22.30
N ASP D 92 46.95 -0.57 23.62
CA ASP D 92 47.22 -1.72 24.48
C ASP D 92 45.96 -2.22 25.17
N VAL D 93 45.29 -1.35 25.92
CA VAL D 93 44.09 -1.75 26.65
C VAL D 93 42.93 -1.99 25.67
N TRP D 94 42.91 -1.27 24.55
CA TRP D 94 41.85 -1.44 23.56
C TRP D 94 41.86 -2.86 22.99
N SER D 95 43.05 -3.39 22.72
CA SER D 95 43.13 -4.76 22.20
C SER D 95 42.59 -5.77 23.22
N ASN D 96 42.92 -5.58 24.50
CA ASN D 96 42.40 -6.47 25.53
C ASN D 96 40.88 -6.36 25.63
N GLY D 97 40.34 -5.14 25.56
CA GLY D 97 38.91 -4.98 25.60
C GLY D 97 38.21 -5.65 24.43
N ILE D 98 38.78 -5.51 23.24
CA ILE D 98 38.21 -6.15 22.06
C ILE D 98 38.30 -7.66 22.17
N LYS D 99 39.39 -8.18 22.73
CA LYS D 99 39.51 -9.63 22.92
C LYS D 99 38.46 -10.15 23.89
N LYS D 100 38.24 -9.42 24.99
CA LYS D 100 37.20 -9.81 25.93
C LYS D 100 35.81 -9.74 25.28
N PHE D 101 35.58 -8.72 24.46
CA PHE D 101 34.32 -8.61 23.73
C PHE D 101 34.13 -9.78 22.78
N MET D 102 35.21 -10.18 22.08
CA MET D 102 35.16 -11.36 21.23
C MET D 102 34.77 -12.59 22.04
N ALA D 103 35.40 -12.76 23.20
CA ALA D 103 35.10 -13.92 24.05
C ALA D 103 33.63 -13.93 24.47
N GLU D 104 33.12 -12.76 24.88
CA GLU D 104 31.72 -12.69 25.30
C GLU D 104 30.77 -12.99 24.14
N LYS D 105 31.04 -12.43 22.96
CA LYS D 105 30.15 -12.61 21.82
C LYS D 105 30.39 -13.90 21.06
N GLY D 106 31.42 -14.67 21.41
CA GLY D 106 31.65 -15.94 20.77
C GLY D 106 32.25 -15.89 19.39
N ILE D 107 32.69 -14.72 18.94
CA ILE D 107 33.29 -14.58 17.62
C ILE D 107 34.68 -15.19 17.62
N GLN D 108 35.01 -15.89 16.53
CA GLN D 108 36.33 -16.47 16.30
C GLN D 108 36.81 -15.95 14.97
N PRO D 109 37.31 -14.72 14.92
CA PRO D 109 37.65 -14.10 13.63
C PRO D 109 38.81 -14.81 12.94
N ASP D 110 38.76 -14.81 11.61
CA ASP D 110 39.82 -15.35 10.78
C ASP D 110 40.51 -14.29 9.94
N LEU D 111 39.79 -13.26 9.51
CA LEU D 111 40.38 -12.16 8.75
C LEU D 111 39.84 -10.84 9.26
N ILE D 112 40.69 -9.82 9.23
CA ILE D 112 40.30 -8.44 9.56
C ILE D 112 40.44 -7.61 8.29
N TYR D 113 39.38 -6.91 7.93
CA TYR D 113 39.35 -6.11 6.71
C TYR D 113 39.45 -4.64 7.06
N THR D 114 40.37 -3.94 6.41
CA THR D 114 40.67 -2.55 6.72
C THR D 114 41.20 -1.85 5.48
N SER D 115 41.24 -0.52 5.55
CA SER D 115 41.76 0.29 4.45
C SER D 115 42.85 1.26 4.92
N GLU D 116 43.65 0.88 5.91
CA GLU D 116 44.74 1.70 6.41
C GLU D 116 46.04 0.91 6.26
N GLU D 117 47.05 1.55 5.66
CA GLU D 117 48.33 0.88 5.44
C GLU D 117 49.13 0.75 6.73
N ALA D 118 49.14 1.78 7.57
CA ALA D 118 49.93 1.74 8.79
C ALA D 118 49.29 0.86 9.86
N ASP D 119 47.97 0.75 9.86
CA ASP D 119 47.29 -0.01 10.90
C ASP D 119 47.42 -1.51 10.71
N ALA D 120 47.69 -1.97 9.48
CA ALA D 120 47.78 -3.42 9.24
C ALA D 120 48.89 -4.09 10.04
N PRO D 121 50.15 -3.61 10.04
CA PRO D 121 51.13 -4.24 10.93
C PRO D 121 50.76 -4.11 12.40
N GLN D 122 50.14 -2.99 12.79
CA GLN D 122 49.72 -2.83 14.17
C GLN D 122 48.63 -3.82 14.54
N TYR D 123 47.66 -4.02 13.63
CA TYR D 123 46.62 -5.02 13.84
C TYR D 123 47.23 -6.41 13.97
N MET D 124 48.16 -6.76 13.08
CA MET D 124 48.79 -8.06 13.14
C MET D 124 49.57 -8.25 14.43
N GLU D 125 50.22 -7.19 14.92
CA GLU D 125 51.02 -7.31 16.13
C GLU D 125 50.15 -7.45 17.37
N HIS D 126 49.10 -6.64 17.49
CA HIS D 126 48.26 -6.69 18.70
C HIS D 126 47.21 -7.79 18.63
N LEU D 127 46.29 -7.73 17.67
CA LEU D 127 45.21 -8.70 17.62
C LEU D 127 45.64 -10.06 17.10
N GLY D 128 46.81 -10.15 16.46
CA GLY D 128 47.29 -11.43 15.98
C GLY D 128 46.45 -12.05 14.89
N ILE D 129 45.73 -11.23 14.12
CA ILE D 129 44.86 -11.69 13.05
C ILE D 129 45.33 -11.07 11.75
N GLU D 130 45.45 -11.90 10.71
CA GLU D 130 45.88 -11.42 9.41
C GLU D 130 44.88 -10.40 8.86
N THR D 131 45.41 -9.34 8.24
CA THR D 131 44.60 -8.25 7.73
C THR D 131 44.68 -8.18 6.21
N VAL D 132 43.59 -7.70 5.60
CA VAL D 132 43.49 -7.57 4.16
C VAL D 132 43.18 -6.11 3.84
N LEU D 133 44.01 -5.50 3.00
CA LEU D 133 43.82 -4.11 2.60
C LEU D 133 42.90 -4.05 1.38
N VAL D 134 41.85 -3.23 1.48
CA VAL D 134 40.89 -3.04 0.40
C VAL D 134 40.92 -1.57 0.00
N ASP D 135 41.13 -1.31 -1.28
CA ASP D 135 41.20 0.04 -1.83
C ASP D 135 42.17 0.93 -1.05
N PRO D 136 43.44 0.54 -0.94
CA PRO D 136 44.39 1.34 -0.14
C PRO D 136 44.62 2.73 -0.70
N LYS D 137 44.46 2.92 -2.00
CA LYS D 137 44.61 4.23 -2.62
C LYS D 137 43.30 5.01 -2.67
N ARG D 138 42.20 4.43 -2.20
CA ARG D 138 40.90 5.09 -2.15
C ARG D 138 40.46 5.55 -3.56
N THR D 139 40.47 4.60 -4.49
CA THR D 139 40.12 4.93 -5.87
C THR D 139 38.62 5.15 -6.03
N PHE D 140 37.80 4.30 -5.40
CA PHE D 140 36.35 4.43 -5.55
C PHE D 140 35.84 5.68 -4.86
N MET D 141 36.26 5.91 -3.62
CA MET D 141 35.88 7.11 -2.87
C MET D 141 37.08 7.65 -2.14
N SER D 142 37.31 8.96 -2.24
CA SER D 142 38.43 9.61 -1.60
C SER D 142 38.00 10.62 -0.55
N ILE D 143 36.70 10.86 -0.38
CA ILE D 143 36.22 11.81 0.62
C ILE D 143 36.31 11.19 2.00
N SER D 144 36.75 11.99 2.97
CA SER D 144 36.92 11.54 4.34
C SER D 144 35.71 11.91 5.20
N GLY D 145 35.63 11.27 6.36
CA GLY D 145 34.52 11.51 7.26
C GLY D 145 34.50 12.93 7.82
N ALA D 146 35.67 13.51 8.06
CA ALA D 146 35.73 14.87 8.58
C ALA D 146 35.15 15.88 7.59
N GLN D 147 35.47 15.70 6.30
CA GLN D 147 34.92 16.59 5.28
C GLN D 147 33.40 16.46 5.20
N ILE D 148 32.88 15.26 5.43
CA ILE D 148 31.43 15.07 5.43
C ILE D 148 30.80 15.72 6.66
N ARG D 149 31.43 15.58 7.83
CA ARG D 149 30.90 16.19 9.03
C ARG D 149 30.90 17.72 8.94
N GLU D 150 31.97 18.29 8.40
CA GLU D 150 32.05 19.75 8.30
C GLU D 150 31.10 20.29 7.25
N ASN D 151 31.10 19.71 6.06
CA ASN D 151 30.26 20.15 4.95
C ASN D 151 29.53 18.94 4.37
N PRO D 152 28.36 18.58 4.93
CA PRO D 152 27.62 17.43 4.40
C PRO D 152 26.86 17.72 3.11
N PHE D 153 26.54 18.97 2.82
CA PHE D 153 25.72 19.29 1.66
C PHE D 153 26.51 19.35 0.36
N ARG D 154 27.84 19.30 0.42
CA ARG D 154 28.65 19.24 -0.78
C ARG D 154 29.00 17.79 -1.15
N TYR D 155 28.89 16.88 -0.21
CA TYR D 155 29.07 15.45 -0.45
C TYR D 155 27.78 14.69 -0.16
N TRP D 156 26.65 15.25 -0.59
CA TRP D 156 25.35 14.67 -0.26
C TRP D 156 25.14 13.33 -0.94
N GLU D 157 25.81 13.08 -2.06
CA GLU D 157 25.65 11.82 -2.78
C GLU D 157 26.38 10.65 -2.12
N TYR D 158 27.14 10.91 -1.06
CA TYR D 158 27.89 9.87 -0.37
C TYR D 158 27.27 9.49 0.97
N ILE D 159 26.18 10.14 1.37
CA ILE D 159 25.53 9.89 2.65
C ILE D 159 24.37 8.93 2.41
N PRO D 160 24.36 7.75 3.02
CA PRO D 160 23.28 6.78 2.78
C PRO D 160 21.95 7.31 3.31
N THR D 161 20.89 6.61 2.91
CA THR D 161 19.54 7.00 3.32
C THR D 161 19.27 6.72 4.79
N GLU D 162 20.01 5.80 5.40
CA GLU D 162 19.86 5.55 6.83
C GLU D 162 20.52 6.64 7.67
N VAL D 163 21.65 7.17 7.21
CA VAL D 163 22.37 8.19 7.94
C VAL D 163 21.78 9.58 7.69
N LYS D 164 21.01 9.73 6.62
CA LYS D 164 20.48 11.05 6.24
C LYS D 164 19.65 11.74 7.31
N PRO D 165 18.81 11.06 8.10
CA PRO D 165 17.97 11.81 9.06
C PRO D 165 18.73 12.70 10.03
N PHE D 166 19.97 12.35 10.37
CA PHE D 166 20.76 13.16 11.27
C PHE D 166 21.52 14.28 10.57
N PHE D 167 21.34 14.43 9.26
CA PHE D 167 21.90 15.54 8.51
C PHE D 167 20.86 16.44 7.86
N VAL D 168 19.62 15.99 7.72
CA VAL D 168 18.59 16.76 7.05
C VAL D 168 18.12 17.88 7.97
N ARG D 169 18.05 19.10 7.43
CA ARG D 169 17.54 20.25 8.17
C ARG D 169 16.03 20.30 7.98
N THR D 170 15.29 19.75 8.94
CA THR D 170 13.84 19.67 8.83
C THR D 170 13.21 21.02 9.15
N VAL D 171 12.27 21.44 8.33
CA VAL D 171 11.53 22.68 8.51
C VAL D 171 10.08 22.34 8.80
N ALA D 172 9.55 22.87 9.89
CA ALA D 172 8.16 22.67 10.27
C ALA D 172 7.41 23.98 10.12
N ILE D 173 6.31 23.95 9.37
CA ILE D 173 5.48 25.12 9.13
C ILE D 173 4.20 24.98 9.94
N LEU D 174 3.84 26.01 10.67
CA LEU D 174 2.62 26.06 11.46
C LEU D 174 1.75 27.21 10.99
N GLY D 175 0.45 26.95 10.85
CA GLY D 175 -0.46 27.96 10.36
C GLY D 175 -1.86 27.71 10.82
N GLY D 176 -2.70 28.74 10.66
CA GLY D 176 -4.08 28.66 11.07
C GLY D 176 -4.91 27.80 10.13
N GLU D 177 -6.17 27.64 10.50
CA GLU D 177 -7.10 26.86 9.70
C GLU D 177 -7.31 27.53 8.35
N SER D 178 -7.13 26.76 7.27
CA SER D 178 -7.30 27.24 5.90
C SER D 178 -6.42 28.47 5.63
N SER D 179 -5.18 28.43 6.12
CA SER D 179 -4.22 29.49 5.87
C SER D 179 -3.38 29.27 4.63
N GLY D 180 -3.52 28.12 3.98
CA GLY D 180 -2.77 27.84 2.77
C GLY D 180 -1.35 27.35 3.00
N LYS D 181 -1.10 26.69 4.14
CA LYS D 181 0.25 26.22 4.43
C LYS D 181 0.63 24.99 3.61
N SER D 182 -0.35 24.18 3.20
CA SER D 182 -0.05 22.98 2.42
C SER D 182 0.51 23.35 1.05
N THR D 183 -0.07 24.35 0.39
CA THR D 183 0.44 24.80 -0.90
C THR D 183 1.83 25.41 -0.75
N LEU D 184 2.07 26.13 0.35
CA LEU D 184 3.40 26.68 0.59
C LEU D 184 4.43 25.58 0.79
N VAL D 185 4.07 24.54 1.55
CA VAL D 185 4.98 23.40 1.73
C VAL D 185 5.26 22.73 0.39
N ASN D 186 4.23 22.59 -0.45
CA ASN D 186 4.41 21.97 -1.76
C ASN D 186 5.34 22.81 -2.64
N LYS D 187 5.15 24.13 -2.64
CA LYS D 187 6.02 24.99 -3.45
C LYS D 187 7.45 24.94 -2.97
N LEU D 188 7.67 24.94 -1.65
CA LEU D 188 9.02 24.86 -1.11
C LEU D 188 9.68 23.53 -1.46
N ALA D 189 8.91 22.44 -1.41
CA ALA D 189 9.46 21.15 -1.81
C ALA D 189 9.73 21.09 -3.31
N ASN D 190 8.96 21.84 -4.10
CA ASN D 190 9.16 21.85 -5.54
C ASN D 190 10.43 22.60 -5.93
N ILE D 191 10.56 23.85 -5.48
CA ILE D 191 11.70 24.66 -5.91
C ILE D 191 13.00 24.12 -5.33
N PHE D 192 12.94 23.42 -4.20
CA PHE D 192 14.13 22.82 -3.61
C PHE D 192 14.36 21.39 -4.05
N ASN D 193 13.44 20.82 -4.85
CA ASN D 193 13.60 19.49 -5.42
C ASN D 193 13.77 18.42 -4.33
N THR D 194 12.87 18.46 -3.34
CA THR D 194 12.99 17.60 -2.17
C THR D 194 11.61 17.07 -1.81
N THR D 195 11.52 16.40 -0.67
CA THR D 195 10.29 15.77 -0.20
C THR D 195 9.57 16.65 0.81
N SER D 196 8.36 16.20 1.18
CA SER D 196 7.54 16.90 2.15
C SER D 196 6.66 15.89 2.86
N ALA D 197 6.06 16.32 3.97
CA ALA D 197 5.16 15.48 4.76
C ALA D 197 3.86 16.23 4.98
N TRP D 198 2.75 15.56 4.68
CA TRP D 198 1.42 16.15 4.84
C TRP D 198 0.89 15.93 6.25
N GLU D 199 -0.16 16.66 6.59
CA GLU D 199 -0.80 16.52 7.88
C GLU D 199 -1.62 15.24 7.91
N TYR D 200 -1.21 14.28 8.74
CA TYR D 200 -1.88 12.99 8.81
C TYR D 200 -3.26 13.09 9.47
N GLY D 201 -3.55 14.19 10.16
CA GLY D 201 -4.84 14.32 10.83
C GLY D 201 -6.01 14.30 9.87
N ARG D 202 -5.90 15.03 8.75
CA ARG D 202 -6.97 15.04 7.76
C ARG D 202 -7.17 13.64 7.16
N ASP D 203 -6.06 12.95 6.86
CA ASP D 203 -6.16 11.61 6.31
C ASP D 203 -6.86 10.67 7.29
N TYR D 204 -6.48 10.75 8.58
CA TYR D 204 -7.10 9.90 9.59
C TYR D 204 -8.58 10.22 9.72
N VAL D 205 -8.93 11.50 9.72
CA VAL D 205 -10.33 11.88 9.86
C VAL D 205 -11.16 11.32 8.72
N PHE D 206 -10.66 11.43 7.48
CA PHE D 206 -11.44 10.92 6.36
C PHE D 206 -11.49 9.39 6.36
N SER D 207 -10.38 8.74 6.68
CA SER D 207 -10.32 7.28 6.55
C SER D 207 -10.83 6.55 7.79
N HIS D 208 -11.22 7.24 8.84
CA HIS D 208 -11.75 6.58 10.03
C HIS D 208 -13.04 7.18 10.56
N LEU D 209 -13.39 8.43 10.22
CA LEU D 209 -14.59 9.06 10.74
C LEU D 209 -15.51 9.56 9.64
N GLY D 210 -15.37 9.02 8.42
CA GLY D 210 -16.21 9.45 7.33
C GLY D 210 -16.03 10.88 6.88
N GLY D 211 -14.95 11.54 7.31
CA GLY D 211 -14.69 12.90 6.92
C GLY D 211 -15.19 13.98 7.85
N ASP D 212 -15.76 13.62 9.00
CA ASP D 212 -16.26 14.58 9.96
C ASP D 212 -15.60 14.37 11.31
N GLU D 213 -15.26 15.46 11.99
CA GLU D 213 -14.55 15.43 13.25
C GLU D 213 -15.49 15.33 14.45
N ILE D 214 -16.79 15.18 14.23
CA ILE D 214 -17.74 15.07 15.33
C ILE D 214 -17.44 13.84 16.19
N ALA D 215 -17.03 12.75 15.54
CA ALA D 215 -16.79 11.49 16.22
C ALA D 215 -15.36 11.34 16.73
N LEU D 216 -14.65 12.45 16.93
CA LEU D 216 -13.30 12.41 17.45
C LEU D 216 -13.33 12.35 18.98
N GLN D 217 -12.51 11.47 19.56
CA GLN D 217 -12.47 11.26 20.99
C GLN D 217 -11.03 11.29 21.47
N TYR D 218 -10.86 11.26 22.80
CA TYR D 218 -9.55 11.34 23.40
C TYR D 218 -8.62 10.23 22.90
N SER D 219 -9.08 8.99 22.93
CA SER D 219 -8.22 7.87 22.58
C SER D 219 -7.76 7.94 21.14
N ASP D 220 -8.52 8.62 20.29
CA ASP D 220 -8.10 8.81 18.90
C ASP D 220 -6.90 9.73 18.80
N TYR D 221 -6.84 10.76 19.64
CA TYR D 221 -5.83 11.81 19.50
C TYR D 221 -4.41 11.32 19.67
N ASP D 222 -4.20 10.05 19.97
CA ASP D 222 -2.86 9.50 20.07
C ASP D 222 -2.45 8.71 18.84
N LYS D 223 -3.40 8.19 18.08
CA LYS D 223 -3.06 7.57 16.80
C LYS D 223 -2.59 8.63 15.82
N ILE D 224 -3.36 9.71 15.68
CA ILE D 224 -3.04 10.80 14.75
C ILE D 224 -1.59 11.21 14.90
N ALA D 225 -1.20 11.61 16.11
CA ALA D 225 0.17 12.04 16.35
C ALA D 225 1.16 11.00 15.88
N LEU D 226 0.96 9.74 16.29
CA LEU D 226 1.87 8.69 15.85
C LEU D 226 1.89 8.58 14.34
N GLY D 227 0.70 8.61 13.73
CA GLY D 227 0.64 8.58 12.27
C GLY D 227 1.40 9.72 11.65
N HIS D 228 1.30 10.92 12.25
CA HIS D 228 2.04 12.06 11.73
C HIS D 228 3.52 11.76 11.70
N ALA D 229 4.04 11.13 12.75
CA ALA D 229 5.45 10.79 12.79
C ALA D 229 5.83 9.88 11.63
N GLN D 230 4.93 8.95 11.29
CA GLN D 230 5.23 8.03 10.19
C GLN D 230 5.41 8.77 8.88
N TYR D 231 4.78 9.94 8.72
CA TYR D 231 5.03 10.75 7.55
C TYR D 231 6.39 11.43 7.64
N ILE D 232 6.72 11.96 8.82
CA ILE D 232 7.98 12.69 8.98
C ILE D 232 9.15 11.78 8.67
N ASP D 233 9.13 10.57 9.24
CA ASP D 233 10.19 9.60 8.97
C ASP D 233 10.38 9.38 7.49
N PHE D 234 9.30 9.43 6.72
CA PHE D 234 9.42 9.28 5.27
C PHE D 234 10.11 10.50 4.66
N ALA D 235 9.65 11.69 5.01
CA ALA D 235 10.14 12.90 4.34
C ALA D 235 11.62 13.11 4.58
N VAL D 236 12.10 12.78 5.78
CA VAL D 236 13.51 12.92 6.11
C VAL D 236 14.35 11.80 5.51
N LYS D 237 13.73 10.66 5.16
CA LYS D 237 14.50 9.54 4.62
C LYS D 237 14.89 9.76 3.16
N TYR D 238 14.22 10.67 2.45
CA TYR D 238 14.44 10.86 1.02
C TYR D 238 14.63 12.33 0.67
N ALA D 239 14.95 13.18 1.64
CA ALA D 239 15.03 14.61 1.42
C ALA D 239 16.28 14.97 0.63
N ASN D 240 16.19 16.12 -0.06
CA ASN D 240 17.33 16.71 -0.75
C ASN D 240 17.88 17.83 0.12
N LYS D 241 18.59 17.42 1.18
CA LYS D 241 19.30 18.30 2.12
C LYS D 241 18.35 19.07 3.03
N VAL D 242 17.05 18.96 2.79
CA VAL D 242 16.06 19.67 3.58
C VAL D 242 14.71 19.00 3.38
N ALA D 243 13.95 18.88 4.47
CA ALA D 243 12.62 18.31 4.43
C ALA D 243 11.65 19.29 5.06
N PHE D 244 10.42 19.30 4.55
CA PHE D 244 9.39 20.25 4.97
C PHE D 244 8.24 19.49 5.61
N ILE D 245 7.76 20.01 6.74
CA ILE D 245 6.76 19.34 7.56
C ILE D 245 5.56 20.27 7.68
N ASP D 246 4.37 19.73 7.41
CA ASP D 246 3.17 20.56 7.32
C ASP D 246 2.64 20.98 8.69
N THR D 247 2.89 20.21 9.75
CA THR D 247 2.32 20.51 11.04
C THR D 247 3.14 19.81 12.12
N ASP D 248 3.24 20.47 13.28
CA ASP D 248 4.01 19.96 14.41
C ASP D 248 3.08 19.16 15.35
N PHE D 249 3.66 18.60 16.41
CA PHE D 249 2.88 17.96 17.46
C PHE D 249 2.26 18.98 18.41
N VAL D 250 2.74 20.23 18.38
CA VAL D 250 2.12 21.27 19.20
C VAL D 250 0.68 21.48 18.78
N THR D 251 0.39 21.41 17.47
CA THR D 251 -0.97 21.62 17.01
C THR D 251 -1.90 20.49 17.43
N THR D 252 -1.45 19.24 17.37
CA THR D 252 -2.32 18.14 17.81
C THR D 252 -2.50 18.17 19.32
N GLN D 253 -1.46 18.54 20.07
CA GLN D 253 -1.64 18.76 21.51
C GLN D 253 -2.64 19.86 21.76
N ALA D 254 -2.59 20.93 20.97
CA ALA D 254 -3.53 22.03 21.14
C ALA D 254 -4.96 21.58 20.90
N PHE D 255 -5.19 20.82 19.83
CA PHE D 255 -6.53 20.33 19.54
C PHE D 255 -7.02 19.39 20.65
N CYS D 256 -6.16 18.48 21.09
CA CYS D 256 -6.54 17.54 22.14
C CYS D 256 -6.90 18.28 23.43
N LYS D 257 -6.08 19.24 23.83
CA LYS D 257 -6.35 19.95 25.08
C LYS D 257 -7.58 20.85 24.95
N LYS D 258 -7.81 21.43 23.77
CA LYS D 258 -8.95 22.32 23.62
C LYS D 258 -10.26 21.55 23.61
N TYR D 259 -10.32 20.42 22.91
CA TYR D 259 -11.58 19.69 22.81
C TYR D 259 -11.79 18.73 23.98
N GLU D 260 -10.82 17.87 24.26
CA GLU D 260 -10.98 16.88 25.31
C GLU D 260 -10.70 17.42 26.71
N GLY D 261 -10.05 18.58 26.81
CA GLY D 261 -9.79 19.20 28.09
C GLY D 261 -8.56 18.69 28.82
N ARG D 262 -7.85 17.71 28.28
CA ARG D 262 -6.67 17.18 28.94
C ARG D 262 -5.63 16.80 27.90
N GLU D 263 -4.38 16.76 28.33
CA GLU D 263 -3.26 16.43 27.45
C GLU D 263 -3.12 14.92 27.33
N HIS D 264 -2.15 14.49 26.52
CA HIS D 264 -1.90 13.06 26.29
C HIS D 264 -0.41 12.79 26.48
N PRO D 265 -0.02 11.85 27.34
CA PRO D 265 1.41 11.64 27.62
C PRO D 265 2.24 11.26 26.40
N PHE D 266 1.68 10.48 25.47
CA PHE D 266 2.49 10.01 24.34
C PHE D 266 2.79 11.14 23.36
N VAL D 267 1.84 12.05 23.16
CA VAL D 267 2.12 13.17 22.27
C VAL D 267 3.18 14.08 22.88
N GLN D 268 3.17 14.24 24.20
CA GLN D 268 4.23 14.99 24.87
C GLN D 268 5.58 14.28 24.74
N ALA D 269 5.58 12.95 24.83
CA ALA D 269 6.82 12.20 24.61
C ALA D 269 7.32 12.40 23.19
N LEU D 270 6.41 12.44 22.22
CA LEU D 270 6.81 12.72 20.84
C LEU D 270 7.35 14.13 20.69
N ILE D 271 6.74 15.10 21.36
CA ILE D 271 7.25 16.48 21.36
C ILE D 271 8.68 16.50 21.86
N ASP D 272 8.94 15.82 22.98
CA ASP D 272 10.30 15.76 23.52
C ASP D 272 11.25 15.07 22.55
N GLU D 273 10.80 13.98 21.92
CA GLU D 273 11.68 13.21 21.03
C GLU D 273 11.95 13.96 19.73
N TYR D 274 10.95 14.63 19.17
CA TYR D 274 11.06 15.24 17.85
C TYR D 274 11.38 16.72 18.00
N ARG D 275 12.61 17.10 17.65
CA ARG D 275 13.06 18.48 17.69
C ARG D 275 13.39 18.93 16.27
N PHE D 276 12.88 20.10 15.90
CA PHE D 276 13.00 20.60 14.53
C PHE D 276 14.02 21.72 14.46
N ASP D 277 14.78 21.75 13.37
CA ASP D 277 15.83 22.75 13.21
C ASP D 277 15.26 24.14 13.04
N LEU D 278 14.21 24.29 12.23
CA LEU D 278 13.55 25.56 12.04
C LEU D 278 12.05 25.38 12.13
N VAL D 279 11.39 26.26 12.87
CA VAL D 279 9.94 26.28 13.00
C VAL D 279 9.44 27.63 12.54
N ILE D 280 8.48 27.63 11.63
CA ILE D 280 7.92 28.85 11.06
C ILE D 280 6.45 28.91 11.44
N LEU D 281 6.03 30.06 11.97
CA LEU D 281 4.66 30.26 12.42
C LEU D 281 3.95 31.23 11.48
N LEU D 282 2.90 30.76 10.82
CA LEU D 282 2.07 31.58 9.97
C LEU D 282 0.84 32.02 10.76
N GLU D 283 0.56 33.32 10.74
CA GLU D 283 -0.57 33.86 11.46
C GLU D 283 -1.77 34.02 10.51
N ASN D 284 -2.80 34.72 10.96
CA ASN D 284 -4.10 34.74 10.28
C ASN D 284 -4.26 35.96 9.36
N ASN D 285 -3.18 36.35 8.67
CA ASN D 285 -3.27 37.47 7.74
C ASN D 285 -4.38 37.25 6.70
N THR D 286 -4.43 36.07 6.11
CA THR D 286 -5.42 35.80 5.08
C THR D 286 -6.81 35.71 5.70
N PRO D 287 -7.80 36.40 5.14
CA PRO D 287 -9.16 36.34 5.69
C PRO D 287 -9.76 34.95 5.50
N TRP D 288 -10.65 34.58 6.43
CA TRP D 288 -11.34 33.31 6.34
C TRP D 288 -12.28 33.31 5.14
N VAL D 289 -12.30 32.19 4.43
CA VAL D 289 -13.15 32.00 3.25
C VAL D 289 -14.13 30.87 3.55
N ALA D 290 -15.42 31.17 3.43
CA ALA D 290 -16.45 30.19 3.74
C ALA D 290 -16.41 29.04 2.73
N ASP D 291 -16.50 27.82 3.23
CA ASP D 291 -16.48 26.62 2.39
C ASP D 291 -17.66 25.69 2.66
N GLY D 292 -18.11 25.60 3.91
CA GLY D 292 -19.20 24.71 4.28
C GLY D 292 -18.78 23.49 5.05
N LEU D 293 -17.49 23.28 5.26
CA LEU D 293 -17.00 22.14 6.04
C LEU D 293 -16.68 22.49 7.48
N ARG D 294 -16.51 23.77 7.81
CA ARG D 294 -16.28 24.21 9.18
C ARG D 294 -17.33 25.23 9.55
N SER D 295 -17.97 25.03 10.69
CA SER D 295 -18.98 25.96 11.20
C SER D 295 -18.39 27.03 12.10
N LEU D 296 -17.09 26.96 12.39
CA LEU D 296 -16.41 27.96 13.21
C LEU D 296 -15.77 29.03 12.32
N GLY D 297 -16.62 29.68 11.52
CA GLY D 297 -16.14 30.70 10.60
C GLY D 297 -15.68 31.97 11.28
N SER D 298 -16.06 32.17 12.54
CA SER D 298 -15.65 33.38 13.25
C SER D 298 -14.15 33.41 13.47
N SER D 299 -13.56 34.59 13.28
CA SER D 299 -12.12 34.74 13.47
C SER D 299 -11.71 34.68 14.94
N VAL D 300 -12.68 34.76 15.87
CA VAL D 300 -12.37 34.70 17.29
C VAL D 300 -11.79 33.33 17.65
N ASP D 301 -12.38 32.25 17.11
CA ASP D 301 -11.85 30.91 17.37
C ASP D 301 -10.46 30.74 16.77
N ARG D 302 -10.23 31.29 15.57
CA ARG D 302 -8.91 31.24 14.97
C ARG D 302 -7.88 31.96 15.84
N LYS D 303 -8.24 33.14 16.33
CA LYS D 303 -7.34 33.89 17.21
C LYS D 303 -7.07 33.12 18.50
N GLU D 304 -8.10 32.50 19.08
CA GLU D 304 -7.91 31.72 20.29
C GLU D 304 -6.96 30.55 20.06
N PHE D 305 -7.13 29.84 18.94
CA PHE D 305 -6.25 28.71 18.65
C PHE D 305 -4.82 29.19 18.38
N GLN D 306 -4.66 30.33 17.71
CA GLN D 306 -3.32 30.86 17.49
C GLN D 306 -2.65 31.24 18.81
N ASN D 307 -3.39 31.89 19.71
CA ASN D 307 -2.82 32.27 21.00
C ASN D 307 -2.46 31.04 21.83
N LEU D 308 -3.30 30.00 21.78
CA LEU D 308 -2.98 28.78 22.52
C LEU D 308 -1.76 28.10 21.92
N LEU D 309 -1.63 28.15 20.58
CA LEU D 309 -0.43 27.65 19.94
C LEU D 309 0.81 28.40 20.42
N VAL D 310 0.71 29.73 20.52
CA VAL D 310 1.86 30.53 20.95
C VAL D 310 2.25 30.17 22.38
N GLU D 311 1.25 30.07 23.27
CA GLU D 311 1.59 29.79 24.67
C GLU D 311 2.13 28.37 24.84
N MET D 312 1.62 27.40 24.09
CA MET D 312 2.15 26.05 24.19
C MET D 312 3.53 25.93 23.55
N LEU D 313 3.81 26.73 22.51
CA LEU D 313 5.16 26.79 21.96
C LEU D 313 6.13 27.38 22.96
N GLU D 314 5.70 28.41 23.69
CA GLU D 314 6.56 29.01 24.71
C GLU D 314 6.75 28.09 25.90
N GLU D 315 5.74 27.28 26.24
CA GLU D 315 5.84 26.39 27.39
C GLU D 315 6.92 25.35 27.19
N ASN D 316 7.04 24.81 25.98
CA ASN D 316 8.04 23.79 25.67
C ASN D 316 9.41 24.38 25.39
N ASN D 317 9.53 25.70 25.40
CA ASN D 317 10.77 26.41 25.07
C ASN D 317 11.23 26.05 23.66
N ILE D 318 10.36 26.33 22.69
CA ILE D 318 10.60 26.06 21.28
C ILE D 318 10.63 27.40 20.55
N GLU D 319 11.74 27.68 19.88
CA GLU D 319 11.90 28.94 19.17
C GLU D 319 11.27 28.86 17.78
N PHE D 320 10.68 29.98 17.35
CA PHE D 320 9.95 30.02 16.10
C PHE D 320 10.01 31.43 15.53
N VAL D 321 9.53 31.57 14.29
CA VAL D 321 9.52 32.84 13.57
C VAL D 321 8.10 33.10 13.09
N ARG D 322 7.71 34.38 13.12
CA ARG D 322 6.38 34.80 12.72
C ARG D 322 6.44 35.52 11.38
N VAL D 323 5.61 35.09 10.43
CA VAL D 323 5.51 35.69 9.12
C VAL D 323 4.15 36.36 9.03
N GLU D 324 4.13 37.70 9.07
CA GLU D 324 2.90 38.47 9.11
C GLU D 324 2.55 39.13 7.79
N GLU D 325 3.35 38.93 6.75
CA GLU D 325 3.08 39.57 5.47
C GLU D 325 1.84 38.97 4.81
N GLU D 326 1.02 39.85 4.22
CA GLU D 326 -0.27 39.41 3.70
C GLU D 326 -0.10 38.64 2.39
N ASP D 327 0.78 39.10 1.51
CA ASP D 327 0.89 38.51 0.18
C ASP D 327 1.43 37.08 0.24
N TYR D 328 0.84 36.21 -0.58
CA TYR D 328 1.34 34.85 -0.67
C TYR D 328 2.72 34.83 -1.30
N ASP D 329 2.95 35.64 -2.34
CA ASP D 329 4.26 35.72 -2.96
C ASP D 329 5.30 36.21 -1.97
N SER D 330 4.97 37.22 -1.18
CA SER D 330 5.90 37.76 -0.20
C SER D 330 6.19 36.74 0.90
N ARG D 331 5.18 35.99 1.35
CA ARG D 331 5.40 34.96 2.35
C ARG D 331 6.27 33.83 1.82
N PHE D 332 6.04 33.42 0.56
CA PHE D 332 6.90 32.43 -0.07
C PHE D 332 8.34 32.93 -0.14
N LEU D 333 8.52 34.20 -0.52
CA LEU D 333 9.87 34.76 -0.56
C LEU D 333 10.52 34.73 0.81
N ARG D 334 9.78 35.17 1.84
CA ARG D 334 10.34 35.23 3.19
C ARG D 334 10.75 33.84 3.68
N CYS D 335 9.92 32.84 3.40
CA CYS D 335 10.31 31.47 3.73
C CYS D 335 11.56 31.06 2.96
N VAL D 336 11.70 31.52 1.72
CA VAL D 336 12.89 31.20 0.95
C VAL D 336 14.14 31.77 1.61
N GLU D 337 14.12 33.05 2.00
CA GLU D 337 15.30 33.56 2.71
C GLU D 337 15.52 32.90 4.06
N LEU D 338 14.46 32.55 4.79
CA LEU D 338 14.66 31.87 6.06
C LEU D 338 15.37 30.53 5.86
N VAL D 339 14.92 29.75 4.87
CA VAL D 339 15.56 28.47 4.61
C VAL D 339 17.00 28.67 4.14
N ARG D 340 17.24 29.68 3.30
CA ARG D 340 18.59 29.92 2.80
C ARG D 340 19.53 30.34 3.92
N GLU D 341 19.06 31.18 4.84
CA GLU D 341 19.88 31.55 5.99
C GLU D 341 20.16 30.33 6.87
N MET D 342 19.17 29.46 7.04
CA MET D 342 19.41 28.21 7.77
C MET D 342 20.47 27.36 7.08
N MET D 343 20.51 27.39 5.74
CA MET D 343 21.51 26.62 5.01
C MET D 343 22.92 27.06 5.39
N GLY D 344 23.12 28.35 5.59
CA GLY D 344 24.42 28.87 5.99
C GLY D 344 25.39 29.13 4.86
N GLU D 345 24.97 28.91 3.62
CA GLU D 345 25.82 29.15 2.45
C GLU D 345 25.43 30.51 1.86
N GLN D 346 26.28 31.50 2.08
CA GLN D 346 26.02 32.85 1.62
C GLN D 346 26.55 33.03 0.20
N ARG D 347 26.60 34.28 -0.27
CA ARG D 347 27.08 34.60 -1.61
C ARG D 347 28.54 34.20 -1.79
PA NAD E . -14.81 -35.16 -2.74
O1A NAD E . -14.46 -33.71 -2.96
O2A NAD E . -16.30 -35.27 -2.50
O5B NAD E . -13.99 -35.75 -1.44
C5B NAD E . -12.81 -35.12 -1.01
C4B NAD E . -12.43 -35.68 0.41
O4B NAD E . -12.86 -34.88 1.31
C3B NAD E . -13.15 -37.04 0.67
O3B NAD E . -12.30 -37.88 1.31
C2B NAD E . -14.31 -36.69 1.57
O2B NAD E . -14.65 -37.87 2.44
C1B NAD E . -13.86 -35.71 2.28
N9A NAD E . -14.95 -34.86 2.72
C8A NAD E . -15.92 -34.40 1.98
N7A NAD E . -16.73 -33.66 2.71
C5A NAD E . -16.27 -33.64 3.97
C6A NAD E . -16.70 -33.03 5.16
N6A NAD E . -17.90 -32.22 5.19
N1A NAD E . -16.00 -33.22 6.28
C2A NAD E . -14.91 -33.97 6.25
N3A NAD E . -14.47 -34.55 5.14
C4A NAD E . -15.12 -34.41 3.99
O3 NAD E . -14.40 -36.04 -4.08
PN NAD E . -14.34 -37.68 -4.13
O1N NAD E . -15.65 -38.22 -4.63
O2N NAD E . -14.05 -38.24 -2.76
O5D NAD E . -13.13 -38.12 -5.16
C5D NAD E . -12.23 -39.13 -4.76
C4D NAD E . -11.51 -39.52 -5.88
O4D NAD E . -11.40 -41.06 -5.91
C3D NAD E . -12.31 -39.16 -7.20
O3D NAD E . -11.78 -37.87 -7.76
C2D NAD E . -12.09 -40.11 -8.01
O2D NAD E . -11.15 -39.66 -9.04
C1D NAD E . -11.43 -41.39 -7.16
N1N NAD E . -12.21 -42.57 -7.32
C2N NAD E . -12.60 -42.69 -8.76
C3N NAD E . -12.35 -44.07 -9.36
C7N NAD E . -13.16 -44.20 -10.68
O7N NAD E . -13.78 -45.19 -10.90
N7N NAD E . -13.18 -43.10 -11.63
C4N NAD E . -12.76 -45.16 -8.42
C5N NAD E . -12.00 -45.11 -7.15
C6N NAD E . -11.43 -43.72 -6.79
P PO4 F . -19.18 -34.20 -0.46
O1 PO4 F . -18.46 -33.04 -1.08
O2 PO4 F . -18.26 -35.40 -0.39
O3 PO4 F . -19.61 -33.83 0.94
O4 PO4 F . -20.39 -34.55 -1.28
PA NAD G . -35.15 2.27 14.51
O1A NAD G . -33.67 2.13 14.30
O2A NAD G . -35.72 0.95 14.95
O5B NAD G . -35.88 2.75 13.10
C5B NAD G . -35.25 3.71 12.29
C4B NAD G . -36.07 3.85 10.97
O4B NAD G . -35.75 2.92 10.15
C3B NAD G . -37.59 3.67 11.25
O3B NAD G . -38.29 4.62 10.56
C2B NAD G . -37.92 2.30 10.71
O2B NAD G . -39.35 2.25 10.24
C1B NAD G . -37.12 2.17 9.70
N9A NAD G . -36.84 0.78 9.44
C8A NAD G . -36.49 -0.13 10.33
N7A NAD G . -36.34 -1.30 9.75
C5A NAD G . -36.58 -1.15 8.44
C6A NAD G . -36.57 -2.04 7.34
N6A NAD G . -36.24 -3.43 7.52
N1A NAD G . -36.88 -1.57 6.13
C2A NAD G . -37.19 -0.29 5.98
N3A NAD G . -37.21 0.56 6.99
C4A NAD G . -36.91 0.17 8.24
O3 NAD G . -35.45 3.40 15.67
PN NAD G . -36.96 3.83 16.17
O1N NAD G . -37.52 2.74 17.05
O2N NAD G . -37.85 4.02 14.97
O5D NAD G . -36.87 5.24 17.01
C5D NAD G . -37.35 6.41 16.41
C4D NAD G . -37.18 7.47 17.27
O4D NAD G . -38.55 8.04 17.71
C3D NAD G . -36.49 7.01 18.63
O3D NAD G . -35.04 7.37 18.60
C2D NAD G . -37.08 7.62 19.56
O2D NAD G . -36.14 8.52 20.22
C1D NAD G . -38.34 8.51 18.90
N1N NAD G . -39.54 8.39 19.67
C2N NAD G . -39.20 8.41 21.13
C3N NAD G . -40.09 9.37 21.94
C7N NAD G . -39.94 9.00 23.45
O7N NAD G . -38.86 8.99 23.95
N7N NAD G . -41.12 8.70 24.23
C4N NAD G . -41.51 9.25 21.55
C5N NAD G . -41.73 9.62 20.13
C6N NAD G . -40.49 9.45 19.23
P PO4 H . -36.25 -2.22 13.87
O1 PO4 H . -36.42 -3.28 12.81
O2 PO4 H . -34.81 -1.76 13.87
O3 PO4 H . -37.17 -1.06 13.56
O4 PO4 H . -36.60 -2.78 15.22
PA NAD I . 13.60 28.02 -22.37
O1A NAD I . 13.29 26.63 -21.89
O2A NAD I . 15.08 28.14 -22.59
O5B NAD I . 13.12 29.11 -21.24
C5B NAD I . 11.81 29.09 -20.75
C4B NAD I . 11.62 30.26 -19.74
O4B NAD I . 12.16 29.97 -18.62
C3B NAD I . 12.36 31.54 -20.25
O3B NAD I . 11.56 32.62 -20.06
C2B NAD I . 13.58 31.64 -19.36
O2B NAD I . 13.98 33.08 -19.21
C1B NAD I . 13.18 31.17 -18.23
N9A NAD I . 14.30 30.64 -17.48
C8A NAD I . 15.21 29.80 -17.93
N7A NAD I . 16.09 29.53 -16.98
C5A NAD I . 15.74 30.22 -15.88
C6A NAD I . 16.27 30.33 -14.58
N6A NAD I . 17.47 29.60 -14.22
N1A NAD I . 15.67 31.11 -13.70
C2A NAD I . 14.58 31.78 -14.04
N3A NAD I . 14.05 31.70 -15.24
C4A NAD I . 14.59 30.92 -16.19
O3 NAD I . 12.81 28.31 -23.78
PN NAD I . 12.98 29.71 -24.65
O1N NAD I . 14.20 29.61 -25.52
O2N NAD I . 13.13 30.88 -23.71
O5D NAD I . 11.65 29.94 -25.60
C5D NAD I . 11.42 29.04 -26.64
C4D NAD I . 10.55 29.61 -27.55
O4D NAD I . 11.21 30.84 -28.21
C3D NAD I . 10.29 28.60 -28.73
O3D NAD I . 9.07 27.79 -28.44
C2D NAD I . 10.08 29.35 -29.73
O2D NAD I . 8.66 29.67 -29.80
C1D NAD I . 10.97 30.75 -29.48
N1N NAD I . 12.19 30.69 -30.22
C2N NAD I . 12.04 31.51 -31.47
C3N NAD I . 13.31 32.32 -31.80
C7N NAD I . 13.27 32.78 -33.28
O7N NAD I . 12.74 33.80 -33.57
N7N NAD I . 13.88 31.97 -34.33
C4N NAD I . 14.53 31.52 -31.56
C5N NAD I . 14.69 31.16 -30.12
C6N NAD I . 13.35 31.08 -29.37
P PO4 J . 21.91 31.38 -25.43
O1 PO4 J . 20.87 31.91 -26.38
O2 PO4 J . 21.35 31.34 -24.03
O3 PO4 J . 22.31 29.99 -25.86
O4 PO4 J . 23.13 32.28 -25.48
PA NAD K . 36.38 5.12 10.50
O1A NAD K . 34.89 5.38 10.48
O2A NAD K . 37.11 6.39 10.19
O5B NAD K . 36.76 3.97 9.38
C5B NAD K . 36.35 2.64 9.60
C4B NAD K . 36.97 1.75 8.46
O4B NAD K . 36.54 2.13 7.33
C3B NAD K . 38.52 1.92 8.42
O3B NAD K . 39.11 0.70 8.26
C2B NAD K . 38.77 2.79 7.22
O2B NAD K . 40.14 2.49 6.66
C1B NAD K . 37.85 2.43 6.39
N9A NAD K . 37.55 3.47 5.45
C8A NAD K . 37.28 4.73 5.74
N7A NAD K . 37.06 5.41 4.63
C5A NAD K . 37.19 4.58 3.59
C6A NAD K . 37.07 4.73 2.19
N6A NAD K . 36.74 6.02 1.61
N1A NAD K . 37.27 3.68 1.41
C2A NAD K . 37.57 2.51 1.94
N3A NAD K . 37.68 2.32 3.25
C4A NAD K . 37.50 3.34 4.10
O3 NAD K . 36.84 4.59 12.00
PN NAD K . 38.41 4.37 12.45
O1N NAD K . 38.92 5.62 13.12
O2N NAD K . 39.25 4.07 11.23
O5D NAD K . 38.50 3.10 13.50
C5D NAD K . 38.47 3.39 14.88
C4D NAD K . 38.36 2.20 15.56
O4D NAD K . 39.63 1.96 16.41
C3D NAD K . 37.21 2.30 16.64
O3D NAD K . 36.73 0.93 17.00
C2D NAD K . 37.75 2.84 17.63
O2D NAD K . 37.15 2.35 18.86
C1D NAD K . 39.38 2.43 17.58
N1N NAD K . 40.21 3.56 17.83
C2N NAD K . 39.66 4.38 18.94
C3N NAD K . 40.75 5.19 19.65
C7N NAD K . 40.07 6.07 20.75
O7N NAD K . 39.90 7.23 20.56
N7N NAD K . 39.65 5.48 22.01
C4N NAD K . 41.76 4.31 20.30
C5N NAD K . 42.03 3.04 19.53
C6N NAD K . 41.61 3.10 18.05
P PO4 L . 38.71 10.14 8.98
O1 PO4 L . 39.87 9.17 9.00
O2 PO4 L . 37.63 9.66 9.93
O3 PO4 L . 39.17 11.51 9.41
O4 PO4 L . 38.14 10.21 7.58
#